data_1Z69
#
_entry.id   1Z69
#
_cell.length_a   81.81
_cell.length_b   83.41
_cell.length_c   99.17
_cell.angle_alpha   90.00
_cell.angle_beta   91.15
_cell.angle_gamma   90.00
#
_symmetry.space_group_name_H-M   'P 1 21 1'
#
loop_
_entity.id
_entity.type
_entity.pdbx_description
1 polymer 'Coenzyme F420-dependent N(5),N(10)-methylenetetrahydromethanopterin reductase'
2 non-polymer 'COENZYME F420'
3 non-polymer 'CHLORIDE ION'
4 non-polymer 2-(2-{2-[2-(2-METHOXY-ETHOXY)-ETHOXY]-ETHOXY}-ETHOXY)-ETHANOL
5 water water
#
_entity_poly.entity_id   1
_entity_poly.type   'polypeptide(L)'
_entity_poly.pdbx_seq_one_letter_code
;MKFGIEFVPSDPALKIAYYAKLSEQQGFDHVWITDHYNNRDVYSTLTVLALNTNSIKIGPGVTNSYTRNPAITASSIASI
AEISGGRAVLGLGPGDKATFDAMGIAWKKPLATTKEAIQAIRDFISGKKVSMDGEMIKFAGAKLAFKAGNIPIYMGAQGP
KMLELAGEIADGVLINASHPKDFEVAVEQIKKGAEKAGRDPSEVDVTAYACFSIDKDPVKAVNAAKVVVAFIVAGSPDLV
LERHGIPVEAKSQIGAAIAKGDFGALMGGLVTPQMIEAFSICGTPDDCMKRIKDLEAIGVTQIVAGSPIGPAKEKAIKLI
GKEIIAK
;
_entity_poly.pdbx_strand_id   A,B,C,D
#
loop_
_chem_comp.id
_chem_comp.type
_chem_comp.name
_chem_comp.formula
1PG non-polymer 2-(2-{2-[2-(2-METHOXY-ETHOXY)-ETHOXY]-ETHOXY}-ETHOXY)-ETHANOL 'C11 H24 O6'
CL non-polymer 'CHLORIDE ION' 'Cl -1'
F42 non-polymer 'COENZYME F420' 'C29 H36 N5 O18 P'
#
# COMPACT_ATOMS: atom_id res chain seq x y z
N MET A 1 -18.51 -26.52 0.10
CA MET A 1 -17.04 -26.69 -0.11
C MET A 1 -16.32 -25.33 -0.12
N LYS A 2 -15.27 -25.21 0.69
CA LYS A 2 -14.51 -23.96 0.74
C LYS A 2 -13.40 -24.14 -0.28
N PHE A 3 -12.89 -23.03 -0.83
CA PHE A 3 -11.80 -23.11 -1.79
C PHE A 3 -10.62 -22.22 -1.42
N GLY A 4 -9.42 -22.77 -1.52
CA GLY A 4 -8.24 -22.01 -1.20
C GLY A 4 -7.25 -22.12 -2.33
N ILE A 5 -6.17 -21.35 -2.27
CA ILE A 5 -5.15 -21.39 -3.30
C ILE A 5 -3.80 -21.12 -2.64
N GLU A 6 -2.75 -21.70 -3.17
CA GLU A 6 -1.41 -21.52 -2.62
C GLU A 6 -0.43 -20.78 -3.52
N PHE A 7 0.36 -19.88 -2.93
CA PHE A 7 1.40 -19.18 -3.67
C PHE A 7 2.71 -19.32 -2.93
N VAL A 8 3.79 -19.50 -3.69
CA VAL A 8 5.13 -19.65 -3.14
C VAL A 8 5.87 -18.33 -3.31
N PRO A 9 6.42 -17.78 -2.21
CA PRO A 9 7.14 -16.50 -2.38
C PRO A 9 8.44 -16.58 -3.22
N SER A 10 8.39 -17.35 -4.30
CA SER A 10 9.55 -17.42 -5.17
C SER A 10 9.35 -16.35 -6.25
N ASP A 11 8.21 -15.67 -6.16
CA ASP A 11 7.87 -14.51 -7.02
C ASP A 11 7.83 -13.33 -6.04
N PRO A 12 7.98 -12.10 -6.55
CA PRO A 12 7.94 -10.93 -5.64
C PRO A 12 6.53 -10.86 -5.03
N ALA A 13 6.42 -10.31 -3.82
CA ALA A 13 5.09 -10.21 -3.18
C ALA A 13 4.11 -9.39 -4.01
N LEU A 14 4.56 -8.32 -4.66
CA LEU A 14 3.65 -7.49 -5.47
C LEU A 14 2.96 -8.31 -6.57
N LYS A 15 3.69 -9.23 -7.20
CA LYS A 15 3.09 -10.05 -8.24
C LYS A 15 2.11 -11.06 -7.61
N ILE A 16 2.43 -11.61 -6.45
CA ILE A 16 1.52 -12.52 -5.79
C ILE A 16 0.24 -11.77 -5.34
N ALA A 17 0.39 -10.52 -4.90
CA ALA A 17 -0.77 -9.73 -4.46
C ALA A 17 -1.82 -9.68 -5.58
N TYR A 18 -1.40 -9.55 -6.81
CA TYR A 18 -2.38 -9.54 -7.88
C TYR A 18 -3.11 -10.90 -7.99
N TYR A 19 -2.40 -12.02 -7.91
CA TYR A 19 -3.03 -13.35 -7.99
C TYR A 19 -4.03 -13.52 -6.84
N ALA A 20 -3.65 -13.03 -5.66
CA ALA A 20 -4.49 -13.14 -4.46
C ALA A 20 -5.74 -12.29 -4.61
N LYS A 21 -5.59 -11.12 -5.21
CA LYS A 21 -6.72 -10.23 -5.44
C LYS A 21 -7.67 -10.88 -6.43
N LEU A 22 -7.11 -11.40 -7.51
CA LEU A 22 -7.89 -12.10 -8.52
C LEU A 22 -8.67 -13.25 -7.85
N SER A 23 -7.99 -14.01 -6.98
CA SER A 23 -8.63 -15.11 -6.24
C SER A 23 -9.84 -14.62 -5.43
N GLU A 24 -9.65 -13.49 -4.75
CA GLU A 24 -10.72 -12.89 -3.96
C GLU A 24 -11.92 -12.59 -4.88
N GLN A 25 -11.66 -12.02 -6.05
CA GLN A 25 -12.72 -11.70 -6.99
C GLN A 25 -13.39 -12.96 -7.53
N GLN A 26 -12.62 -14.03 -7.67
CA GLN A 26 -13.17 -15.27 -8.21
C GLN A 26 -13.89 -16.14 -7.18
N GLY A 27 -14.02 -15.66 -5.95
CA GLY A 27 -14.72 -16.45 -4.96
C GLY A 27 -13.95 -17.40 -4.05
N PHE A 28 -12.61 -17.33 -4.03
CA PHE A 28 -11.88 -18.22 -3.15
C PHE A 28 -12.05 -17.76 -1.71
N ASP A 29 -11.91 -18.68 -0.78
CA ASP A 29 -12.05 -18.39 0.64
C ASP A 29 -10.71 -18.14 1.35
N HIS A 30 -9.64 -18.77 0.85
CA HIS A 30 -8.34 -18.70 1.48
C HIS A 30 -7.18 -18.59 0.51
N VAL A 31 -6.18 -17.79 0.85
CA VAL A 31 -4.96 -17.93 0.08
C VAL A 31 -3.93 -18.35 1.15
N TRP A 32 -3.09 -19.30 0.78
CA TRP A 32 -2.07 -19.80 1.68
C TRP A 32 -0.69 -19.48 1.10
N ILE A 33 0.26 -19.13 1.96
CA ILE A 33 1.60 -18.79 1.50
C ILE A 33 2.63 -19.70 2.17
N THR A 34 3.51 -20.30 1.36
CA THR A 34 4.53 -21.21 1.89
C THR A 34 5.60 -20.45 2.62
N ASP A 35 6.27 -21.13 3.55
CA ASP A 35 7.33 -20.54 4.37
C ASP A 35 8.64 -21.34 4.29
N HIS A 36 9.63 -20.76 3.61
CA HIS A 36 10.93 -21.40 3.49
C HIS A 36 11.95 -20.28 3.49
N TYR A 37 13.00 -20.43 4.30
CA TYR A 37 14.02 -19.40 4.40
C TYR A 37 14.59 -18.97 3.05
N ASN A 38 14.60 -19.86 2.06
CA ASN A 38 15.19 -19.50 0.78
C ASN A 38 14.35 -18.62 -0.13
N ASN A 39 13.05 -18.49 0.12
CA ASN A 39 12.22 -17.58 -0.70
C ASN A 39 11.93 -16.34 0.14
N ARG A 40 11.11 -15.43 -0.36
CA ARG A 40 10.78 -14.24 0.44
C ARG A 40 10.05 -14.62 1.72
N ASP A 41 10.26 -13.79 2.72
CA ASP A 41 9.66 -13.90 4.05
C ASP A 41 8.13 -14.14 3.91
N VAL A 42 7.61 -15.09 4.69
CA VAL A 42 6.16 -15.35 4.65
C VAL A 42 5.32 -14.15 5.22
N TYR A 43 5.90 -13.37 6.13
CA TYR A 43 5.17 -12.25 6.72
C TYR A 43 5.21 -10.90 5.98
N SER A 44 6.33 -10.56 5.34
CA SER A 44 6.36 -9.32 4.58
C SER A 44 5.42 -9.60 3.42
N THR A 45 5.44 -10.84 2.92
CA THR A 45 4.57 -11.23 1.81
C THR A 45 3.09 -11.14 2.22
N LEU A 46 2.75 -11.75 3.36
CA LEU A 46 1.36 -11.67 3.84
C LEU A 46 0.95 -10.20 4.04
N THR A 47 1.89 -9.33 4.47
CA THR A 47 1.57 -7.92 4.67
C THR A 47 1.14 -7.24 3.34
N VAL A 48 1.90 -7.42 2.25
CA VAL A 48 1.45 -6.77 1.03
C VAL A 48 0.18 -7.42 0.49
N LEU A 49 -0.03 -8.72 0.74
CA LEU A 49 -1.30 -9.32 0.31
C LEU A 49 -2.49 -8.71 1.08
N ALA A 50 -2.32 -8.55 2.40
CA ALA A 50 -3.36 -7.98 3.27
C ALA A 50 -3.73 -6.57 2.84
N LEU A 51 -2.73 -5.77 2.47
CA LEU A 51 -3.00 -4.42 2.01
C LEU A 51 -3.72 -4.40 0.65
N ASN A 52 -3.51 -5.41 -0.18
CA ASN A 52 -4.13 -5.44 -1.51
C ASN A 52 -5.37 -6.34 -1.65
N THR A 53 -5.96 -6.74 -0.53
CA THR A 53 -7.16 -7.58 -0.57
C THR A 53 -8.14 -7.02 0.46
N ASN A 54 -9.34 -7.54 0.54
CA ASN A 54 -10.29 -6.94 1.47
C ASN A 54 -11.11 -7.92 2.29
N SER A 55 -11.44 -9.06 1.69
CA SER A 55 -12.30 -10.03 2.39
C SER A 55 -11.77 -11.47 2.49
N ILE A 56 -10.94 -11.87 1.53
CA ILE A 56 -10.37 -13.22 1.54
C ILE A 56 -9.50 -13.46 2.79
N LYS A 57 -9.53 -14.67 3.32
CA LYS A 57 -8.70 -15.01 4.47
C LYS A 57 -7.30 -15.32 3.97
N ILE A 58 -6.31 -14.99 4.78
CA ILE A 58 -4.91 -15.20 4.42
C ILE A 58 -4.07 -15.77 5.55
N GLY A 59 -2.99 -16.45 5.19
CA GLY A 59 -2.13 -17.00 6.23
C GLY A 59 -1.03 -17.93 5.77
N PRO A 60 -0.06 -18.20 6.64
CA PRO A 60 1.01 -19.10 6.22
C PRO A 60 0.52 -20.57 6.08
N GLY A 61 1.01 -21.26 5.06
CA GLY A 61 0.66 -22.64 4.80
C GLY A 61 1.92 -23.39 4.35
N VAL A 62 2.78 -23.79 5.29
CA VAL A 62 2.57 -23.57 6.71
C VAL A 62 3.89 -23.09 7.29
N THR A 63 3.86 -22.38 8.41
CA THR A 63 5.10 -21.97 9.04
C THR A 63 5.39 -23.10 10.04
N ASN A 64 6.37 -22.92 10.94
CA ASN A 64 6.72 -24.01 11.85
C ASN A 64 7.19 -23.49 13.21
N SER A 65 7.54 -24.41 14.12
CA SER A 65 7.95 -24.02 15.47
C SER A 65 9.44 -23.94 15.67
N TYR A 66 10.22 -24.16 14.62
CA TYR A 66 11.64 -24.16 14.82
C TYR A 66 12.44 -22.99 14.28
N THR A 67 12.07 -22.45 13.12
CA THR A 67 12.85 -21.36 12.55
C THR A 67 12.58 -20.01 13.22
N ARG A 68 11.55 -19.96 14.05
CA ARG A 68 11.18 -18.73 14.77
C ARG A 68 10.61 -19.15 16.13
N ASN A 69 10.96 -18.45 17.18
CA ASN A 69 10.40 -18.75 18.50
C ASN A 69 8.87 -18.56 18.40
N PRO A 70 8.07 -19.47 19.00
CA PRO A 70 6.62 -19.36 18.94
C PRO A 70 6.03 -17.99 19.36
N ALA A 71 6.70 -17.29 20.27
CA ALA A 71 6.20 -15.99 20.67
C ALA A 71 6.27 -15.03 19.45
N ILE A 72 7.35 -15.14 18.66
CA ILE A 72 7.51 -14.31 17.45
C ILE A 72 6.42 -14.68 16.44
N THR A 73 6.14 -15.97 16.30
CA THR A 73 5.06 -16.40 15.39
C THR A 73 3.71 -15.80 15.84
N ALA A 74 3.44 -15.80 17.14
CA ALA A 74 2.17 -15.26 17.68
C ALA A 74 2.06 -13.77 17.37
N SER A 75 3.13 -13.05 17.66
CA SER A 75 3.17 -11.64 17.41
C SER A 75 3.01 -11.33 15.91
N SER A 76 3.63 -12.14 15.06
CA SER A 76 3.57 -11.92 13.62
C SER A 76 2.17 -12.19 13.04
N ILE A 77 1.58 -13.33 13.36
CA ILE A 77 0.27 -13.62 12.83
C ILE A 77 -0.73 -12.62 13.41
N ALA A 78 -0.51 -12.15 14.64
CA ALA A 78 -1.45 -11.19 15.22
C ALA A 78 -1.31 -9.85 14.49
N SER A 79 -0.09 -9.51 14.11
CA SER A 79 0.13 -8.27 13.38
C SER A 79 -0.63 -8.28 12.05
N ILE A 80 -0.65 -9.45 11.41
CA ILE A 80 -1.35 -9.53 10.15
C ILE A 80 -2.83 -9.55 10.36
N ALA A 81 -3.25 -10.04 11.54
CA ALA A 81 -4.68 -10.01 11.88
C ALA A 81 -5.12 -8.55 12.05
N GLU A 82 -4.27 -7.73 12.66
CA GLU A 82 -4.61 -6.31 12.85
C GLU A 82 -4.68 -5.57 11.51
N ILE A 83 -3.64 -5.71 10.71
CA ILE A 83 -3.59 -5.04 9.40
C ILE A 83 -4.74 -5.43 8.48
N SER A 84 -5.10 -6.70 8.49
CA SER A 84 -6.14 -7.19 7.59
C SER A 84 -7.56 -7.14 8.14
N GLY A 85 -7.74 -6.68 9.38
CA GLY A 85 -9.07 -6.64 9.95
C GLY A 85 -9.61 -8.02 10.34
N GLY A 86 -8.74 -8.88 10.86
CA GLY A 86 -9.20 -10.19 11.28
C GLY A 86 -9.30 -11.28 10.22
N ARG A 87 -8.55 -11.17 9.13
CA ARG A 87 -8.61 -12.18 8.08
C ARG A 87 -7.44 -13.18 8.15
N ALA A 88 -6.63 -13.08 9.20
CA ALA A 88 -5.49 -13.98 9.35
C ALA A 88 -5.86 -15.32 9.96
N VAL A 89 -5.22 -16.37 9.44
CA VAL A 89 -5.36 -17.74 9.95
C VAL A 89 -3.94 -18.30 9.97
N LEU A 90 -3.62 -19.11 10.97
CA LEU A 90 -2.27 -19.63 11.11
C LEU A 90 -2.10 -21.07 10.68
N GLY A 91 -1.23 -21.32 9.71
CA GLY A 91 -0.98 -22.67 9.27
C GLY A 91 0.37 -23.07 9.84
N LEU A 92 0.39 -24.08 10.71
CA LEU A 92 1.62 -24.53 11.32
C LEU A 92 1.86 -26.01 11.11
N GLY A 93 3.07 -26.36 10.67
CA GLY A 93 3.42 -27.75 10.46
C GLY A 93 4.73 -28.03 11.19
N PRO A 94 5.24 -29.25 11.09
CA PRO A 94 6.50 -29.51 11.79
C PRO A 94 7.75 -29.05 11.01
N GLY A 95 7.60 -28.78 9.70
CA GLY A 95 8.74 -28.36 8.88
C GLY A 95 9.32 -29.55 8.11
N ASP A 96 9.98 -29.35 6.97
CA ASP A 96 10.53 -30.53 6.27
C ASP A 96 12.02 -30.72 6.48
N LYS A 97 12.42 -31.97 6.72
CA LYS A 97 13.82 -32.31 7.00
C LYS A 97 14.88 -31.68 6.06
N ALA A 98 14.59 -31.62 4.76
CA ALA A 98 15.57 -31.06 3.83
C ALA A 98 15.90 -29.60 4.18
N THR A 99 14.87 -28.77 4.31
CA THR A 99 15.08 -27.38 4.63
C THR A 99 15.82 -27.25 5.96
N PHE A 100 15.45 -28.07 6.94
CA PHE A 100 16.09 -27.98 8.24
C PHE A 100 17.55 -28.41 8.24
N ASP A 101 17.91 -29.36 7.38
CA ASP A 101 19.31 -29.79 7.33
C ASP A 101 20.15 -28.61 6.87
N ALA A 102 19.69 -27.96 5.83
CA ALA A 102 20.41 -26.80 5.33
C ALA A 102 20.53 -25.72 6.40
N MET A 103 19.49 -25.52 7.20
CA MET A 103 19.49 -24.48 8.22
C MET A 103 20.22 -24.88 9.48
N GLY A 104 20.74 -26.12 9.49
CA GLY A 104 21.45 -26.62 10.64
C GLY A 104 20.53 -26.77 11.84
N ILE A 105 19.31 -27.21 11.58
CA ILE A 105 18.32 -27.39 12.63
C ILE A 105 18.00 -28.84 12.96
N ALA A 106 18.10 -29.15 14.25
CA ALA A 106 17.82 -30.48 14.76
C ALA A 106 16.32 -30.65 14.92
N TRP A 107 15.73 -31.43 14.02
CA TRP A 107 14.30 -31.72 14.05
C TRP A 107 14.02 -32.60 15.27
N LYS A 108 13.98 -32.01 16.46
CA LYS A 108 13.76 -32.77 17.69
C LYS A 108 12.32 -32.78 18.17
N LYS A 109 11.78 -34.00 18.32
CA LYS A 109 10.42 -34.22 18.81
C LYS A 109 9.35 -33.35 18.16
N PRO A 110 9.15 -33.49 16.85
CA PRO A 110 8.15 -32.71 16.10
C PRO A 110 6.78 -32.65 16.75
N LEU A 111 6.32 -33.83 17.18
CA LEU A 111 5.01 -33.98 17.80
C LEU A 111 4.82 -33.13 19.07
N ALA A 112 5.68 -33.32 20.06
CA ALA A 112 5.55 -32.56 21.32
C ALA A 112 5.78 -31.06 21.09
N THR A 113 6.81 -30.76 20.30
CA THR A 113 7.12 -29.38 19.97
C THR A 113 5.91 -28.68 19.36
N THR A 114 5.32 -29.29 18.34
CA THR A 114 4.19 -28.71 17.65
C THR A 114 3.00 -28.50 18.57
N LYS A 115 2.71 -29.47 19.42
CA LYS A 115 1.57 -29.34 20.32
C LYS A 115 1.80 -28.23 21.35
N GLU A 116 2.99 -28.21 21.94
CA GLU A 116 3.31 -27.19 22.93
C GLU A 116 3.27 -25.80 22.30
N ALA A 117 3.87 -25.66 21.10
CA ALA A 117 3.93 -24.39 20.38
C ALA A 117 2.54 -23.85 20.11
N ILE A 118 1.62 -24.74 19.70
CA ILE A 118 0.26 -24.34 19.41
C ILE A 118 -0.46 -23.95 20.70
N GLN A 119 -0.15 -24.62 21.79
CA GLN A 119 -0.81 -24.27 23.03
C GLN A 119 -0.34 -22.86 23.44
N ALA A 120 0.96 -22.64 23.37
CA ALA A 120 1.52 -21.35 23.72
C ALA A 120 0.96 -20.25 22.82
N ILE A 121 0.90 -20.51 21.52
CA ILE A 121 0.41 -19.50 20.59
C ILE A 121 -1.05 -19.17 20.86
N ARG A 122 -1.89 -20.18 21.04
CA ARG A 122 -3.31 -19.92 21.32
C ARG A 122 -3.42 -19.03 22.57
N ASP A 123 -2.61 -19.30 23.59
CA ASP A 123 -2.65 -18.46 24.79
C ASP A 123 -2.16 -17.05 24.55
N PHE A 124 -1.13 -16.87 23.72
CA PHE A 124 -0.65 -15.52 23.42
C PHE A 124 -1.78 -14.73 22.75
N ILE A 125 -2.26 -15.28 21.64
CA ILE A 125 -3.32 -14.66 20.87
C ILE A 125 -4.54 -14.36 21.74
N SER A 126 -4.74 -15.19 22.74
CA SER A 126 -5.87 -15.07 23.64
C SER A 126 -5.68 -13.95 24.65
N GLY A 127 -4.46 -13.40 24.72
CA GLY A 127 -4.19 -12.32 25.65
C GLY A 127 -3.68 -12.75 27.02
N LYS A 128 -3.42 -14.05 27.20
CA LYS A 128 -2.95 -14.53 28.49
C LYS A 128 -1.46 -14.29 28.70
N LYS A 129 -1.05 -14.35 29.96
CA LYS A 129 0.36 -14.25 30.30
C LYS A 129 0.75 -15.71 30.21
N VAL A 130 1.76 -16.03 29.41
CA VAL A 130 2.17 -17.40 29.20
C VAL A 130 3.34 -17.90 30.04
N SER A 131 3.14 -19.03 30.71
CA SER A 131 4.19 -19.69 31.49
C SER A 131 4.13 -21.18 31.15
N MET A 132 5.20 -21.73 30.61
CA MET A 132 5.22 -23.14 30.25
C MET A 132 6.56 -23.72 30.58
N ASP A 133 6.58 -25.02 30.82
CA ASP A 133 7.82 -25.70 31.09
C ASP A 133 7.66 -27.08 30.48
N GLY A 134 7.44 -27.12 29.17
CA GLY A 134 7.24 -28.37 28.47
C GLY A 134 8.54 -29.04 28.15
N GLU A 135 8.46 -30.19 27.49
CA GLU A 135 9.66 -30.94 27.15
C GLU A 135 10.41 -30.33 25.98
N MET A 136 9.83 -29.30 25.37
CA MET A 136 10.46 -28.67 24.22
C MET A 136 10.33 -27.15 24.22
N ILE A 137 9.21 -26.66 24.75
CA ILE A 137 8.92 -25.24 24.76
C ILE A 137 8.70 -24.67 26.14
N LYS A 138 9.31 -23.52 26.41
CA LYS A 138 9.17 -22.88 27.71
C LYS A 138 9.05 -21.34 27.63
N PHE A 139 8.22 -20.79 28.50
CA PHE A 139 7.99 -19.34 28.61
C PHE A 139 7.81 -18.99 30.08
N ALA A 140 8.26 -17.81 30.48
CA ALA A 140 8.14 -17.39 31.86
C ALA A 140 7.52 -16.00 31.95
N GLY A 141 6.18 -15.96 31.98
CA GLY A 141 5.49 -14.69 32.08
C GLY A 141 5.43 -13.87 30.79
N ALA A 142 5.67 -14.50 29.63
CA ALA A 142 5.63 -13.75 28.39
C ALA A 142 4.19 -13.32 28.07
N LYS A 143 4.02 -12.19 27.39
CA LYS A 143 2.67 -11.73 27.06
C LYS A 143 2.63 -10.69 25.95
N LEU A 144 1.67 -10.81 25.02
CA LEU A 144 1.56 -9.82 23.95
C LEU A 144 1.05 -8.50 24.55
N ALA A 145 1.44 -7.40 23.95
CA ALA A 145 0.99 -6.09 24.43
C ALA A 145 -0.09 -5.43 23.57
N PHE A 146 -0.65 -6.17 22.63
CA PHE A 146 -1.74 -5.66 21.79
C PHE A 146 -2.72 -6.83 21.58
N LYS A 147 -3.97 -6.52 21.23
CA LYS A 147 -4.99 -7.55 21.07
C LYS A 147 -5.09 -8.16 19.70
N ALA A 148 -5.18 -9.48 19.68
CA ALA A 148 -5.18 -10.29 18.47
C ALA A 148 -6.51 -10.58 17.80
N GLY A 149 -7.59 -10.60 18.58
CA GLY A 149 -8.86 -10.95 17.97
C GLY A 149 -8.75 -12.45 17.75
N ASN A 150 -9.67 -13.07 17.04
CA ASN A 150 -9.57 -14.50 16.88
C ASN A 150 -8.78 -15.00 15.65
N ILE A 151 -7.90 -15.96 15.90
CA ILE A 151 -7.10 -16.55 14.84
C ILE A 151 -7.14 -18.09 14.79
N PRO A 152 -7.85 -18.66 13.82
CA PRO A 152 -7.93 -20.12 13.71
C PRO A 152 -6.52 -20.69 13.44
N ILE A 153 -6.28 -21.90 13.91
CA ILE A 153 -5.00 -22.54 13.69
C ILE A 153 -5.17 -23.87 12.94
N TYR A 154 -4.52 -23.97 11.79
CA TYR A 154 -4.55 -25.20 10.97
C TYR A 154 -3.20 -25.91 11.10
N MET A 155 -3.21 -27.24 11.20
CA MET A 155 -1.98 -27.98 11.26
C MET A 155 -1.66 -28.61 9.89
N GLY A 156 -0.37 -28.66 9.56
CA GLY A 156 0.04 -29.31 8.33
C GLY A 156 0.39 -30.70 8.81
N ALA A 157 -0.17 -31.74 8.18
CA ALA A 157 0.11 -33.09 8.63
C ALA A 157 0.02 -34.11 7.52
N GLN A 158 0.93 -35.08 7.58
CA GLN A 158 1.00 -36.19 6.62
C GLN A 158 0.94 -37.50 7.36
N GLY A 159 1.84 -37.65 8.34
CA GLY A 159 1.90 -38.86 9.14
C GLY A 159 0.67 -39.12 10.00
N PRO A 160 0.41 -40.40 10.30
CA PRO A 160 -0.74 -40.81 11.12
C PRO A 160 -0.79 -40.16 12.49
N LYS A 161 0.36 -40.01 13.13
CA LYS A 161 0.37 -39.38 14.44
C LYS A 161 0.07 -37.89 14.36
N MET A 162 0.68 -37.18 13.41
CA MET A 162 0.38 -35.76 13.26
C MET A 162 -1.11 -35.57 12.97
N LEU A 163 -1.66 -36.42 12.13
CA LEU A 163 -3.07 -36.33 11.79
C LEU A 163 -3.93 -36.47 13.03
N GLU A 164 -3.56 -37.40 13.88
CA GLU A 164 -4.30 -37.63 15.10
C GLU A 164 -4.22 -36.42 15.99
N LEU A 165 -3.02 -35.86 16.13
CA LEU A 165 -2.83 -34.68 16.95
C LEU A 165 -3.67 -33.51 16.40
N ALA A 166 -3.76 -33.39 15.08
CA ALA A 166 -4.54 -32.31 14.50
C ALA A 166 -6.00 -32.45 14.93
N GLY A 167 -6.50 -33.67 14.96
CA GLY A 167 -7.89 -33.88 15.35
C GLY A 167 -8.12 -33.52 16.82
N GLU A 168 -7.07 -33.66 17.59
CA GLU A 168 -7.10 -33.35 19.00
C GLU A 168 -6.97 -31.83 19.32
N ILE A 169 -6.24 -31.06 18.51
CA ILE A 169 -6.05 -29.64 18.85
C ILE A 169 -6.25 -28.57 17.77
N ALA A 170 -6.29 -28.94 16.49
CA ALA A 170 -6.39 -27.94 15.44
C ALA A 170 -7.80 -27.57 15.00
N ASP A 171 -7.92 -26.44 14.29
CA ASP A 171 -9.21 -25.98 13.80
C ASP A 171 -9.34 -26.49 12.38
N GLY A 172 -8.21 -26.89 11.81
CA GLY A 172 -8.21 -27.39 10.45
C GLY A 172 -6.92 -28.16 10.16
N VAL A 173 -6.93 -28.96 9.10
CA VAL A 173 -5.76 -29.75 8.76
C VAL A 173 -5.43 -29.58 7.29
N LEU A 174 -4.21 -29.14 7.00
CA LEU A 174 -3.77 -29.02 5.62
C LEU A 174 -3.01 -30.31 5.30
N ILE A 175 -3.62 -31.17 4.48
CA ILE A 175 -3.04 -32.45 4.13
C ILE A 175 -2.53 -32.40 2.68
N ASN A 176 -1.24 -32.70 2.52
CA ASN A 176 -0.61 -32.71 1.20
C ASN A 176 -0.94 -33.94 0.37
N ALA A 177 -2.17 -34.06 -0.11
CA ALA A 177 -2.58 -35.21 -0.88
C ALA A 177 -3.68 -34.78 -1.82
N SER A 178 -4.05 -35.66 -2.76
CA SER A 178 -5.06 -35.34 -3.77
C SER A 178 -6.08 -36.43 -4.01
N HIS A 179 -5.78 -37.63 -3.53
CA HIS A 179 -6.64 -38.75 -3.81
C HIS A 179 -7.50 -39.21 -2.67
N PRO A 180 -8.75 -39.60 -2.96
CA PRO A 180 -9.68 -40.07 -1.92
C PRO A 180 -9.12 -41.15 -0.98
N LYS A 181 -8.34 -42.09 -1.52
CA LYS A 181 -7.76 -43.15 -0.69
C LYS A 181 -6.95 -42.56 0.46
N ASP A 182 -6.21 -41.50 0.18
CA ASP A 182 -5.38 -40.86 1.21
C ASP A 182 -6.25 -40.18 2.26
N PHE A 183 -7.32 -39.52 1.85
CA PHE A 183 -8.18 -38.84 2.80
C PHE A 183 -9.08 -39.78 3.58
N GLU A 184 -9.26 -40.99 3.05
CA GLU A 184 -10.06 -41.99 3.74
C GLU A 184 -9.26 -42.34 5.01
N VAL A 185 -7.96 -42.52 4.85
CA VAL A 185 -7.08 -42.82 5.98
C VAL A 185 -6.95 -41.62 6.91
N ALA A 186 -6.75 -40.44 6.32
CA ALA A 186 -6.56 -39.23 7.11
C ALA A 186 -7.75 -38.91 7.98
N VAL A 187 -8.96 -38.99 7.41
CA VAL A 187 -10.17 -38.69 8.16
C VAL A 187 -10.31 -39.58 9.38
N GLU A 188 -9.91 -40.85 9.27
CA GLU A 188 -9.99 -41.75 10.42
C GLU A 188 -9.04 -41.30 11.54
N GLN A 189 -7.82 -40.96 11.17
CA GLN A 189 -6.85 -40.48 12.14
C GLN A 189 -7.32 -39.20 12.85
N ILE A 190 -7.87 -38.27 12.07
CA ILE A 190 -8.37 -37.04 12.63
C ILE A 190 -9.50 -37.37 13.59
N LYS A 191 -10.34 -38.33 13.20
CA LYS A 191 -11.49 -38.72 14.04
C LYS A 191 -11.01 -39.33 15.38
N LYS A 192 -9.99 -40.17 15.33
CA LYS A 192 -9.45 -40.75 16.56
C LYS A 192 -8.96 -39.64 17.49
N GLY A 193 -8.25 -38.67 16.93
CA GLY A 193 -7.76 -37.57 17.74
C GLY A 193 -8.89 -36.71 18.28
N ALA A 194 -9.92 -36.49 17.46
CA ALA A 194 -11.05 -35.67 17.88
C ALA A 194 -11.78 -36.29 19.08
N GLU A 195 -11.98 -37.61 19.01
CA GLU A 195 -12.65 -38.35 20.10
C GLU A 195 -11.75 -38.40 21.33
N LYS A 196 -10.45 -38.56 21.11
CA LYS A 196 -9.51 -38.58 22.21
C LYS A 196 -9.56 -37.26 23.00
N ALA A 197 -9.97 -36.19 22.34
CA ALA A 197 -10.05 -34.88 22.99
C ALA A 197 -11.49 -34.56 23.36
N GLY A 198 -12.41 -35.39 22.89
CA GLY A 198 -13.82 -35.18 23.20
C GLY A 198 -14.50 -34.08 22.41
N ARG A 199 -13.91 -33.69 21.28
CA ARG A 199 -14.55 -32.65 20.49
C ARG A 199 -15.20 -33.27 19.28
N ASP A 200 -16.16 -32.53 18.73
CA ASP A 200 -16.88 -32.97 17.56
C ASP A 200 -15.90 -32.94 16.37
N PRO A 201 -15.60 -34.10 15.79
CA PRO A 201 -14.67 -34.14 14.64
C PRO A 201 -15.08 -33.25 13.45
N SER A 202 -16.37 -32.93 13.31
CA SER A 202 -16.80 -32.10 12.19
C SER A 202 -16.47 -30.64 12.41
N GLU A 203 -15.76 -30.35 13.50
CA GLU A 203 -15.35 -28.99 13.80
C GLU A 203 -14.11 -28.65 12.95
N VAL A 204 -13.30 -29.66 12.66
CA VAL A 204 -12.07 -29.42 11.91
C VAL A 204 -12.21 -29.33 10.39
N ASP A 205 -11.66 -28.26 9.82
CA ASP A 205 -11.72 -28.03 8.38
C ASP A 205 -10.70 -28.93 7.70
N VAL A 206 -11.15 -30.11 7.28
CA VAL A 206 -10.27 -31.07 6.62
C VAL A 206 -9.99 -30.58 5.21
N THR A 207 -8.77 -30.12 4.95
CA THR A 207 -8.48 -29.60 3.64
C THR A 207 -7.39 -30.27 2.80
N ALA A 208 -7.69 -30.39 1.52
CA ALA A 208 -6.77 -31.03 0.60
C ALA A 208 -5.83 -29.99 0.00
N TYR A 209 -4.56 -30.05 0.41
CA TYR A 209 -3.57 -29.12 -0.11
C TYR A 209 -3.06 -29.89 -1.31
N ALA A 210 -3.76 -29.76 -2.41
CA ALA A 210 -3.41 -30.56 -3.58
C ALA A 210 -2.55 -29.95 -4.65
N CYS A 211 -1.94 -30.81 -5.45
CA CYS A 211 -1.17 -30.37 -6.60
C CYS A 211 -2.33 -30.22 -7.58
N PHE A 212 -2.50 -29.01 -8.11
CA PHE A 212 -3.65 -28.70 -8.95
C PHE A 212 -3.21 -28.12 -10.31
N SER A 213 -3.83 -28.60 -11.39
CA SER A 213 -3.51 -28.09 -12.72
C SER A 213 -4.76 -28.20 -13.62
N ILE A 214 -5.34 -27.06 -13.99
CA ILE A 214 -6.58 -27.04 -14.77
C ILE A 214 -6.43 -26.22 -16.04
N ASP A 215 -7.10 -26.65 -17.11
CA ASP A 215 -7.07 -25.94 -18.40
C ASP A 215 -8.12 -26.55 -19.33
N LYS A 216 -8.63 -25.79 -20.29
CA LYS A 216 -9.63 -26.33 -21.21
C LYS A 216 -9.02 -27.49 -22.01
N ASP A 217 -7.71 -27.45 -22.20
CA ASP A 217 -6.99 -28.51 -22.90
C ASP A 217 -6.32 -29.40 -21.84
N PRO A 218 -6.85 -30.61 -21.63
CA PRO A 218 -6.34 -31.56 -20.65
C PRO A 218 -4.87 -31.95 -20.73
N VAL A 219 -4.32 -32.03 -21.93
CA VAL A 219 -2.92 -32.39 -22.07
C VAL A 219 -2.02 -31.21 -21.67
N LYS A 220 -2.52 -29.99 -21.85
CA LYS A 220 -1.77 -28.82 -21.42
C LYS A 220 -1.77 -28.85 -19.87
N ALA A 221 -2.89 -29.30 -19.31
CA ALA A 221 -3.03 -29.38 -17.87
C ALA A 221 -2.09 -30.42 -17.24
N VAL A 222 -2.07 -31.64 -17.75
CA VAL A 222 -1.20 -32.64 -17.16
C VAL A 222 0.27 -32.30 -17.35
N ASN A 223 0.65 -31.74 -18.49
CA ASN A 223 2.05 -31.40 -18.70
C ASN A 223 2.56 -30.40 -17.68
N ALA A 224 1.69 -29.45 -17.31
CA ALA A 224 2.09 -28.44 -16.33
C ALA A 224 2.28 -29.03 -14.93
N ALA A 225 1.69 -30.20 -14.72
CA ALA A 225 1.75 -30.86 -13.42
C ALA A 225 2.81 -31.94 -13.26
N LYS A 226 3.31 -32.48 -14.36
CA LYS A 226 4.30 -33.57 -14.31
C LYS A 226 5.52 -33.36 -13.42
N VAL A 227 6.21 -32.23 -13.56
CA VAL A 227 7.37 -32.01 -12.72
C VAL A 227 6.99 -32.02 -11.25
N VAL A 228 5.93 -31.30 -10.89
CA VAL A 228 5.53 -31.27 -9.49
C VAL A 228 5.15 -32.67 -8.99
N VAL A 229 4.41 -33.42 -9.82
CA VAL A 229 4.01 -34.76 -9.45
C VAL A 229 5.27 -35.63 -9.22
N ALA A 230 6.30 -35.38 -10.02
CA ALA A 230 7.58 -36.11 -9.92
C ALA A 230 8.17 -35.92 -8.52
N PHE A 231 8.32 -34.67 -8.10
CA PHE A 231 8.85 -34.40 -6.77
C PHE A 231 7.96 -35.02 -5.69
N ILE A 232 6.65 -35.06 -5.91
CA ILE A 232 5.78 -35.66 -4.91
C ILE A 232 6.09 -37.16 -4.81
N VAL A 233 6.14 -37.85 -5.95
CA VAL A 233 6.43 -39.29 -5.97
C VAL A 233 7.82 -39.57 -5.37
N ALA A 234 8.79 -38.74 -5.74
CA ALA A 234 10.16 -38.86 -5.24
C ALA A 234 10.21 -38.85 -3.70
N GLY A 235 9.33 -38.07 -3.08
CA GLY A 235 9.32 -37.97 -1.62
C GLY A 235 8.24 -38.78 -0.92
N SER A 236 7.48 -39.59 -1.66
CA SER A 236 6.42 -40.39 -1.05
C SER A 236 6.92 -41.65 -0.36
N PRO A 237 6.49 -41.86 0.89
CA PRO A 237 6.91 -43.06 1.62
C PRO A 237 6.35 -44.28 0.90
N ASP A 238 7.09 -45.37 0.94
CA ASP A 238 6.70 -46.63 0.29
C ASP A 238 5.24 -46.99 0.51
N LEU A 239 4.78 -46.84 1.74
CA LEU A 239 3.41 -47.14 2.12
C LEU A 239 2.41 -46.46 1.17
N VAL A 240 2.63 -45.18 0.92
CA VAL A 240 1.75 -44.40 0.04
C VAL A 240 1.83 -44.86 -1.41
N LEU A 241 3.04 -44.97 -1.95
CA LEU A 241 3.19 -45.41 -3.33
C LEU A 241 2.42 -46.73 -3.46
N GLU A 242 2.55 -47.56 -2.44
CA GLU A 242 1.89 -48.87 -2.39
C GLU A 242 0.38 -48.76 -2.62
N ARG A 243 -0.24 -47.95 -1.78
CA ARG A 243 -1.66 -47.66 -1.80
C ARG A 243 -2.23 -47.29 -3.17
N HIS A 244 -1.41 -46.67 -4.01
CA HIS A 244 -1.85 -46.25 -5.35
C HIS A 244 -1.38 -47.18 -6.47
N GLY A 245 -0.81 -48.33 -6.09
CA GLY A 245 -0.33 -49.25 -7.10
C GLY A 245 0.76 -48.64 -7.98
N ILE A 246 1.73 -48.01 -7.36
CA ILE A 246 2.83 -47.40 -8.09
C ILE A 246 4.11 -48.06 -7.65
N PRO A 247 4.78 -48.74 -8.58
CA PRO A 247 6.05 -49.44 -8.33
C PRO A 247 6.98 -48.59 -7.48
N VAL A 248 7.29 -49.07 -6.28
CA VAL A 248 8.16 -48.32 -5.38
C VAL A 248 9.52 -48.06 -6.02
N GLU A 249 9.84 -48.85 -7.03
CA GLU A 249 11.09 -48.73 -7.77
C GLU A 249 11.08 -47.45 -8.60
N ALA A 250 9.89 -47.03 -9.01
CA ALA A 250 9.73 -45.82 -9.82
C ALA A 250 10.23 -44.60 -9.05
N LYS A 251 10.17 -44.65 -7.72
CA LYS A 251 10.62 -43.53 -6.89
C LYS A 251 12.11 -43.26 -7.04
N SER A 252 12.91 -44.32 -7.08
CA SER A 252 14.36 -44.21 -7.23
C SER A 252 14.68 -43.73 -8.63
N GLN A 253 13.99 -44.34 -9.59
CA GLN A 253 14.14 -44.03 -10.98
C GLN A 253 13.90 -42.54 -11.22
N ILE A 254 12.85 -42.00 -10.59
CA ILE A 254 12.49 -40.59 -10.72
C ILE A 254 13.42 -39.74 -9.86
N GLY A 255 13.80 -40.24 -8.69
CA GLY A 255 14.71 -39.47 -7.86
C GLY A 255 16.01 -39.29 -8.62
N ALA A 256 16.40 -40.35 -9.34
CA ALA A 256 17.62 -40.35 -10.13
C ALA A 256 17.53 -39.25 -11.18
N ALA A 257 16.57 -39.38 -12.08
CA ALA A 257 16.37 -38.39 -13.14
C ALA A 257 16.34 -36.95 -12.60
N ILE A 258 15.79 -36.77 -11.39
CA ILE A 258 15.72 -35.44 -10.80
C ILE A 258 17.09 -35.00 -10.35
N ALA A 259 17.84 -35.95 -9.82
CA ALA A 259 19.19 -35.69 -9.34
C ALA A 259 20.03 -35.23 -10.54
N LYS A 260 19.85 -35.92 -11.67
CA LYS A 260 20.58 -35.60 -12.89
C LYS A 260 19.95 -34.41 -13.60
N GLY A 261 18.79 -33.98 -13.13
CA GLY A 261 18.12 -32.86 -13.75
C GLY A 261 17.64 -33.26 -15.13
N ASP A 262 17.43 -34.57 -15.33
CA ASP A 262 16.96 -35.11 -16.61
C ASP A 262 15.43 -34.97 -16.69
N PHE A 263 14.96 -33.73 -16.72
CA PHE A 263 13.54 -33.47 -16.78
C PHE A 263 12.95 -33.97 -18.07
N GLY A 264 13.83 -34.23 -19.04
CA GLY A 264 13.37 -34.75 -20.32
C GLY A 264 12.83 -36.14 -20.13
N ALA A 265 13.37 -36.86 -19.14
CA ALA A 265 12.93 -38.21 -18.83
C ALA A 265 11.56 -38.13 -18.14
N LEU A 266 11.47 -37.23 -17.18
CA LEU A 266 10.25 -37.00 -16.42
C LEU A 266 9.07 -36.74 -17.37
N MET A 267 9.28 -35.83 -18.32
CA MET A 267 8.23 -35.49 -19.28
C MET A 267 8.08 -36.63 -20.29
N GLY A 268 9.19 -37.32 -20.54
CA GLY A 268 9.21 -38.40 -21.50
C GLY A 268 8.50 -39.70 -21.19
N GLY A 269 8.02 -39.87 -19.96
CA GLY A 269 7.33 -41.11 -19.64
C GLY A 269 7.51 -41.58 -18.22
N LEU A 270 8.52 -41.05 -17.52
CA LEU A 270 8.79 -41.43 -16.13
C LEU A 270 7.57 -41.18 -15.25
N VAL A 271 6.94 -40.01 -15.45
CA VAL A 271 5.74 -39.64 -14.72
C VAL A 271 4.59 -40.31 -15.47
N THR A 272 4.08 -41.39 -14.89
CA THR A 272 3.04 -42.15 -15.54
C THR A 272 1.67 -41.59 -15.27
N PRO A 273 0.70 -41.92 -16.13
CA PRO A 273 -0.64 -41.42 -15.91
C PRO A 273 -1.20 -41.85 -14.55
N GLN A 274 -0.68 -42.94 -14.00
CA GLN A 274 -1.15 -43.41 -12.69
C GLN A 274 -0.65 -42.48 -11.58
N MET A 275 0.58 -42.00 -11.73
CA MET A 275 1.15 -41.08 -10.75
C MET A 275 0.35 -39.78 -10.80
N ILE A 276 0.01 -39.36 -12.00
CA ILE A 276 -0.73 -38.13 -12.17
C ILE A 276 -2.11 -38.22 -11.57
N GLU A 277 -2.75 -39.38 -11.76
CA GLU A 277 -4.08 -39.61 -11.24
C GLU A 277 -4.07 -39.72 -9.72
N ALA A 278 -2.98 -40.18 -9.13
CA ALA A 278 -2.97 -40.35 -7.69
C ALA A 278 -2.45 -39.16 -6.92
N PHE A 279 -1.57 -38.38 -7.55
CA PHE A 279 -0.99 -37.27 -6.83
C PHE A 279 -1.32 -35.88 -7.30
N SER A 280 -2.40 -35.74 -8.07
CA SER A 280 -2.77 -34.42 -8.49
C SER A 280 -4.22 -34.39 -8.94
N ILE A 281 -4.79 -33.18 -8.97
CA ILE A 281 -6.15 -33.00 -9.42
C ILE A 281 -5.97 -32.22 -10.69
N CYS A 282 -5.99 -32.90 -11.82
CA CYS A 282 -5.82 -32.15 -13.03
C CYS A 282 -6.58 -32.62 -14.23
N GLY A 283 -6.63 -31.74 -15.22
CA GLY A 283 -7.34 -32.02 -16.44
C GLY A 283 -8.21 -30.84 -16.78
N THR A 284 -9.37 -31.14 -17.32
CA THR A 284 -10.30 -30.11 -17.68
C THR A 284 -11.14 -29.82 -16.46
N PRO A 285 -11.95 -28.76 -16.53
CA PRO A 285 -12.77 -28.44 -15.37
C PRO A 285 -13.63 -29.65 -14.94
N ASP A 286 -14.11 -30.43 -15.90
CA ASP A 286 -14.93 -31.61 -15.57
C ASP A 286 -14.13 -32.63 -14.79
N ASP A 287 -12.95 -32.94 -15.29
CA ASP A 287 -12.11 -33.88 -14.59
C ASP A 287 -11.91 -33.40 -13.16
N CYS A 288 -11.52 -32.14 -12.97
CA CYS A 288 -11.29 -31.61 -11.64
C CYS A 288 -12.54 -31.60 -10.75
N MET A 289 -13.70 -31.34 -11.35
CA MET A 289 -14.94 -31.36 -10.61
C MET A 289 -15.22 -32.78 -10.06
N LYS A 290 -15.03 -33.80 -10.89
CA LYS A 290 -15.29 -35.17 -10.46
C LYS A 290 -14.43 -35.52 -9.25
N ARG A 291 -13.13 -35.23 -9.37
CA ARG A 291 -12.23 -35.52 -8.28
C ARG A 291 -12.66 -34.75 -7.01
N ILE A 292 -12.96 -33.47 -7.17
CA ILE A 292 -13.40 -32.65 -6.02
C ILE A 292 -14.63 -33.24 -5.32
N LYS A 293 -15.61 -33.70 -6.09
CA LYS A 293 -16.82 -34.27 -5.48
C LYS A 293 -16.52 -35.61 -4.79
N ASP A 294 -15.54 -36.35 -5.30
CA ASP A 294 -15.14 -37.60 -4.64
C ASP A 294 -14.56 -37.24 -3.26
N LEU A 295 -13.70 -36.21 -3.24
CA LEU A 295 -13.09 -35.79 -1.98
C LEU A 295 -14.14 -35.27 -1.00
N GLU A 296 -15.15 -34.60 -1.53
CA GLU A 296 -16.21 -34.09 -0.69
C GLU A 296 -16.92 -35.24 0.00
N ALA A 297 -17.27 -36.27 -0.76
CA ALA A 297 -17.96 -37.44 -0.23
C ALA A 297 -17.17 -38.13 0.90
N ILE A 298 -15.84 -38.07 0.82
CA ILE A 298 -14.94 -38.66 1.83
C ILE A 298 -14.78 -37.76 3.07
N GLY A 299 -15.33 -36.55 3.02
CA GLY A 299 -15.20 -35.68 4.18
C GLY A 299 -14.28 -34.47 4.07
N VAL A 300 -13.74 -34.18 2.88
CA VAL A 300 -12.90 -33.02 2.70
C VAL A 300 -13.80 -31.77 2.66
N THR A 301 -13.47 -30.75 3.45
CA THR A 301 -14.28 -29.53 3.48
C THR A 301 -13.67 -28.31 2.79
N GLN A 302 -12.39 -28.38 2.50
CA GLN A 302 -11.74 -27.28 1.78
C GLN A 302 -10.78 -27.87 0.79
N ILE A 303 -10.81 -27.36 -0.43
CA ILE A 303 -9.88 -27.82 -1.45
C ILE A 303 -8.97 -26.64 -1.83
N VAL A 304 -7.67 -26.84 -1.70
CA VAL A 304 -6.71 -25.81 -2.04
C VAL A 304 -6.02 -26.11 -3.34
N ALA A 305 -6.06 -25.17 -4.27
CA ALA A 305 -5.40 -25.35 -5.55
C ALA A 305 -3.93 -24.99 -5.34
N GLY A 306 -3.11 -26.01 -5.17
CA GLY A 306 -1.69 -25.78 -4.97
C GLY A 306 -0.96 -25.83 -6.30
N SER A 307 0.32 -25.46 -6.26
CA SER A 307 1.16 -25.45 -7.45
C SER A 307 1.01 -26.68 -8.33
N PRO A 308 1.01 -26.48 -9.65
CA PRO A 308 1.14 -25.21 -10.39
C PRO A 308 -0.12 -24.38 -10.58
N ILE A 309 -1.25 -24.90 -10.13
CA ILE A 309 -2.57 -24.27 -10.28
C ILE A 309 -3.07 -24.47 -11.73
N GLY A 310 -2.14 -24.34 -12.69
CA GLY A 310 -2.51 -24.52 -14.08
C GLY A 310 -1.37 -24.10 -14.96
N PRO A 311 -1.47 -24.27 -16.29
CA PRO A 311 -0.37 -23.88 -17.19
C PRO A 311 0.04 -22.40 -17.01
N ALA A 312 -0.96 -21.52 -16.87
CA ALA A 312 -0.70 -20.08 -16.62
C ALA A 312 -1.64 -19.71 -15.48
N LYS A 313 -1.07 -19.19 -14.39
CA LYS A 313 -1.83 -18.87 -13.19
C LYS A 313 -3.10 -18.04 -13.34
N GLU A 314 -2.97 -16.86 -13.94
CA GLU A 314 -4.09 -15.95 -14.11
C GLU A 314 -5.28 -16.60 -14.80
N LYS A 315 -5.02 -17.33 -15.87
CA LYS A 315 -6.09 -17.99 -16.61
C LYS A 315 -6.66 -19.16 -15.80
N ALA A 316 -5.80 -19.86 -15.06
CA ALA A 316 -6.27 -20.98 -14.27
C ALA A 316 -7.18 -20.52 -13.12
N ILE A 317 -6.80 -19.43 -12.45
CA ILE A 317 -7.58 -18.89 -11.35
C ILE A 317 -8.98 -18.54 -11.86
N LYS A 318 -9.04 -17.91 -13.03
CA LYS A 318 -10.33 -17.55 -13.62
C LYS A 318 -11.12 -18.82 -14.02
N LEU A 319 -10.46 -19.82 -14.57
CA LEU A 319 -11.16 -21.05 -14.92
C LEU A 319 -11.81 -21.68 -13.68
N ILE A 320 -11.05 -21.73 -12.58
CA ILE A 320 -11.53 -22.33 -11.35
C ILE A 320 -12.73 -21.56 -10.80
N GLY A 321 -12.68 -20.24 -10.90
CA GLY A 321 -13.77 -19.41 -10.38
C GLY A 321 -15.05 -19.61 -11.16
N LYS A 322 -14.93 -19.55 -12.48
CA LYS A 322 -16.05 -19.69 -13.38
C LYS A 322 -16.59 -21.12 -13.53
N GLU A 323 -15.70 -22.08 -13.78
CA GLU A 323 -16.13 -23.46 -14.00
C GLU A 323 -16.13 -24.39 -12.77
N ILE A 324 -15.79 -23.90 -11.60
CA ILE A 324 -15.78 -24.76 -10.45
C ILE A 324 -16.39 -24.13 -9.23
N ILE A 325 -15.86 -22.99 -8.79
CA ILE A 325 -16.40 -22.38 -7.58
C ILE A 325 -17.84 -22.01 -7.80
N ALA A 326 -18.16 -21.45 -8.95
CA ALA A 326 -19.55 -21.10 -9.25
C ALA A 326 -20.24 -22.45 -9.45
N LYS A 327 -19.73 -23.45 -8.70
CA LYS A 327 -20.13 -24.86 -8.67
C LYS A 327 -20.82 -25.34 -9.92
N MET B 1 26.54 15.24 9.11
CA MET B 1 25.85 14.40 10.13
C MET B 1 24.60 13.74 9.56
N LYS B 2 24.46 12.43 9.72
CA LYS B 2 23.27 11.74 9.26
C LYS B 2 22.25 11.78 10.41
N PHE B 3 20.96 11.71 10.09
CA PHE B 3 19.94 11.72 11.15
C PHE B 3 18.97 10.58 11.02
N GLY B 4 18.71 9.93 12.15
CA GLY B 4 17.78 8.79 12.17
C GLY B 4 16.75 8.95 13.26
N ILE B 5 15.71 8.13 13.22
CA ILE B 5 14.65 8.23 14.22
C ILE B 5 14.14 6.84 14.51
N GLU B 6 13.73 6.60 15.74
CA GLU B 6 13.25 5.28 16.15
C GLU B 6 11.77 5.21 16.48
N PHE B 7 11.12 4.13 16.07
CA PHE B 7 9.73 3.93 16.44
C PHE B 7 9.62 2.52 16.98
N VAL B 8 8.75 2.37 17.97
CA VAL B 8 8.50 1.10 18.66
C VAL B 8 7.16 0.57 18.16
N PRO B 9 7.11 -0.69 17.72
CA PRO B 9 5.80 -1.17 17.25
C PRO B 9 4.72 -1.39 18.34
N SER B 10 4.68 -0.51 19.34
CA SER B 10 3.62 -0.61 20.35
C SER B 10 2.41 0.21 19.82
N ASP B 11 2.58 0.80 18.63
CA ASP B 11 1.54 1.55 17.91
C ASP B 11 1.32 0.71 16.65
N PRO B 12 0.14 0.81 16.03
CA PRO B 12 -0.12 0.02 14.82
C PRO B 12 0.84 0.52 13.74
N ALA B 13 1.22 -0.37 12.83
CA ALA B 13 2.15 -0.01 11.73
C ALA B 13 1.65 1.16 10.88
N LEU B 14 0.35 1.24 10.66
CA LEU B 14 -0.18 2.31 9.82
C LEU B 14 0.10 3.68 10.44
N LYS B 15 -0.01 3.78 11.78
CA LYS B 15 0.27 5.05 12.44
C LYS B 15 1.79 5.36 12.36
N ILE B 16 2.61 4.32 12.48
CA ILE B 16 4.05 4.53 12.39
C ILE B 16 4.48 4.94 10.98
N ALA B 17 3.82 4.38 9.97
CA ALA B 17 4.12 4.74 8.58
C ALA B 17 4.00 6.25 8.39
N TYR B 18 2.99 6.89 9.01
CA TYR B 18 2.85 8.33 8.84
C TYR B 18 4.06 9.04 9.48
N TYR B 19 4.47 8.63 10.68
CA TYR B 19 5.62 9.30 11.32
C TYR B 19 6.86 9.15 10.46
N ALA B 20 7.00 7.98 9.83
CA ALA B 20 8.15 7.66 8.99
C ALA B 20 8.14 8.50 7.71
N LYS B 21 6.95 8.65 7.14
CA LYS B 21 6.80 9.44 5.92
C LYS B 21 7.17 10.89 6.27
N LEU B 22 6.62 11.39 7.37
CA LEU B 22 6.91 12.76 7.83
C LEU B 22 8.43 12.96 8.01
N SER B 23 9.13 11.96 8.57
CA SER B 23 10.58 11.99 8.77
C SER B 23 11.31 12.07 7.43
N GLU B 24 10.85 11.30 6.45
CA GLU B 24 11.42 11.35 5.11
C GLU B 24 11.28 12.80 4.60
N GLN B 25 10.10 13.40 4.77
CA GLN B 25 9.87 14.77 4.28
C GLN B 25 10.72 15.79 5.00
N GLN B 26 11.04 15.50 6.26
CA GLN B 26 11.82 16.41 7.08
C GLN B 26 13.31 16.25 6.92
N GLY B 27 13.73 15.33 6.05
CA GLY B 27 15.15 15.17 5.81
C GLY B 27 15.92 14.11 6.59
N PHE B 28 15.23 13.21 7.29
CA PHE B 28 15.95 12.17 8.02
C PHE B 28 16.52 11.17 7.04
N ASP B 29 17.59 10.50 7.45
CA ASP B 29 18.26 9.51 6.61
C ASP B 29 17.80 8.08 6.90
N HIS B 30 17.42 7.83 8.15
CA HIS B 30 17.08 6.49 8.62
C HIS B 30 15.91 6.44 9.58
N VAL B 31 15.07 5.41 9.48
CA VAL B 31 14.09 5.20 10.53
C VAL B 31 14.45 3.80 11.00
N TRP B 32 14.48 3.60 12.30
CA TRP B 32 14.82 2.30 12.86
C TRP B 32 13.62 1.81 13.65
N ILE B 33 13.34 0.50 13.56
CA ILE B 33 12.21 -0.10 14.25
C ILE B 33 12.66 -1.17 15.26
N THR B 34 12.19 -1.06 16.51
CA THR B 34 12.57 -2.01 17.53
C THR B 34 11.92 -3.38 17.31
N ASP B 35 12.56 -4.41 17.85
CA ASP B 35 12.10 -5.79 17.69
C ASP B 35 11.97 -6.49 19.03
N HIS B 36 10.72 -6.73 19.44
CA HIS B 36 10.43 -7.41 20.69
C HIS B 36 9.16 -8.22 20.45
N TYR B 37 9.18 -9.49 20.84
CA TYR B 37 8.04 -10.38 20.62
C TYR B 37 6.72 -9.80 21.16
N ASN B 38 6.78 -8.99 22.21
CA ASN B 38 5.52 -8.49 22.74
C ASN B 38 4.86 -7.35 21.97
N ASN B 39 5.56 -6.69 21.05
CA ASN B 39 4.91 -5.64 20.24
C ASN B 39 4.67 -6.23 18.86
N ARG B 40 4.21 -5.42 17.91
CA ARG B 40 4.03 -5.93 16.54
C ARG B 40 5.37 -6.35 15.88
N ASP B 41 5.26 -7.34 15.00
CA ASP B 41 6.36 -7.92 14.22
C ASP B 41 7.20 -6.79 13.60
N VAL B 42 8.52 -6.89 13.72
CA VAL B 42 9.40 -5.89 13.14
C VAL B 42 9.31 -5.89 11.61
N TYR B 43 8.99 -7.04 11.01
CA TYR B 43 8.94 -7.13 9.55
C TYR B 43 7.66 -6.75 8.85
N SER B 44 6.51 -7.11 9.43
CA SER B 44 5.25 -6.69 8.82
C SER B 44 5.26 -5.15 8.95
N THR B 45 5.78 -4.63 10.07
CA THR B 45 5.86 -3.18 10.29
C THR B 45 6.78 -2.52 9.24
N LEU B 46 7.98 -3.06 9.06
CA LEU B 46 8.87 -2.52 8.04
C LEU B 46 8.21 -2.58 6.64
N THR B 47 7.39 -3.61 6.37
CA THR B 47 6.72 -3.73 5.08
C THR B 47 5.76 -2.57 4.84
N VAL B 48 4.90 -2.25 5.80
CA VAL B 48 4.00 -1.12 5.56
C VAL B 48 4.78 0.19 5.51
N LEU B 49 5.89 0.29 6.25
CA LEU B 49 6.69 1.51 6.17
C LEU B 49 7.28 1.66 4.77
N ALA B 50 7.79 0.56 4.23
CA ALA B 50 8.41 0.54 2.91
C ALA B 50 7.43 0.95 1.84
N LEU B 51 6.20 0.44 1.94
CA LEU B 51 5.21 0.78 0.96
C LEU B 51 4.80 2.26 1.02
N ASN B 52 4.88 2.87 2.20
CA ASN B 52 4.47 4.26 2.35
C ASN B 52 5.61 5.26 2.39
N THR B 53 6.81 4.87 1.95
CA THR B 53 7.93 5.81 1.92
C THR B 53 8.60 5.63 0.57
N ASN B 54 9.60 6.44 0.26
CA ASN B 54 10.20 6.32 -1.07
C ASN B 54 11.70 6.36 -1.14
N SER B 55 12.31 7.15 -0.27
CA SER B 55 13.75 7.29 -0.32
C SER B 55 14.49 7.06 1.02
N ILE B 56 13.81 7.26 2.14
CA ILE B 56 14.47 7.08 3.43
C ILE B 56 14.88 5.61 3.63
N LYS B 57 16.03 5.40 4.27
CA LYS B 57 16.48 4.05 4.57
C LYS B 57 15.73 3.52 5.79
N ILE B 58 15.44 2.22 5.78
CA ILE B 58 14.71 1.61 6.88
C ILE B 58 15.29 0.27 7.31
N GLY B 59 14.98 -0.11 8.56
CA GLY B 59 15.47 -1.38 9.04
C GLY B 59 15.28 -1.59 10.51
N PRO B 60 15.48 -2.85 10.98
CA PRO B 60 15.33 -3.15 12.40
C PRO B 60 16.47 -2.55 13.21
N GLY B 61 16.14 -2.02 14.39
CA GLY B 61 17.12 -1.44 15.29
C GLY B 61 16.75 -1.83 16.71
N VAL B 62 17.13 -3.04 17.13
CA VAL B 62 17.88 -3.97 16.28
C VAL B 62 17.20 -5.32 16.48
N THR B 63 17.37 -6.23 15.53
CA THR B 63 16.82 -7.57 15.71
C THR B 63 17.95 -8.38 16.37
N ASN B 64 17.85 -9.69 16.45
CA ASN B 64 18.91 -10.50 17.08
C ASN B 64 19.08 -11.86 16.44
N SER B 65 20.05 -12.63 16.95
CA SER B 65 20.34 -13.94 16.39
C SER B 65 19.65 -15.09 17.11
N TYR B 66 18.85 -14.80 18.14
CA TYR B 66 18.24 -15.88 18.89
C TYR B 66 16.75 -16.16 18.71
N THR B 67 15.94 -15.13 18.46
CA THR B 67 14.51 -15.35 18.32
C THR B 67 14.07 -15.85 16.96
N ARG B 68 15.00 -15.80 15.99
CA ARG B 68 14.76 -16.23 14.63
C ARG B 68 16.06 -16.82 14.10
N ASN B 69 16.01 -17.91 13.36
CA ASN B 69 17.22 -18.48 12.77
C ASN B 69 17.82 -17.41 11.83
N PRO B 70 19.14 -17.25 11.81
CA PRO B 70 19.77 -16.24 10.93
C PRO B 70 19.37 -16.32 9.44
N ALA B 71 19.02 -17.52 8.94
CA ALA B 71 18.62 -17.64 7.54
C ALA B 71 17.27 -16.93 7.35
N ILE B 72 16.39 -17.05 8.35
CA ILE B 72 15.09 -16.36 8.31
C ILE B 72 15.34 -14.83 8.35
N THR B 73 16.30 -14.38 9.17
CA THR B 73 16.61 -12.94 9.22
C THR B 73 17.10 -12.42 7.85
N ALA B 74 17.98 -13.21 7.20
CA ALA B 74 18.54 -12.86 5.88
C ALA B 74 17.44 -12.72 4.87
N SER B 75 16.54 -13.71 4.85
CA SER B 75 15.46 -13.74 3.91
C SER B 75 14.50 -12.57 4.13
N SER B 76 14.21 -12.29 5.40
CA SER B 76 13.31 -11.19 5.75
C SER B 76 13.88 -9.81 5.38
N ILE B 77 15.10 -9.51 5.78
CA ILE B 77 15.66 -8.22 5.41
C ILE B 77 15.84 -8.12 3.88
N ALA B 78 16.08 -9.24 3.21
CA ALA B 78 16.24 -9.18 1.76
C ALA B 78 14.88 -8.90 1.14
N SER B 79 13.84 -9.42 1.75
CA SER B 79 12.49 -9.20 1.24
C SER B 79 12.13 -7.73 1.35
N ILE B 80 12.57 -7.09 2.42
CA ILE B 80 12.28 -5.69 2.58
C ILE B 80 13.15 -4.88 1.65
N ALA B 81 14.33 -5.39 1.34
CA ALA B 81 15.20 -4.72 0.38
C ALA B 81 14.52 -4.72 -0.99
N GLU B 82 13.89 -5.84 -1.36
CA GLU B 82 13.26 -5.92 -2.66
C GLU B 82 12.06 -4.98 -2.75
N ILE B 83 11.14 -5.07 -1.77
CA ILE B 83 9.97 -4.23 -1.75
C ILE B 83 10.29 -2.73 -1.75
N SER B 84 11.33 -2.31 -1.03
CA SER B 84 11.68 -0.89 -0.91
C SER B 84 12.70 -0.40 -1.94
N GLY B 85 13.13 -1.26 -2.84
CA GLY B 85 14.07 -0.83 -3.85
C GLY B 85 15.47 -0.57 -3.31
N GLY B 86 15.91 -1.41 -2.38
CA GLY B 86 17.26 -1.26 -1.87
C GLY B 86 17.44 -0.28 -0.74
N ARG B 87 16.39 0.00 0.03
CA ARG B 87 16.51 0.94 1.13
C ARG B 87 16.64 0.26 2.49
N ALA B 88 16.75 -1.07 2.50
CA ALA B 88 16.85 -1.81 3.77
C ALA B 88 18.26 -1.83 4.35
N VAL B 89 18.35 -1.75 5.67
CA VAL B 89 19.64 -1.85 6.36
C VAL B 89 19.33 -2.70 7.58
N LEU B 90 20.26 -3.56 7.95
CA LEU B 90 20.04 -4.49 9.07
C LEU B 90 20.69 -4.11 10.38
N GLY B 91 19.88 -3.91 11.41
CA GLY B 91 20.41 -3.61 12.73
C GLY B 91 20.35 -4.89 13.55
N LEU B 92 21.49 -5.42 13.97
CA LEU B 92 21.52 -6.64 14.75
C LEU B 92 22.26 -6.46 16.07
N GLY B 93 21.65 -6.91 17.15
CA GLY B 93 22.28 -6.82 18.46
C GLY B 93 22.22 -8.17 19.15
N PRO B 94 22.78 -8.30 20.36
CA PRO B 94 22.71 -9.61 21.02
C PRO B 94 21.39 -9.89 21.72
N GLY B 95 20.54 -8.87 21.89
CA GLY B 95 19.25 -9.06 22.55
C GLY B 95 19.33 -8.73 24.03
N ASP B 96 18.22 -8.40 24.69
CA ASP B 96 18.33 -8.10 26.13
C ASP B 96 17.84 -9.24 27.02
N LYS B 97 18.59 -9.52 28.06
CA LYS B 97 18.27 -10.61 28.99
C LYS B 97 16.83 -10.68 29.48
N ALA B 98 16.21 -9.53 29.81
CA ALA B 98 14.84 -9.53 30.29
C ALA B 98 13.89 -10.17 29.28
N THR B 99 13.94 -9.72 28.03
CA THR B 99 13.07 -10.27 27.01
C THR B 99 13.32 -11.75 26.80
N PHE B 100 14.58 -12.16 26.81
CA PHE B 100 14.92 -13.57 26.59
C PHE B 100 14.47 -14.46 27.72
N ASP B 101 14.52 -13.97 28.96
CA ASP B 101 14.07 -14.79 30.08
C ASP B 101 12.59 -15.12 29.86
N ALA B 102 11.80 -14.13 29.48
CA ALA B 102 10.38 -14.39 29.28
C ALA B 102 10.15 -15.39 28.16
N MET B 103 11.01 -15.34 27.15
CA MET B 103 10.86 -16.22 26.00
C MET B 103 11.46 -17.59 26.22
N GLY B 104 12.03 -17.80 27.42
CA GLY B 104 12.66 -19.07 27.72
C GLY B 104 13.90 -19.30 26.84
N ILE B 105 14.66 -18.24 26.56
CA ILE B 105 15.86 -18.34 25.73
C ILE B 105 17.17 -18.17 26.50
N ALA B 106 18.05 -19.15 26.35
CA ALA B 106 19.36 -19.15 26.99
C ALA B 106 20.29 -18.25 26.19
N TRP B 107 20.65 -17.13 26.79
CA TRP B 107 21.54 -16.16 26.18
C TRP B 107 22.95 -16.76 26.21
N LYS B 108 23.23 -17.67 25.29
CA LYS B 108 24.52 -18.33 25.27
C LYS B 108 25.52 -17.73 24.30
N LYS B 109 26.67 -17.33 24.83
CA LYS B 109 27.75 -16.77 24.02
C LYS B 109 27.31 -15.71 23.00
N PRO B 110 26.79 -14.57 23.48
CA PRO B 110 26.32 -13.46 22.64
C PRO B 110 27.35 -13.02 21.59
N LEU B 111 28.61 -12.90 22.02
CA LEU B 111 29.70 -12.49 21.14
C LEU B 111 29.90 -13.44 19.94
N ALA B 112 30.17 -14.71 20.21
CA ALA B 112 30.40 -15.67 19.13
C ALA B 112 29.17 -15.82 18.24
N THR B 113 28.02 -15.93 18.89
CA THR B 113 26.76 -16.07 18.17
C THR B 113 26.58 -14.92 17.19
N THR B 114 26.67 -13.70 17.70
CA THR B 114 26.50 -12.49 16.89
C THR B 114 27.48 -12.42 15.73
N LYS B 115 28.74 -12.75 15.99
CA LYS B 115 29.74 -12.73 14.91
C LYS B 115 29.40 -13.77 13.84
N GLU B 116 29.11 -14.99 14.26
CA GLU B 116 28.78 -16.06 13.32
C GLU B 116 27.52 -15.76 12.52
N ALA B 117 26.50 -15.25 13.20
CA ALA B 117 25.24 -14.90 12.57
C ALA B 117 25.44 -13.84 11.49
N ILE B 118 26.24 -12.82 11.79
CA ILE B 118 26.50 -11.77 10.82
C ILE B 118 27.32 -12.30 9.62
N GLN B 119 28.20 -13.25 9.87
CA GLN B 119 29.01 -13.78 8.78
C GLN B 119 28.07 -14.58 7.87
N ALA B 120 27.20 -15.36 8.49
CA ALA B 120 26.24 -16.17 7.74
C ALA B 120 25.31 -15.26 6.94
N ILE B 121 24.80 -14.22 7.59
CA ILE B 121 23.86 -13.34 6.93
C ILE B 121 24.51 -12.60 5.73
N ARG B 122 25.71 -12.07 5.93
CA ARG B 122 26.42 -11.41 4.84
C ARG B 122 26.56 -12.35 3.64
N ASP B 123 26.85 -13.62 3.93
CA ASP B 123 26.99 -14.61 2.88
C ASP B 123 25.67 -14.92 2.18
N PHE B 124 24.58 -14.97 2.94
CA PHE B 124 23.27 -15.23 2.34
C PHE B 124 22.91 -14.12 1.36
N ILE B 125 22.96 -12.90 1.90
CA ILE B 125 22.66 -11.68 1.16
C ILE B 125 23.54 -11.54 -0.07
N SER B 126 24.76 -12.06 0.04
CA SER B 126 25.73 -12.01 -1.04
C SER B 126 25.46 -13.04 -2.13
N GLY B 127 24.50 -13.95 -1.88
CA GLY B 127 24.17 -14.97 -2.87
C GLY B 127 24.95 -16.27 -2.77
N LYS B 128 25.80 -16.42 -1.77
CA LYS B 128 26.57 -17.64 -1.62
C LYS B 128 25.79 -18.78 -1.04
N LYS B 129 26.30 -19.98 -1.25
CA LYS B 129 25.71 -21.17 -0.66
C LYS B 129 26.45 -21.19 0.69
N VAL B 130 25.71 -21.20 1.77
CA VAL B 130 26.31 -21.15 3.10
C VAL B 130 26.54 -22.48 3.81
N SER B 131 27.77 -22.69 4.26
CA SER B 131 28.16 -23.89 5.02
C SER B 131 29.00 -23.42 6.20
N MET B 132 28.52 -23.66 7.42
CA MET B 132 29.26 -23.23 8.58
C MET B 132 29.16 -24.29 9.63
N ASP B 133 30.16 -24.31 10.51
CA ASP B 133 30.13 -25.23 11.62
C ASP B 133 30.81 -24.53 12.77
N GLY B 134 30.23 -23.40 13.15
CA GLY B 134 30.79 -22.62 14.24
C GLY B 134 30.40 -23.17 15.60
N GLU B 135 30.85 -22.47 16.64
CA GLU B 135 30.55 -22.90 18.00
C GLU B 135 29.12 -22.59 18.42
N MET B 136 28.38 -21.89 17.57
CA MET B 136 27.01 -21.52 17.89
C MET B 136 26.06 -21.62 16.71
N ILE B 137 26.58 -21.36 15.52
CA ILE B 137 25.78 -21.36 14.32
C ILE B 137 26.29 -22.31 13.25
N LYS B 138 25.36 -23.07 12.65
CA LYS B 138 25.74 -24.00 11.61
C LYS B 138 24.73 -24.04 10.44
N PHE B 139 25.25 -24.22 9.23
CA PHE B 139 24.45 -24.33 8.01
C PHE B 139 25.12 -25.34 7.09
N ALA B 140 24.31 -26.07 6.33
CA ALA B 140 24.83 -27.07 5.43
C ALA B 140 24.27 -26.89 4.02
N GLY B 141 24.90 -26.02 3.24
CA GLY B 141 24.46 -25.78 1.88
C GLY B 141 23.22 -24.93 1.74
N ALA B 142 22.89 -24.14 2.75
CA ALA B 142 21.71 -23.27 2.65
C ALA B 142 21.99 -22.16 1.65
N LYS B 143 20.94 -21.66 0.99
CA LYS B 143 21.14 -20.58 0.02
C LYS B 143 19.84 -19.90 -0.36
N LEU B 144 19.86 -18.57 -0.45
CA LEU B 144 18.68 -17.80 -0.84
C LEU B 144 18.41 -18.05 -2.33
N ALA B 145 17.14 -17.98 -2.72
CA ALA B 145 16.74 -18.21 -4.12
C ALA B 145 16.34 -16.94 -4.87
N PHE B 146 16.56 -15.78 -4.27
CA PHE B 146 16.28 -14.52 -4.96
C PHE B 146 17.44 -13.59 -4.59
N LYS B 147 17.66 -12.54 -5.36
CA LYS B 147 18.78 -11.65 -5.11
C LYS B 147 18.49 -10.49 -4.18
N ALA B 148 19.41 -10.27 -3.25
CA ALA B 148 19.27 -9.25 -2.21
C ALA B 148 19.78 -7.83 -2.48
N GLY B 149 20.73 -7.69 -3.39
CA GLY B 149 21.28 -6.37 -3.62
C GLY B 149 22.14 -6.08 -2.39
N ASN B 150 22.57 -4.84 -2.19
CA ASN B 150 23.39 -4.60 -1.03
C ASN B 150 22.67 -4.15 0.22
N ILE B 151 23.02 -4.79 1.35
CA ILE B 151 22.41 -4.49 2.64
C ILE B 151 23.42 -4.25 3.76
N PRO B 152 23.61 -2.99 4.14
CA PRO B 152 24.56 -2.65 5.23
C PRO B 152 24.11 -3.31 6.54
N ILE B 153 25.07 -3.68 7.39
CA ILE B 153 24.76 -4.29 8.67
C ILE B 153 25.33 -3.45 9.80
N TYR B 154 24.45 -3.05 10.73
CA TYR B 154 24.81 -2.25 11.91
C TYR B 154 24.69 -3.13 13.13
N MET B 155 25.62 -3.01 14.07
CA MET B 155 25.56 -3.81 15.29
C MET B 155 25.10 -2.94 16.44
N GLY B 156 24.28 -3.50 17.32
CA GLY B 156 23.86 -2.76 18.47
C GLY B 156 24.90 -3.18 19.49
N ALA B 157 25.47 -2.24 20.22
CA ALA B 157 26.49 -2.60 21.20
C ALA B 157 26.63 -1.59 22.32
N GLN B 158 26.86 -2.10 23.53
CA GLN B 158 27.05 -1.27 24.71
C GLN B 158 28.39 -1.60 25.34
N GLY B 159 28.59 -2.90 25.58
CA GLY B 159 29.80 -3.38 26.20
C GLY B 159 31.06 -3.20 25.37
N PRO B 160 32.21 -3.08 26.04
CA PRO B 160 33.51 -2.91 25.39
C PRO B 160 33.84 -3.99 24.37
N LYS B 161 33.47 -5.23 24.66
CA LYS B 161 33.78 -6.28 23.73
C LYS B 161 32.91 -6.20 22.51
N MET B 162 31.61 -6.00 22.69
CA MET B 162 30.71 -5.88 21.53
C MET B 162 31.17 -4.73 20.65
N LEU B 163 31.54 -3.61 21.29
CA LEU B 163 31.99 -2.43 20.55
C LEU B 163 33.20 -2.74 19.68
N GLU B 164 34.12 -3.51 20.22
CA GLU B 164 35.33 -3.89 19.52
C GLU B 164 34.95 -4.80 18.36
N LEU B 165 34.06 -5.75 18.61
CA LEU B 165 33.62 -6.65 17.55
C LEU B 165 32.93 -5.86 16.41
N ALA B 166 32.13 -4.85 16.76
CA ALA B 166 31.48 -4.02 15.74
C ALA B 166 32.54 -3.35 14.85
N GLY B 167 33.63 -2.87 15.45
CA GLY B 167 34.67 -2.21 14.68
C GLY B 167 35.35 -3.18 13.73
N GLU B 168 35.35 -4.43 14.11
CA GLU B 168 35.96 -5.50 13.33
C GLU B 168 35.06 -6.00 12.16
N ILE B 169 33.73 -6.02 12.34
CA ILE B 169 32.86 -6.56 11.30
C ILE B 169 31.66 -5.76 10.77
N ALA B 170 31.20 -4.75 11.51
CA ALA B 170 30.01 -4.02 11.09
C ALA B 170 30.23 -2.81 10.22
N ASP B 171 29.16 -2.36 9.57
CA ASP B 171 29.20 -1.16 8.72
C ASP B 171 28.82 0.06 9.58
N GLY B 172 28.22 -0.20 10.74
CA GLY B 172 27.82 0.85 11.65
C GLY B 172 27.55 0.31 13.04
N VAL B 173 27.55 1.18 14.04
CA VAL B 173 27.30 0.73 15.39
C VAL B 173 26.22 1.58 16.03
N LEU B 174 25.14 0.95 16.48
CA LEU B 174 24.07 1.68 17.17
C LEU B 174 24.39 1.57 18.65
N ILE B 175 24.81 2.68 19.25
CA ILE B 175 25.19 2.75 20.66
C ILE B 175 24.14 3.46 21.50
N ASN B 176 23.55 2.75 22.46
CA ASN B 176 22.54 3.29 23.35
C ASN B 176 23.09 4.28 24.38
N ALA B 177 23.53 5.45 23.94
CA ALA B 177 24.08 6.46 24.84
C ALA B 177 23.79 7.85 24.30
N SER B 178 24.03 8.88 25.10
CA SER B 178 23.74 10.25 24.67
C SER B 178 24.84 11.26 24.98
N HIS B 179 25.77 10.86 25.83
CA HIS B 179 26.79 11.78 26.29
C HIS B 179 28.17 11.57 25.70
N PRO B 180 28.86 12.68 25.38
CA PRO B 180 30.21 12.58 24.82
C PRO B 180 31.16 11.63 25.55
N LYS B 181 31.11 11.61 26.88
CA LYS B 181 31.97 10.71 27.67
C LYS B 181 31.81 9.25 27.26
N ASP B 182 30.58 8.83 27.02
CA ASP B 182 30.33 7.46 26.61
C ASP B 182 30.88 7.17 25.20
N PHE B 183 30.73 8.11 24.29
CA PHE B 183 31.22 7.91 22.94
C PHE B 183 32.73 8.05 22.83
N GLU B 184 33.36 8.68 23.82
CA GLU B 184 34.80 8.82 23.81
C GLU B 184 35.34 7.39 24.00
N VAL B 185 34.75 6.67 24.94
CA VAL B 185 35.13 5.28 25.24
C VAL B 185 34.76 4.35 24.08
N ALA B 186 33.56 4.51 23.54
CA ALA B 186 33.09 3.68 22.45
C ALA B 186 33.94 3.80 21.20
N VAL B 187 34.30 5.01 20.82
CA VAL B 187 35.10 5.22 19.61
C VAL B 187 36.47 4.56 19.71
N GLU B 188 37.05 4.53 20.91
CA GLU B 188 38.31 3.84 21.07
C GLU B 188 38.14 2.33 20.87
N GLN B 189 37.11 1.75 21.47
CA GLN B 189 36.86 0.32 21.30
C GLN B 189 36.64 -0.01 19.82
N ILE B 190 35.89 0.82 19.13
CA ILE B 190 35.59 0.55 17.72
C ILE B 190 36.87 0.65 16.94
N LYS B 191 37.72 1.58 17.33
CA LYS B 191 38.98 1.76 16.65
C LYS B 191 39.89 0.54 16.86
N LYS B 192 39.92 -0.01 18.06
CA LYS B 192 40.75 -1.19 18.32
C LYS B 192 40.26 -2.34 17.42
N GLY B 193 38.94 -2.51 17.34
CA GLY B 193 38.39 -3.57 16.51
C GLY B 193 38.68 -3.34 15.04
N ALA B 194 38.61 -2.09 14.61
CA ALA B 194 38.85 -1.78 13.21
C ALA B 194 40.30 -2.09 12.81
N GLU B 195 41.25 -1.76 13.69
CA GLU B 195 42.66 -2.02 13.43
C GLU B 195 42.93 -3.51 13.51
N LYS B 196 42.27 -4.19 14.46
CA LYS B 196 42.45 -5.62 14.58
C LYS B 196 42.05 -6.31 13.28
N ALA B 197 41.11 -5.71 12.54
CA ALA B 197 40.63 -6.28 11.28
C ALA B 197 41.28 -5.64 10.07
N GLY B 198 42.13 -4.65 10.32
CA GLY B 198 42.80 -4.00 9.22
C GLY B 198 41.95 -3.14 8.32
N ARG B 199 40.82 -2.66 8.81
CA ARG B 199 40.01 -1.79 7.99
C ARG B 199 40.12 -0.38 8.51
N ASP B 200 39.77 0.59 7.66
CA ASP B 200 39.80 1.99 8.03
C ASP B 200 38.64 2.24 9.00
N PRO B 201 38.95 2.66 10.25
CA PRO B 201 37.87 2.91 11.23
C PRO B 201 36.82 3.92 10.83
N SER B 202 37.16 4.80 9.90
CA SER B 202 36.19 5.82 9.49
C SER B 202 35.15 5.26 8.51
N GLU B 203 35.19 3.95 8.30
CA GLU B 203 34.23 3.30 7.42
C GLU B 203 32.96 3.07 8.24
N VAL B 204 33.08 2.91 9.56
CA VAL B 204 31.88 2.59 10.33
C VAL B 204 31.06 3.79 10.77
N ASP B 205 29.76 3.69 10.55
CA ASP B 205 28.85 4.75 10.90
C ASP B 205 28.58 4.67 12.41
N VAL B 206 29.35 5.43 13.17
CA VAL B 206 29.20 5.46 14.62
C VAL B 206 27.95 6.26 14.93
N THR B 207 26.91 5.60 15.42
CA THR B 207 25.69 6.35 15.65
C THR B 207 25.19 6.33 17.08
N ALA B 208 24.68 7.48 17.51
CA ALA B 208 24.16 7.63 18.87
C ALA B 208 22.69 7.33 18.88
N TYR B 209 22.32 6.18 19.43
CA TYR B 209 20.91 5.79 19.53
C TYR B 209 20.49 6.42 20.86
N ALA B 210 20.16 7.71 20.81
CA ALA B 210 19.85 8.43 22.05
C ALA B 210 18.40 8.57 22.47
N CYS B 211 18.20 8.87 23.75
CA CYS B 211 16.89 9.14 24.30
C CYS B 211 16.80 10.62 23.91
N PHE B 212 15.83 10.96 23.09
CA PHE B 212 15.70 12.31 22.55
C PHE B 212 14.36 12.95 22.96
N SER B 213 14.39 14.21 23.33
CA SER B 213 13.18 14.92 23.69
C SER B 213 13.36 16.40 23.41
N ILE B 214 12.67 16.86 22.38
CA ILE B 214 12.78 18.24 21.94
C ILE B 214 11.42 18.94 21.90
N ASP B 215 11.41 20.20 22.29
CA ASP B 215 10.22 21.03 22.32
C ASP B 215 10.67 22.47 22.51
N LYS B 216 9.85 23.44 22.11
CA LYS B 216 10.19 24.87 22.28
C LYS B 216 10.25 25.20 23.78
N ASP B 217 9.47 24.45 24.57
CA ASP B 217 9.43 24.59 26.01
C ASP B 217 10.30 23.48 26.63
N PRO B 218 11.48 23.85 27.15
CA PRO B 218 12.41 22.90 27.75
C PRO B 218 11.88 22.01 28.88
N VAL B 219 11.02 22.54 29.72
CA VAL B 219 10.49 21.73 30.82
C VAL B 219 9.49 20.71 30.28
N LYS B 220 8.85 21.02 29.18
CA LYS B 220 7.93 20.05 28.60
C LYS B 220 8.81 18.91 28.06
N ALA B 221 9.98 19.27 27.55
CA ALA B 221 10.90 18.31 26.97
C ALA B 221 11.48 17.36 28.02
N VAL B 222 11.99 17.90 29.12
CA VAL B 222 12.58 17.03 30.13
C VAL B 222 11.54 16.11 30.78
N ASN B 223 10.33 16.61 31.01
CA ASN B 223 9.31 15.78 31.62
C ASN B 223 8.96 14.59 30.76
N ALA B 224 8.96 14.78 29.44
CA ALA B 224 8.64 13.69 28.52
C ALA B 224 9.74 12.61 28.51
N ALA B 225 10.94 13.00 28.93
CA ALA B 225 12.08 12.08 28.94
C ALA B 225 12.40 11.39 30.28
N LYS B 226 11.83 11.89 31.38
CA LYS B 226 12.15 11.33 32.69
C LYS B 226 11.93 9.84 32.87
N VAL B 227 10.73 9.35 32.53
CA VAL B 227 10.48 7.94 32.71
C VAL B 227 11.48 7.14 31.91
N VAL B 228 11.74 7.53 30.67
CA VAL B 228 12.70 6.78 29.86
C VAL B 228 14.10 6.85 30.48
N VAL B 229 14.51 8.03 30.94
CA VAL B 229 15.82 8.17 31.56
C VAL B 229 15.92 7.26 32.79
N ALA B 230 14.80 7.11 33.50
CA ALA B 230 14.69 6.27 34.70
C ALA B 230 15.05 4.83 34.37
N PHE B 231 14.41 4.27 33.34
CA PHE B 231 14.70 2.90 32.93
C PHE B 231 16.15 2.77 32.46
N ILE B 232 16.68 3.82 31.84
CA ILE B 232 18.06 3.76 31.40
C ILE B 232 18.97 3.66 32.63
N VAL B 233 18.72 4.52 33.62
CA VAL B 233 19.53 4.53 34.83
C VAL B 233 19.39 3.21 35.58
N ALA B 234 18.17 2.68 35.60
CA ALA B 234 17.92 1.43 36.31
C ALA B 234 18.72 0.28 35.73
N GLY B 235 18.98 0.32 34.43
CA GLY B 235 19.73 -0.75 33.80
C GLY B 235 21.19 -0.46 33.51
N SER B 236 21.70 0.68 33.95
CA SER B 236 23.08 1.05 33.70
C SER B 236 24.08 0.37 34.62
N PRO B 237 25.13 -0.21 34.05
CA PRO B 237 26.15 -0.89 34.84
C PRO B 237 26.87 0.15 35.70
N ASP B 238 27.22 -0.24 36.92
CA ASP B 238 27.90 0.65 37.87
C ASP B 238 28.98 1.51 37.23
N LEU B 239 29.75 0.89 36.34
CA LEU B 239 30.85 1.57 35.65
C LEU B 239 30.34 2.85 34.94
N VAL B 240 29.19 2.75 34.28
CA VAL B 240 28.61 3.87 33.56
C VAL B 240 28.07 4.96 34.48
N LEU B 241 27.32 4.56 35.50
CA LEU B 241 26.79 5.53 36.46
C LEU B 241 27.96 6.31 37.03
N GLU B 242 29.02 5.58 37.34
CA GLU B 242 30.25 6.15 37.89
C GLU B 242 30.78 7.31 37.04
N ARG B 243 30.99 7.00 35.76
CA ARG B 243 31.49 7.91 34.75
C ARG B 243 30.75 9.26 34.70
N HIS B 244 29.48 9.26 35.05
CA HIS B 244 28.67 10.47 35.03
C HIS B 244 28.43 11.07 36.42
N GLY B 245 29.13 10.54 37.41
CA GLY B 245 28.98 11.05 38.76
C GLY B 245 27.56 10.90 39.26
N ILE B 246 27.00 9.72 39.08
CA ILE B 246 25.64 9.46 39.53
C ILE B 246 25.73 8.37 40.58
N PRO B 247 25.34 8.70 41.84
CA PRO B 247 25.37 7.76 42.96
C PRO B 247 24.82 6.43 42.53
N VAL B 248 25.65 5.39 42.59
CA VAL B 248 25.23 4.06 42.19
C VAL B 248 24.01 3.57 43.01
N GLU B 249 23.79 4.21 44.15
CA GLU B 249 22.68 3.88 45.04
C GLU B 249 21.37 4.34 44.42
N ALA B 250 21.45 5.38 43.59
CA ALA B 250 20.28 5.93 42.93
C ALA B 250 19.63 4.89 42.03
N LYS B 251 20.43 3.97 41.51
CA LYS B 251 19.94 2.92 40.62
C LYS B 251 18.94 1.99 41.33
N SER B 252 19.24 1.67 42.58
CA SER B 252 18.39 0.79 43.38
C SER B 252 17.12 1.56 43.75
N GLN B 253 17.34 2.80 44.15
CA GLN B 253 16.25 3.67 44.56
C GLN B 253 15.23 3.83 43.44
N ILE B 254 15.73 3.97 42.21
CA ILE B 254 14.89 4.13 41.03
C ILE B 254 14.32 2.79 40.63
N GLY B 255 15.12 1.73 40.72
CA GLY B 255 14.64 0.41 40.36
C GLY B 255 13.48 0.05 41.27
N ALA B 256 13.59 0.46 42.53
CA ALA B 256 12.58 0.21 43.53
C ALA B 256 11.29 0.90 43.08
N ALA B 257 11.36 2.22 42.94
CA ALA B 257 10.22 3.03 42.54
C ALA B 257 9.56 2.47 41.28
N ILE B 258 10.36 1.96 40.36
CA ILE B 258 9.83 1.41 39.13
C ILE B 258 9.09 0.10 39.42
N ALA B 259 9.67 -0.69 40.33
CA ALA B 259 9.08 -1.96 40.72
C ALA B 259 7.71 -1.73 41.32
N LYS B 260 7.61 -0.72 42.16
CA LYS B 260 6.36 -0.37 42.82
C LYS B 260 5.47 0.46 41.89
N GLY B 261 6.00 0.83 40.73
CA GLY B 261 5.23 1.62 39.80
C GLY B 261 4.97 3.02 40.35
N ASP B 262 5.85 3.46 41.24
CA ASP B 262 5.74 4.78 41.85
C ASP B 262 6.36 5.84 40.93
N PHE B 263 5.75 6.01 39.75
CA PHE B 263 6.23 6.98 38.78
C PHE B 263 6.12 8.41 39.33
N GLY B 264 5.35 8.56 40.40
CA GLY B 264 5.18 9.87 41.01
C GLY B 264 6.49 10.27 41.66
N ALA B 265 7.25 9.26 42.07
CA ALA B 265 8.55 9.49 42.69
C ALA B 265 9.54 9.85 41.60
N LEU B 266 9.48 9.11 40.49
CA LEU B 266 10.36 9.34 39.37
C LEU B 266 10.24 10.79 38.89
N MET B 267 9.01 11.25 38.73
CA MET B 267 8.76 12.61 38.27
C MET B 267 9.05 13.58 39.41
N GLY B 268 8.81 13.13 40.63
CA GLY B 268 9.01 13.97 41.81
C GLY B 268 10.40 14.38 42.24
N GLY B 269 11.45 13.80 41.64
CA GLY B 269 12.79 14.17 42.03
C GLY B 269 13.82 13.05 41.92
N LEU B 270 13.36 11.80 41.82
CA LEU B 270 14.26 10.66 41.69
C LEU B 270 15.15 10.80 40.44
N VAL B 271 14.57 11.21 39.32
CA VAL B 271 15.36 11.41 38.12
C VAL B 271 15.94 12.83 38.28
N THR B 272 17.24 12.88 38.53
CA THR B 272 17.89 14.15 38.76
C THR B 272 18.27 14.82 37.47
N PRO B 273 18.56 16.12 37.53
CA PRO B 273 18.95 16.80 36.30
C PRO B 273 20.25 16.25 35.76
N GLN B 274 21.05 15.66 36.64
CA GLN B 274 22.31 15.08 36.20
C GLN B 274 22.04 13.84 35.37
N MET B 275 21.05 13.04 35.77
CA MET B 275 20.72 11.84 35.03
C MET B 275 20.23 12.23 33.66
N ILE B 276 19.41 13.28 33.61
CA ILE B 276 18.86 13.75 32.35
C ILE B 276 19.94 14.27 31.42
N GLU B 277 20.91 14.97 31.99
CA GLU B 277 21.99 15.47 31.18
C GLU B 277 22.91 14.37 30.70
N ALA B 278 23.04 13.28 31.44
CA ALA B 278 23.95 12.23 31.00
C ALA B 278 23.30 11.20 30.09
N PHE B 279 22.00 10.97 30.25
CA PHE B 279 21.37 9.90 29.50
C PHE B 279 20.36 10.28 28.45
N SER B 280 20.31 11.55 28.10
CA SER B 280 19.36 11.98 27.09
C SER B 280 19.81 13.26 26.42
N ILE B 281 19.31 13.48 25.21
CA ILE B 281 19.58 14.69 24.48
C ILE B 281 18.24 15.39 24.54
N CYS B 282 18.08 16.35 25.44
CA CYS B 282 16.80 17.02 25.46
C CYS B 282 16.84 18.49 25.85
N GLY B 283 15.74 19.17 25.52
CA GLY B 283 15.60 20.58 25.80
C GLY B 283 15.04 21.26 24.57
N THR B 284 15.51 22.49 24.32
CA THR B 284 15.07 23.27 23.17
C THR B 284 15.95 22.91 22.00
N PRO B 285 15.61 23.41 20.80
CA PRO B 285 16.47 23.09 19.66
C PRO B 285 17.93 23.49 19.89
N ASP B 286 18.18 24.61 20.56
CA ASP B 286 19.55 25.04 20.82
C ASP B 286 20.27 24.06 21.74
N ASP B 287 19.61 23.67 22.82
CA ASP B 287 20.22 22.72 23.71
C ASP B 287 20.61 21.46 22.94
N CYS B 288 19.69 20.95 22.14
CA CYS B 288 19.94 19.73 21.38
C CYS B 288 21.07 19.90 20.37
N MET B 289 21.12 21.07 19.73
CA MET B 289 22.15 21.34 18.76
C MET B 289 23.54 21.27 19.41
N LYS B 290 23.66 21.89 20.59
CA LYS B 290 24.94 21.91 21.30
C LYS B 290 25.41 20.51 21.56
N ARG B 291 24.54 19.71 22.17
CA ARG B 291 24.88 18.33 22.44
C ARG B 291 25.26 17.58 21.15
N ILE B 292 24.49 17.76 20.08
CA ILE B 292 24.78 17.09 18.81
C ILE B 292 26.16 17.45 18.29
N LYS B 293 26.52 18.73 18.34
CA LYS B 293 27.84 19.12 17.85
C LYS B 293 28.97 18.60 18.73
N ASP B 294 28.69 18.41 20.03
CA ASP B 294 29.69 17.84 20.92
C ASP B 294 29.96 16.41 20.48
N LEU B 295 28.89 15.68 20.21
CA LEU B 295 28.99 14.29 19.77
C LEU B 295 29.71 14.20 18.44
N GLU B 296 29.44 15.16 17.55
CA GLU B 296 30.08 15.20 16.26
C GLU B 296 31.61 15.31 16.41
N ALA B 297 32.04 16.19 17.31
CA ALA B 297 33.46 16.41 17.56
C ALA B 297 34.17 15.17 18.11
N ILE B 298 33.44 14.31 18.81
CA ILE B 298 33.96 13.08 19.37
C ILE B 298 34.00 11.98 18.30
N GLY B 299 33.42 12.23 17.14
CA GLY B 299 33.41 11.18 16.10
C GLY B 299 32.07 10.50 15.78
N VAL B 300 30.95 10.97 16.33
CA VAL B 300 29.62 10.40 16.03
C VAL B 300 29.23 10.89 14.61
N THR B 301 28.74 9.97 13.78
CA THR B 301 28.41 10.32 12.41
C THR B 301 26.91 10.25 12.14
N GLN B 302 26.17 9.61 13.02
CA GLN B 302 24.73 9.57 12.88
C GLN B 302 24.08 9.75 14.25
N ILE B 303 23.09 10.61 14.31
CA ILE B 303 22.36 10.79 15.55
C ILE B 303 20.94 10.30 15.34
N VAL B 304 20.48 9.41 16.21
CA VAL B 304 19.13 8.90 16.10
C VAL B 304 18.28 9.49 17.20
N ALA B 305 17.11 10.02 16.86
CA ALA B 305 16.20 10.55 17.86
C ALA B 305 15.36 9.38 18.34
N GLY B 306 15.78 8.81 19.47
CA GLY B 306 15.06 7.70 20.05
C GLY B 306 13.96 8.19 20.99
N SER B 307 13.10 7.28 21.42
CA SER B 307 12.00 7.62 22.31
C SER B 307 12.41 8.55 23.45
N PRO B 308 11.53 9.50 23.82
CA PRO B 308 10.21 9.75 23.27
C PRO B 308 10.17 10.61 22.01
N ILE B 309 11.34 11.14 21.62
CA ILE B 309 11.50 12.05 20.47
C ILE B 309 11.10 13.47 20.93
N GLY B 310 10.00 13.57 21.68
CA GLY B 310 9.53 14.84 22.16
C GLY B 310 8.17 14.69 22.84
N PRO B 311 7.60 15.78 23.40
CA PRO B 311 6.29 15.67 24.04
C PRO B 311 5.21 15.10 23.11
N ALA B 312 5.20 15.53 21.85
CA ALA B 312 4.25 15.00 20.84
C ALA B 312 5.08 14.72 19.60
N LYS B 313 5.07 13.47 19.14
CA LYS B 313 5.88 13.06 17.99
C LYS B 313 5.85 13.89 16.73
N GLU B 314 4.65 14.14 16.21
CA GLU B 314 4.49 14.89 14.99
C GLU B 314 5.15 16.26 15.04
N LYS B 315 4.91 16.99 16.13
CA LYS B 315 5.50 18.30 16.28
C LYS B 315 7.00 18.23 16.48
N ALA B 316 7.46 17.20 17.21
CA ALA B 316 8.89 17.03 17.47
C ALA B 316 9.67 16.72 16.19
N ILE B 317 9.09 15.85 15.35
CA ILE B 317 9.74 15.50 14.09
C ILE B 317 9.91 16.75 13.24
N LYS B 318 8.89 17.60 13.18
CA LYS B 318 8.97 18.82 12.40
C LYS B 318 10.01 19.78 13.01
N LEU B 319 10.05 19.87 14.34
CA LEU B 319 11.02 20.74 14.99
C LEU B 319 12.45 20.35 14.64
N ILE B 320 12.71 19.04 14.68
CA ILE B 320 14.02 18.52 14.38
C ILE B 320 14.38 18.82 12.92
N GLY B 321 13.40 18.68 12.03
CA GLY B 321 13.65 18.93 10.63
C GLY B 321 14.02 20.38 10.34
N LYS B 322 13.19 21.25 10.88
CA LYS B 322 13.31 22.68 10.71
C LYS B 322 14.44 23.32 11.50
N GLU B 323 14.52 23.01 12.79
CA GLU B 323 15.54 23.62 13.64
C GLU B 323 16.85 22.86 13.86
N ILE B 324 17.03 21.72 13.23
CA ILE B 324 18.25 20.98 13.42
C ILE B 324 18.81 20.40 12.12
N ILE B 325 18.04 19.56 11.43
CA ILE B 325 18.55 18.98 10.21
C ILE B 325 18.88 20.07 9.21
N ALA B 326 18.01 21.05 9.07
CA ALA B 326 18.29 22.14 8.12
C ALA B 326 19.45 22.90 8.76
N LYS B 327 20.25 22.13 9.52
CA LYS B 327 21.44 22.54 10.30
C LYS B 327 21.40 23.95 10.79
N MET C 1 20.77 9.41 -22.49
CA MET C 1 19.38 9.11 -22.94
C MET C 1 18.55 8.63 -21.74
N LYS C 2 17.40 9.26 -21.54
CA LYS C 2 16.48 8.85 -20.48
C LYS C 2 15.52 7.81 -21.09
N PHE C 3 15.00 6.91 -20.26
CA PHE C 3 14.07 5.91 -20.77
C PHE C 3 12.79 5.88 -19.99
N GLY C 4 11.67 5.86 -20.73
CA GLY C 4 10.36 5.80 -20.10
C GLY C 4 9.55 4.64 -20.66
N ILE C 5 8.40 4.37 -20.05
CA ILE C 5 7.54 3.28 -20.48
C ILE C 5 6.09 3.68 -20.23
N GLU C 6 5.20 3.23 -21.11
CA GLU C 6 3.78 3.58 -21.00
C GLU C 6 2.86 2.41 -20.69
N PHE C 7 1.90 2.64 -19.78
CA PHE C 7 0.92 1.62 -19.45
C PHE C 7 -0.48 2.23 -19.56
N VAL C 8 -1.41 1.43 -20.09
CA VAL C 8 -2.79 1.87 -20.28
C VAL C 8 -3.64 1.26 -19.17
N PRO C 9 -4.42 2.08 -18.43
CA PRO C 9 -5.23 1.46 -17.37
C PRO C 9 -6.38 0.56 -17.84
N SER C 10 -6.10 -0.23 -18.87
CA SER C 10 -7.12 -1.18 -19.34
C SER C 10 -6.88 -2.47 -18.55
N ASP C 11 -5.85 -2.45 -17.69
CA ASP C 11 -5.51 -3.56 -16.81
C ASP C 11 -5.71 -2.95 -15.42
N PRO C 12 -5.95 -3.79 -14.40
CA PRO C 12 -6.15 -3.27 -13.03
C PRO C 12 -4.86 -2.59 -12.61
N ALA C 13 -4.97 -1.58 -11.75
CA ALA C 13 -3.79 -0.88 -11.27
C ALA C 13 -2.78 -1.79 -10.59
N LEU C 14 -3.24 -2.79 -9.84
CA LEU C 14 -2.31 -3.68 -9.13
C LEU C 14 -1.41 -4.45 -10.11
N LYS C 15 -1.95 -4.86 -11.24
CA LYS C 15 -1.12 -5.53 -12.22
C LYS C 15 -0.12 -4.53 -12.82
N ILE C 16 -0.56 -3.30 -13.12
CA ILE C 16 0.36 -2.30 -13.68
C ILE C 16 1.48 -1.98 -12.67
N ALA C 17 1.14 -1.91 -11.38
CA ALA C 17 2.15 -1.60 -10.35
C ALA C 17 3.32 -2.57 -10.44
N TYR C 18 3.06 -3.83 -10.77
CA TYR C 18 4.17 -4.76 -10.87
C TYR C 18 5.07 -4.40 -12.07
N TYR C 19 4.48 -4.08 -13.22
CA TYR C 19 5.25 -3.72 -14.41
C TYR C 19 6.06 -2.48 -14.14
N ALA C 20 5.47 -1.56 -13.38
CA ALA C 20 6.14 -0.30 -13.07
C ALA C 20 7.33 -0.54 -12.13
N LYS C 21 7.13 -1.44 -11.15
CA LYS C 21 8.18 -1.77 -10.21
C LYS C 21 9.32 -2.40 -10.99
N LEU C 22 8.98 -3.37 -11.85
CA LEU C 22 9.96 -4.04 -12.70
C LEU C 22 10.79 -3.03 -13.48
N SER C 23 10.12 -2.04 -14.09
CA SER C 23 10.76 -0.98 -14.85
C SER C 23 11.72 -0.19 -13.97
N GLU C 24 11.33 0.04 -12.72
CA GLU C 24 12.19 0.76 -11.82
C GLU C 24 13.47 -0.07 -11.62
N GLN C 25 13.31 -1.37 -11.45
CA GLN C 25 14.48 -2.24 -11.20
C GLN C 25 15.35 -2.36 -12.44
N GLN C 26 14.72 -2.23 -13.61
CA GLN C 26 15.43 -2.32 -14.86
C GLN C 26 16.12 -1.04 -15.31
N GLY C 27 16.03 0.01 -14.51
CA GLY C 27 16.68 1.26 -14.85
C GLY C 27 15.90 2.32 -15.62
N PHE C 28 14.57 2.19 -15.73
CA PHE C 28 13.80 3.20 -16.45
C PHE C 28 13.72 4.46 -15.59
N ASP C 29 13.55 5.60 -16.26
CA ASP C 29 13.46 6.90 -15.59
C ASP C 29 12.02 7.35 -15.34
N HIS C 30 11.11 6.97 -16.24
CA HIS C 30 9.72 7.41 -16.18
C HIS C 30 8.70 6.32 -16.50
N VAL C 31 7.55 6.35 -15.84
CA VAL C 31 6.49 5.49 -16.31
C VAL C 31 5.39 6.53 -16.55
N TRP C 32 4.68 6.35 -17.65
CA TRP C 32 3.63 7.28 -18.04
C TRP C 32 2.33 6.51 -18.14
N ILE C 33 1.25 7.11 -17.64
CA ILE C 33 -0.05 6.44 -17.65
C ILE C 33 -1.08 7.19 -18.49
N THR C 34 -1.75 6.48 -19.40
CA THR C 34 -2.73 7.13 -20.27
C THR C 34 -4.00 7.51 -19.52
N ASP C 35 -4.70 8.52 -20.03
CA ASP C 35 -5.92 9.05 -19.40
C ASP C 35 -7.09 9.09 -20.38
N HIS C 36 -8.06 8.21 -20.13
CA HIS C 36 -9.26 8.13 -20.97
C HIS C 36 -10.36 7.70 -20.02
N TYR C 37 -11.51 8.37 -20.10
CA TYR C 37 -12.62 8.06 -19.23
C TYR C 37 -13.02 6.60 -19.26
N ASN C 38 -12.83 5.92 -20.38
CA ASN C 38 -13.27 4.53 -20.46
C ASN C 38 -12.41 3.50 -19.74
N ASN C 39 -11.17 3.84 -19.37
CA ASN C 39 -10.35 2.90 -18.60
C ASN C 39 -10.31 3.37 -17.16
N ARG C 40 -9.53 2.70 -16.32
CA ARG C 40 -9.43 3.15 -14.94
C ARG C 40 -8.86 4.57 -14.85
N ASP C 41 -9.30 5.27 -13.81
CA ASP C 41 -8.88 6.63 -13.45
C ASP C 41 -7.34 6.73 -13.49
N VAL C 42 -6.82 7.77 -14.11
CA VAL C 42 -5.38 7.97 -14.20
C VAL C 42 -4.77 8.22 -12.79
N TYR C 43 -5.54 8.80 -11.87
CA TYR C 43 -5.00 9.13 -10.55
C TYR C 43 -5.06 8.03 -9.47
N SER C 44 -6.12 7.23 -9.44
CA SER C 44 -6.17 6.15 -8.48
C SER C 44 -5.06 5.20 -8.94
N THR C 45 -4.87 5.07 -10.26
CA THR C 45 -3.82 4.22 -10.80
C THR C 45 -2.45 4.75 -10.40
N LEU C 46 -2.21 6.05 -10.60
CA LEU C 46 -0.91 6.61 -10.21
C LEU C 46 -0.68 6.45 -8.70
N THR C 47 -1.75 6.48 -7.90
CA THR C 47 -1.62 6.30 -6.46
C THR C 47 -1.10 4.90 -6.12
N VAL C 48 -1.71 3.83 -6.65
CA VAL C 48 -1.15 2.52 -6.35
C VAL C 48 0.27 2.34 -6.93
N LEU C 49 0.60 2.98 -8.05
CA LEU C 49 1.96 2.90 -8.58
C LEU C 49 2.96 3.54 -7.63
N ALA C 50 2.60 4.74 -7.13
CA ALA C 50 3.45 5.49 -6.19
C ALA C 50 3.72 4.71 -4.91
N LEU C 51 2.70 4.03 -4.40
CA LEU C 51 2.87 3.24 -3.18
C LEU C 51 3.74 2.00 -3.44
N ASN C 52 3.77 1.50 -4.67
CA ASN C 52 4.56 0.32 -4.97
C ASN C 52 5.87 0.59 -5.70
N THR C 53 6.32 1.84 -5.73
CA THR C 53 7.60 2.15 -6.37
C THR C 53 8.39 3.04 -5.39
N ASN C 54 9.63 3.39 -5.70
CA ASN C 54 10.40 4.18 -4.72
C ASN C 54 11.19 5.35 -5.28
N SER C 55 11.71 5.16 -6.50
CA SER C 55 12.55 6.17 -7.12
C SER C 55 12.15 6.61 -8.52
N ILE C 56 11.50 5.74 -9.27
CA ILE C 56 11.11 6.08 -10.64
C ILE C 56 10.10 7.22 -10.68
N LYS C 57 10.21 8.09 -11.67
CA LYS C 57 9.27 9.20 -11.81
C LYS C 57 7.98 8.69 -12.44
N ILE C 58 6.86 9.27 -12.02
CA ILE C 58 5.57 8.83 -12.54
C ILE C 58 4.65 9.97 -12.89
N GLY C 59 3.71 9.72 -13.78
CA GLY C 59 2.77 10.77 -14.14
C GLY C 59 1.87 10.46 -15.29
N PRO C 60 0.81 11.28 -15.48
CA PRO C 60 -0.10 11.04 -16.60
C PRO C 60 0.59 11.38 -17.95
N GLY C 61 0.31 10.55 -18.96
CA GLY C 61 0.84 10.77 -20.29
C GLY C 61 -0.23 10.43 -21.34
N VAL C 62 -1.14 11.37 -21.62
CA VAL C 62 -1.15 12.67 -20.96
C VAL C 62 -2.60 12.93 -20.53
N THR C 63 -2.81 13.82 -19.56
CA THR C 63 -4.18 14.15 -19.18
C THR C 63 -4.51 15.38 -20.04
N ASN C 64 -5.59 16.10 -19.74
CA ASN C 64 -5.94 17.26 -20.57
C ASN C 64 -6.64 18.35 -19.78
N SER C 65 -7.01 19.43 -20.46
CA SER C 65 -7.65 20.56 -19.79
C SER C 65 -9.17 20.58 -19.85
N TYR C 66 -9.76 19.57 -20.49
CA TYR C 66 -11.21 19.57 -20.65
C TYR C 66 -12.05 18.64 -19.79
N THR C 67 -11.55 17.44 -19.51
CA THR C 67 -12.33 16.49 -18.74
C THR C 67 -12.34 16.78 -17.22
N ARG C 68 -11.42 17.64 -16.82
CA ARG C 68 -11.29 18.05 -15.42
C ARG C 68 -10.90 19.52 -15.37
N ASN C 69 -11.44 20.28 -14.43
CA ASN C 69 -11.06 21.68 -14.27
C ASN C 69 -9.55 21.70 -13.91
N PRO C 70 -8.76 22.62 -14.50
CA PRO C 70 -7.32 22.69 -14.20
C PRO C 70 -6.94 22.74 -12.72
N ALA C 71 -7.82 23.30 -11.88
CA ALA C 71 -7.53 23.38 -10.45
C ALA C 71 -7.53 21.94 -9.87
N ILE C 72 -8.46 21.11 -10.34
CA ILE C 72 -8.53 19.71 -9.93
C ILE C 72 -7.26 18.98 -10.41
N THR C 73 -6.81 19.26 -11.62
CA THR C 73 -5.62 18.61 -12.13
C THR C 73 -4.44 19.00 -11.24
N ALA C 74 -4.38 20.29 -10.87
CA ALA C 74 -3.27 20.77 -10.03
C ALA C 74 -3.23 20.04 -8.71
N SER C 75 -4.39 19.96 -8.09
CA SER C 75 -4.53 19.31 -6.81
C SER C 75 -4.18 17.82 -6.91
N SER C 76 -4.64 17.16 -7.96
CA SER C 76 -4.38 15.73 -8.15
C SER C 76 -2.89 15.42 -8.37
N ILE C 77 -2.25 16.14 -9.27
CA ILE C 77 -0.84 15.86 -9.50
C ILE C 77 -0.03 16.23 -8.24
N ALA C 78 -0.49 17.25 -7.50
CA ALA C 78 0.22 17.62 -6.28
C ALA C 78 0.03 16.53 -5.22
N SER C 79 -1.13 15.87 -5.23
CA SER C 79 -1.40 14.83 -4.28
C SER C 79 -0.49 13.65 -4.53
N ILE C 80 -0.25 13.36 -5.80
CA ILE C 80 0.64 12.27 -6.12
C ILE C 80 2.09 12.68 -5.85
N ALA C 81 2.40 13.96 -5.97
CA ALA C 81 3.74 14.41 -5.64
C ALA C 81 3.98 14.16 -4.13
N GLU C 82 2.99 14.45 -3.29
CA GLU C 82 3.17 14.26 -1.86
C GLU C 82 3.35 12.79 -1.50
N ILE C 83 2.43 11.96 -1.98
CA ILE C 83 2.47 10.53 -1.70
C ILE C 83 3.77 9.88 -2.14
N SER C 84 4.28 10.27 -3.30
CA SER C 84 5.50 9.67 -3.86
C SER C 84 6.81 10.34 -3.47
N GLY C 85 6.75 11.39 -2.67
CA GLY C 85 7.96 12.09 -2.25
C GLY C 85 8.60 12.91 -3.37
N GLY C 86 7.79 13.53 -4.22
CA GLY C 86 8.31 14.34 -5.28
C GLY C 86 8.66 13.67 -6.59
N ARG C 87 8.06 12.52 -6.90
CA ARG C 87 8.38 11.82 -8.14
C ARG C 87 7.32 12.06 -9.21
N ALA C 88 6.38 12.94 -8.95
CA ALA C 88 5.33 13.21 -9.93
C ALA C 88 5.73 14.22 -11.03
N VAL C 89 5.30 13.95 -12.26
CA VAL C 89 5.53 14.83 -13.40
C VAL C 89 4.20 14.86 -14.14
N LEU C 90 3.82 16.02 -14.67
CA LEU C 90 2.53 16.18 -15.33
C LEU C 90 2.59 16.19 -16.84
N GLY C 91 1.90 15.25 -17.47
CA GLY C 91 1.86 15.20 -18.92
C GLY C 91 0.49 15.72 -19.33
N LEU C 92 0.43 16.83 -20.05
CA LEU C 92 -0.85 17.41 -20.48
C LEU C 92 -0.87 17.61 -21.98
N GLY C 93 -1.97 17.19 -22.61
CA GLY C 93 -2.13 17.35 -24.05
C GLY C 93 -3.51 17.95 -24.29
N PRO C 94 -3.85 18.24 -25.56
CA PRO C 94 -5.16 18.81 -25.84
C PRO C 94 -6.32 17.80 -25.84
N GLY C 95 -6.00 16.50 -25.86
CA GLY C 95 -7.04 15.47 -25.85
C GLY C 95 -7.36 15.05 -27.28
N ASP C 96 -7.91 13.86 -27.49
CA ASP C 96 -8.23 13.47 -28.88
C ASP C 96 -9.71 13.59 -29.18
N LYS C 97 -10.01 14.10 -30.37
CA LYS C 97 -11.39 14.32 -30.79
C LYS C 97 -12.37 13.14 -30.61
N ALA C 98 -11.92 11.93 -30.89
CA ALA C 98 -12.81 10.77 -30.74
C ALA C 98 -13.35 10.64 -29.30
N THR C 99 -12.43 10.64 -28.33
CA THR C 99 -12.82 10.52 -26.93
C THR C 99 -13.74 11.68 -26.53
N PHE C 100 -13.43 12.87 -27.02
CA PHE C 100 -14.23 14.04 -26.66
C PHE C 100 -15.63 14.03 -27.26
N ASP C 101 -15.77 13.47 -28.46
CA ASP C 101 -17.10 13.39 -29.06
C ASP C 101 -17.97 12.52 -28.17
N ALA C 102 -17.44 11.38 -27.75
CA ALA C 102 -18.21 10.48 -26.91
C ALA C 102 -18.61 11.14 -25.61
N MET C 103 -17.73 11.98 -25.08
CA MET C 103 -17.99 12.65 -23.82
C MET C 103 -18.84 13.88 -23.97
N GLY C 104 -19.19 14.19 -25.21
CA GLY C 104 -20.01 15.37 -25.45
C GLY C 104 -19.25 16.63 -25.11
N ILE C 105 -17.97 16.65 -25.46
CA ILE C 105 -17.12 17.80 -25.19
C ILE C 105 -16.72 18.54 -26.46
N ALA C 106 -16.95 19.85 -26.44
CA ALA C 106 -16.60 20.74 -27.55
C ALA C 106 -15.11 21.09 -27.45
N TRP C 107 -14.32 20.54 -28.37
CA TRP C 107 -12.90 20.78 -28.42
C TRP C 107 -12.69 22.23 -28.90
N LYS C 108 -12.88 23.18 -28.00
CA LYS C 108 -12.80 24.61 -28.30
C LYS C 108 -11.42 25.24 -28.01
N LYS C 109 -10.77 25.72 -29.05
CA LYS C 109 -9.46 26.39 -28.92
C LYS C 109 -8.43 25.64 -28.09
N PRO C 110 -8.04 24.45 -28.55
CA PRO C 110 -7.05 23.61 -27.88
C PRO C 110 -5.80 24.38 -27.47
N LEU C 111 -5.28 25.16 -28.40
CA LEU C 111 -4.07 25.91 -28.18
C LEU C 111 -4.15 26.89 -27.00
N ALA C 112 -5.09 27.82 -27.06
CA ALA C 112 -5.21 28.83 -26.00
C ALA C 112 -5.59 28.15 -24.67
N THR C 113 -6.51 27.19 -24.75
CA THR C 113 -6.95 26.47 -23.56
C THR C 113 -5.74 25.82 -22.88
N THR C 114 -4.97 25.04 -23.64
CA THR C 114 -3.79 24.36 -23.12
C THR C 114 -2.76 25.31 -22.53
N LYS C 115 -2.55 26.45 -23.17
CA LYS C 115 -1.56 27.40 -22.65
C LYS C 115 -2.04 28.02 -21.35
N GLU C 116 -3.30 28.44 -21.33
CA GLU C 116 -3.86 29.04 -20.14
C GLU C 116 -3.90 28.05 -18.98
N ALA C 117 -4.31 26.81 -19.26
CA ALA C 117 -4.38 25.75 -18.26
C ALA C 117 -3.03 25.47 -17.61
N ILE C 118 -1.99 25.43 -18.42
CA ILE C 118 -0.63 25.20 -17.94
C ILE C 118 -0.13 26.38 -17.13
N GLN C 119 -0.54 27.59 -17.49
CA GLN C 119 -0.09 28.75 -16.72
C GLN C 119 -0.75 28.71 -15.35
N ALA C 120 -2.04 28.41 -15.34
CA ALA C 120 -2.78 28.32 -14.09
C ALA C 120 -2.20 27.21 -13.23
N ILE C 121 -1.95 26.04 -13.82
CA ILE C 121 -1.43 24.91 -13.04
C ILE C 121 -0.07 25.20 -12.46
N ARG C 122 0.82 25.79 -13.25
CA ARG C 122 2.15 26.13 -12.73
C ARG C 122 2.02 27.05 -11.51
N ASP C 123 1.09 27.99 -11.58
CA ASP C 123 0.88 28.92 -10.47
C ASP C 123 0.28 28.23 -9.24
N PHE C 124 -0.63 27.29 -9.45
CA PHE C 124 -1.21 26.56 -8.31
C PHE C 124 -0.08 25.82 -7.59
N ILE C 125 0.63 25.00 -8.36
CA ILE C 125 1.73 24.19 -7.85
C ILE C 125 2.79 25.05 -7.18
N SER C 126 2.91 26.26 -7.68
CA SER C 126 3.87 27.20 -7.14
C SER C 126 3.41 27.88 -5.82
N GLY C 127 2.16 27.64 -5.40
CA GLY C 127 1.67 28.22 -4.16
C GLY C 127 1.00 29.58 -4.29
N LYS C 128 0.86 30.09 -5.50
CA LYS C 128 0.22 31.38 -5.71
C LYS C 128 -1.30 31.34 -5.64
N LYS C 129 -1.89 32.49 -5.35
CA LYS C 129 -3.32 32.64 -5.37
C LYS C 129 -3.53 32.97 -6.85
N VAL C 130 -4.32 32.17 -7.55
CA VAL C 130 -4.56 32.34 -8.96
C VAL C 130 -5.81 33.17 -9.36
N SER C 131 -5.59 34.14 -10.24
CA SER C 131 -6.66 34.98 -10.79
C SER C 131 -6.40 35.09 -12.27
N MET C 132 -7.34 34.64 -13.09
CA MET C 132 -7.16 34.67 -14.54
C MET C 132 -8.46 35.00 -15.19
N ASP C 133 -8.39 35.61 -16.36
CA ASP C 133 -9.57 35.91 -17.10
C ASP C 133 -9.21 35.74 -18.56
N GLY C 134 -8.79 34.54 -18.90
CA GLY C 134 -8.38 34.24 -20.27
C GLY C 134 -9.55 34.01 -21.21
N GLU C 135 -9.24 33.75 -22.47
CA GLU C 135 -10.29 33.52 -23.44
C GLU C 135 -10.93 32.15 -23.27
N MET C 136 -10.37 31.33 -22.38
CA MET C 136 -10.90 29.98 -22.15
C MET C 136 -10.92 29.56 -20.69
N ILE C 137 -9.96 30.04 -19.92
CA ILE C 137 -9.82 29.64 -18.53
C ILE C 137 -9.86 30.81 -17.59
N LYS C 138 -10.65 30.68 -16.53
CA LYS C 138 -10.73 31.74 -15.55
C LYS C 138 -10.74 31.26 -14.08
N PHE C 139 -10.09 32.03 -13.22
CA PHE C 139 -10.03 31.74 -11.78
C PHE C 139 -10.10 33.05 -11.02
N ALA C 140 -10.72 33.03 -9.84
CA ALA C 140 -10.84 34.23 -9.03
C ALA C 140 -10.38 34.01 -7.60
N GLY C 141 -9.09 34.11 -7.38
CA GLY C 141 -8.57 33.91 -6.04
C GLY C 141 -8.42 32.46 -5.60
N ALA C 142 -8.39 31.52 -6.54
CA ALA C 142 -8.26 30.12 -6.17
C ALA C 142 -6.85 29.85 -5.65
N LYS C 143 -6.71 28.90 -4.73
CA LYS C 143 -5.38 28.62 -4.20
C LYS C 143 -5.28 27.27 -3.48
N LEU C 144 -4.21 26.50 -3.73
CA LEU C 144 -4.02 25.21 -3.05
C LEU C 144 -3.73 25.46 -1.57
N ALA C 145 -4.16 24.54 -0.71
CA ALA C 145 -3.94 24.70 0.72
C ALA C 145 -2.87 23.77 1.28
N PHE C 146 -2.07 23.17 0.41
CA PHE C 146 -0.97 22.29 0.84
C PHE C 146 0.15 22.51 -0.19
N LYS C 147 1.38 22.21 0.19
CA LYS C 147 2.51 22.45 -0.70
C LYS C 147 2.83 21.36 -1.69
N ALA C 148 3.11 21.77 -2.92
CA ALA C 148 3.36 20.84 -4.00
C ALA C 148 4.77 20.43 -4.28
N GLY C 149 5.75 21.27 -3.93
CA GLY C 149 7.12 20.92 -4.26
C GLY C 149 7.25 21.16 -5.75
N ASN C 150 8.29 20.64 -6.40
CA ASN C 150 8.39 20.90 -7.83
C ASN C 150 7.88 19.81 -8.77
N ILE C 151 7.07 20.24 -9.73
CA ILE C 151 6.46 19.33 -10.68
C ILE C 151 6.65 19.74 -12.14
N PRO C 152 7.54 19.05 -12.86
CA PRO C 152 7.79 19.37 -14.26
C PRO C 152 6.52 19.13 -15.08
N ILE C 153 6.35 19.90 -16.15
CA ILE C 153 5.18 19.78 -17.01
C ILE C 153 5.62 19.50 -18.45
N TYR C 154 5.13 18.38 -18.97
CA TYR C 154 5.40 17.93 -20.34
C TYR C 154 4.14 18.09 -21.17
N MET C 155 4.29 18.57 -22.39
CA MET C 155 3.14 18.73 -23.27
C MET C 155 3.08 17.59 -24.28
N GLY C 156 1.88 17.16 -24.61
CA GLY C 156 1.70 16.13 -25.61
C GLY C 156 1.46 16.96 -26.85
N ALA C 157 2.16 16.70 -27.94
CA ALA C 157 1.99 17.49 -29.15
C ALA C 157 2.35 16.73 -30.41
N GLN C 158 1.60 16.98 -31.48
CA GLN C 158 1.81 16.35 -32.79
C GLN C 158 1.89 17.43 -33.85
N GLY C 159 0.90 18.33 -33.83
CA GLY C 159 0.84 19.44 -34.77
C GLY C 159 1.94 20.47 -34.60
N PRO C 160 2.32 21.15 -35.69
CA PRO C 160 3.36 22.17 -35.69
C PRO C 160 3.13 23.28 -34.69
N LYS C 161 1.88 23.71 -34.55
CA LYS C 161 1.60 24.77 -33.59
C LYS C 161 1.76 24.31 -32.14
N MET C 162 1.22 23.12 -31.80
CA MET C 162 1.37 22.62 -30.44
C MET C 162 2.85 22.46 -30.11
N LEU C 163 3.62 21.93 -31.08
CA LEU C 163 5.06 21.73 -30.89
C LEU C 163 5.77 23.05 -30.58
N GLU C 164 5.35 24.10 -31.27
CA GLU C 164 5.93 25.41 -31.05
C GLU C 164 5.59 25.92 -29.64
N LEU C 165 4.33 25.78 -29.25
CA LEU C 165 3.89 26.18 -27.93
C LEU C 165 4.68 25.40 -26.85
N ALA C 166 4.91 24.11 -27.08
CA ALA C 166 5.67 23.31 -26.12
C ALA C 166 7.03 23.92 -25.92
N GLY C 167 7.71 24.28 -27.01
CA GLY C 167 9.04 24.88 -26.88
C GLY C 167 8.99 26.20 -26.12
N GLU C 168 7.85 26.85 -26.20
CA GLU C 168 7.67 28.13 -25.52
C GLU C 168 7.35 28.00 -24.01
N ILE C 169 6.66 26.93 -23.59
CA ILE C 169 6.26 26.83 -22.19
C ILE C 169 6.48 25.53 -21.41
N ALA C 170 6.74 24.42 -22.08
CA ALA C 170 6.88 23.15 -21.38
C ALA C 170 8.30 22.78 -20.97
N ASP C 171 8.39 21.81 -20.05
CA ASP C 171 9.69 21.32 -19.62
C ASP C 171 10.06 20.11 -20.47
N GLY C 172 9.07 19.55 -21.15
CA GLY C 172 9.31 18.40 -22.01
C GLY C 172 8.17 18.25 -23.01
N VAL C 173 8.40 17.48 -24.07
CA VAL C 173 7.38 17.26 -25.08
C VAL C 173 7.26 15.79 -25.36
N LEU C 174 6.05 15.25 -25.21
CA LEU C 174 5.79 13.84 -25.53
C LEU C 174 5.24 13.86 -26.96
N ILE C 175 6.04 13.36 -27.89
CA ILE C 175 5.68 13.33 -29.30
C ILE C 175 5.36 11.91 -29.75
N ASN C 176 4.14 11.71 -30.25
CA ASN C 176 3.69 10.39 -30.72
C ASN C 176 4.29 10.03 -32.08
N ALA C 177 5.58 9.70 -32.12
CA ALA C 177 6.22 9.36 -33.38
C ALA C 177 7.38 8.43 -33.10
N SER C 178 7.98 7.84 -34.13
CA SER C 178 9.06 6.89 -33.92
C SER C 178 10.21 7.05 -34.87
N HIS C 179 9.99 7.82 -35.93
CA HIS C 179 11.01 7.97 -36.95
C HIS C 179 11.77 9.30 -36.96
N PRO C 180 13.08 9.26 -37.26
CA PRO C 180 13.91 10.47 -37.29
C PRO C 180 13.34 11.62 -38.14
N LYS C 181 12.74 11.29 -39.28
CA LYS C 181 12.15 12.32 -40.13
C LYS C 181 11.11 13.18 -39.36
N ASP C 182 10.29 12.53 -38.54
CA ASP C 182 9.27 13.24 -37.77
C ASP C 182 9.92 14.12 -36.69
N PHE C 183 10.97 13.63 -36.04
CA PHE C 183 11.61 14.42 -35.01
C PHE C 183 12.47 15.53 -35.58
N GLU C 184 12.83 15.42 -36.84
CA GLU C 184 13.64 16.44 -37.48
C GLU C 184 12.74 17.67 -37.56
N VAL C 185 11.50 17.47 -38.00
CA VAL C 185 10.53 18.56 -38.10
C VAL C 185 10.11 19.09 -36.72
N ALA C 186 9.87 18.17 -35.79
CA ALA C 186 9.44 18.54 -34.45
C ALA C 186 10.47 19.38 -33.72
N VAL C 187 11.73 18.99 -33.81
CA VAL C 187 12.79 19.73 -33.13
C VAL C 187 12.87 21.17 -33.61
N GLU C 188 12.61 21.40 -34.89
CA GLU C 188 12.64 22.76 -35.44
C GLU C 188 11.50 23.57 -34.85
N GLN C 189 10.32 22.97 -34.77
CA GLN C 189 9.17 23.66 -34.21
C GLN C 189 9.44 24.02 -32.75
N ILE C 190 9.96 23.08 -31.99
CA ILE C 190 10.24 23.31 -30.59
C ILE C 190 11.29 24.40 -30.45
N LYS C 191 12.26 24.41 -31.35
CA LYS C 191 13.29 25.44 -31.31
C LYS C 191 12.71 26.83 -31.61
N LYS C 192 11.78 26.91 -32.55
CA LYS C 192 11.16 28.19 -32.86
C LYS C 192 10.43 28.72 -31.64
N GLY C 193 9.70 27.85 -30.95
CA GLY C 193 8.96 28.25 -29.75
C GLY C 193 9.89 28.65 -28.61
N ALA C 194 10.98 27.91 -28.46
CA ALA C 194 11.96 28.19 -27.42
C ALA C 194 12.58 29.57 -27.61
N GLU C 195 12.93 29.91 -28.85
CA GLU C 195 13.53 31.20 -29.16
C GLU C 195 12.49 32.30 -29.00
N LYS C 196 11.25 32.01 -29.41
CA LYS C 196 10.18 32.97 -29.26
C LYS C 196 9.99 33.34 -27.79
N ALA C 197 10.34 32.43 -26.89
CA ALA C 197 10.18 32.68 -25.46
C ALA C 197 11.49 33.10 -24.82
N GLY C 198 12.56 33.02 -25.60
CA GLY C 198 13.86 33.40 -25.06
C GLY C 198 14.50 32.39 -24.14
N ARG C 199 14.07 31.13 -24.22
CA ARG C 199 14.70 30.13 -23.37
C ARG C 199 15.57 29.24 -24.19
N ASP C 200 16.54 28.62 -23.51
CA ASP C 200 17.47 27.71 -24.15
C ASP C 200 16.70 26.46 -24.57
N PRO C 201 16.61 26.19 -25.89
CA PRO C 201 15.87 25.02 -26.36
C PRO C 201 16.33 23.66 -25.78
N SER C 202 17.57 23.58 -25.30
CA SER C 202 18.05 22.32 -24.77
C SER C 202 17.54 22.09 -23.35
N GLU C 203 16.61 22.94 -22.90
CA GLU C 203 16.04 22.79 -21.58
C GLU C 203 14.93 21.77 -21.68
N VAL C 204 14.28 21.72 -22.84
CA VAL C 204 13.15 20.81 -22.98
C VAL C 204 13.51 19.36 -23.30
N ASP C 205 12.95 18.43 -22.51
CA ASP C 205 13.16 17.00 -22.68
C ASP C 205 12.32 16.51 -23.88
N VAL C 206 12.94 16.50 -25.06
CA VAL C 206 12.25 16.07 -26.28
C VAL C 206 12.14 14.56 -26.23
N THR C 207 10.91 14.07 -26.09
CA THR C 207 10.78 12.63 -25.97
C THR C 207 9.92 11.94 -27.02
N ALA C 208 10.37 10.75 -27.42
CA ALA C 208 9.66 9.97 -28.43
C ALA C 208 8.72 9.01 -27.73
N TYR C 209 7.41 9.28 -27.84
CA TYR C 209 6.40 8.43 -27.23
C TYR C 209 6.13 7.43 -28.35
N ALA C 210 6.99 6.44 -28.47
CA ALA C 210 6.91 5.50 -29.58
C ALA C 210 6.14 4.20 -29.43
N CYS C 211 5.70 3.67 -30.55
CA CYS C 211 5.07 2.36 -30.54
C CYS C 211 6.33 1.48 -30.48
N PHE C 212 6.46 0.69 -29.44
CA PHE C 212 7.67 -0.10 -29.23
C PHE C 212 7.37 -1.59 -29.15
N SER C 213 8.21 -2.42 -29.76
CA SER C 213 8.02 -3.87 -29.71
C SER C 213 9.38 -4.52 -29.87
N ILE C 214 9.87 -5.11 -28.80
CA ILE C 214 11.20 -5.71 -28.81
C ILE C 214 11.16 -7.17 -28.40
N ASP C 215 12.02 -7.97 -29.01
CA ASP C 215 12.11 -9.41 -28.74
C ASP C 215 13.37 -9.97 -29.40
N LYS C 216 13.91 -11.07 -28.86
CA LYS C 216 15.11 -11.66 -29.46
C LYS C 216 14.77 -12.12 -30.88
N ASP C 217 13.51 -12.52 -31.08
CA ASP C 217 13.01 -12.93 -32.39
C ASP C 217 12.32 -11.73 -33.05
N PRO C 218 12.97 -11.13 -34.06
CA PRO C 218 12.43 -9.97 -34.78
C PRO C 218 11.05 -10.10 -35.37
N VAL C 219 10.70 -11.28 -35.87
CA VAL C 219 9.37 -11.44 -36.46
C VAL C 219 8.29 -11.48 -35.37
N LYS C 220 8.66 -11.97 -34.20
CA LYS C 220 7.71 -12.01 -33.08
C LYS C 220 7.46 -10.55 -32.70
N ALA C 221 8.53 -9.75 -32.80
CA ALA C 221 8.45 -8.34 -32.48
C ALA C 221 7.57 -7.55 -33.47
N VAL C 222 7.79 -7.70 -34.77
CA VAL C 222 6.99 -6.94 -35.71
C VAL C 222 5.53 -7.34 -35.66
N ASN C 223 5.26 -8.64 -35.53
CA ASN C 223 3.87 -9.10 -35.48
C ASN C 223 3.10 -8.51 -34.31
N ALA C 224 3.79 -8.30 -33.18
CA ALA C 224 3.14 -7.73 -32.01
C ALA C 224 2.83 -6.25 -32.21
N ALA C 225 3.53 -5.62 -33.15
CA ALA C 225 3.35 -4.19 -33.43
C ALA C 225 2.44 -3.81 -34.59
N LYS C 226 2.11 -4.77 -35.46
CA LYS C 226 1.29 -4.49 -36.64
C LYS C 226 -0.07 -3.85 -36.39
N VAL C 227 -0.87 -4.40 -35.48
CA VAL C 227 -2.18 -3.80 -35.24
C VAL C 227 -2.02 -2.36 -34.77
N VAL C 228 -1.15 -2.14 -33.80
CA VAL C 228 -0.95 -0.77 -33.34
C VAL C 228 -0.49 0.15 -34.48
N VAL C 229 0.45 -0.32 -35.30
CA VAL C 229 0.94 0.47 -36.43
C VAL C 229 -0.24 0.79 -37.35
N ALA C 230 -1.15 -0.18 -37.50
CA ALA C 230 -2.32 0.01 -38.37
C ALA C 230 -3.16 1.22 -37.91
N PHE C 231 -3.48 1.26 -36.62
CA PHE C 231 -4.25 2.38 -36.09
C PHE C 231 -3.49 3.69 -36.22
N ILE C 232 -2.17 3.64 -36.10
CA ILE C 232 -1.38 4.85 -36.26
C ILE C 232 -1.54 5.34 -37.70
N VAL C 233 -1.35 4.43 -38.67
CA VAL C 233 -1.46 4.80 -40.08
C VAL C 233 -2.88 5.29 -40.41
N ALA C 234 -3.87 4.61 -39.85
CA ALA C 234 -5.26 4.99 -40.07
C ALA C 234 -5.51 6.43 -39.66
N GLY C 235 -4.87 6.89 -38.59
CA GLY C 235 -5.10 8.26 -38.14
C GLY C 235 -4.04 9.28 -38.51
N SER C 236 -3.08 8.92 -39.35
CA SER C 236 -2.02 9.84 -39.73
C SER C 236 -2.44 10.83 -40.81
N PRO C 237 -2.19 12.12 -40.60
CA PRO C 237 -2.54 13.13 -41.60
C PRO C 237 -1.74 12.91 -42.87
N ASP C 238 -2.38 13.15 -44.01
CA ASP C 238 -1.75 12.97 -45.32
C ASP C 238 -0.31 13.45 -45.38
N LEU C 239 -0.07 14.60 -44.77
CA LEU C 239 1.26 15.20 -44.77
C LEU C 239 2.31 14.21 -44.22
N VAL C 240 1.95 13.52 -43.13
CA VAL C 240 2.86 12.57 -42.48
C VAL C 240 3.06 11.31 -43.32
N LEU C 241 1.97 10.71 -43.81
CA LEU C 241 2.11 9.54 -44.65
C LEU C 241 3.05 9.86 -45.79
N GLU C 242 2.86 11.05 -46.36
CA GLU C 242 3.66 11.57 -47.46
C GLU C 242 5.15 11.51 -47.14
N ARG C 243 5.52 12.12 -46.02
CA ARG C 243 6.89 12.20 -45.54
C ARG C 243 7.62 10.85 -45.46
N HIS C 244 6.86 9.76 -45.30
CA HIS C 244 7.46 8.45 -45.19
C HIS C 244 7.26 7.61 -46.45
N GLY C 245 6.80 8.26 -47.52
CA GLY C 245 6.59 7.55 -48.76
C GLY C 245 5.59 6.41 -48.61
N ILE C 246 4.46 6.71 -47.99
CA ILE C 246 3.43 5.71 -47.80
C ILE C 246 2.18 6.16 -48.53
N PRO C 247 1.74 5.39 -49.56
CA PRO C 247 0.55 5.69 -50.35
C PRO C 247 -0.57 6.15 -49.46
N VAL C 248 -1.03 7.38 -49.65
CA VAL C 248 -2.10 7.94 -48.83
C VAL C 248 -3.39 7.10 -48.98
N GLU C 249 -3.44 6.33 -50.05
CA GLU C 249 -4.57 5.45 -50.31
C GLU C 249 -4.58 4.30 -49.32
N ALA C 250 -3.40 3.94 -48.82
CA ALA C 250 -3.26 2.84 -47.87
C ALA C 250 -4.01 3.14 -46.58
N LYS C 251 -4.17 4.42 -46.28
CA LYS C 251 -4.87 4.84 -45.06
C LYS C 251 -6.34 4.44 -45.08
N SER C 252 -6.96 4.57 -46.24
CA SER C 252 -8.38 4.25 -46.42
C SER C 252 -8.54 2.73 -46.40
N GLN C 253 -7.64 2.07 -47.12
CA GLN C 253 -7.62 0.63 -47.23
C GLN C 253 -7.52 -0.02 -45.85
N ILE C 254 -6.67 0.56 -45.00
CA ILE C 254 -6.46 0.06 -43.64
C ILE C 254 -7.62 0.47 -42.76
N GLY C 255 -8.11 1.68 -42.95
CA GLY C 255 -9.24 2.14 -42.16
C GLY C 255 -10.43 1.22 -42.43
N ALA C 256 -10.57 0.84 -43.69
CA ALA C 256 -11.64 -0.04 -44.11
C ALA C 256 -11.52 -1.35 -43.34
N ALA C 257 -10.39 -2.03 -43.55
CA ALA C 257 -10.14 -3.30 -42.88
C ALA C 257 -10.37 -3.22 -41.37
N ILE C 258 -10.03 -2.08 -40.77
CA ILE C 258 -10.22 -1.90 -39.34
C ILE C 258 -11.71 -1.78 -39.02
N ALA C 259 -12.43 -1.07 -39.89
CA ALA C 259 -13.87 -0.86 -39.72
C ALA C 259 -14.57 -2.22 -39.76
N LYS C 260 -14.14 -3.07 -40.69
CA LYS C 260 -14.72 -4.40 -40.85
C LYS C 260 -14.11 -5.39 -39.86
N GLY C 261 -13.12 -4.94 -39.08
CA GLY C 261 -12.49 -5.82 -38.12
C GLY C 261 -11.74 -6.95 -38.80
N ASP C 262 -11.36 -6.72 -40.04
CA ASP C 262 -10.62 -7.69 -40.83
C ASP C 262 -9.13 -7.65 -40.46
N PHE C 263 -8.81 -7.99 -39.23
CA PHE C 263 -7.43 -7.99 -38.77
C PHE C 263 -6.58 -9.00 -39.51
N GLY C 264 -7.24 -9.93 -40.19
CA GLY C 264 -6.52 -10.93 -40.95
C GLY C 264 -5.87 -10.26 -42.14
N ALA C 265 -6.48 -9.17 -42.61
CA ALA C 265 -5.93 -8.42 -43.73
C ALA C 265 -4.73 -7.60 -43.23
N LEU C 266 -4.91 -6.95 -42.08
CA LEU C 266 -3.84 -6.15 -41.49
C LEU C 266 -2.57 -7.00 -41.31
N MET C 267 -2.72 -8.21 -40.76
CA MET C 267 -1.59 -9.10 -40.52
C MET C 267 -1.13 -9.69 -41.84
N GLY C 268 -2.09 -9.85 -42.75
CA GLY C 268 -1.83 -10.46 -44.05
C GLY C 268 -1.05 -9.68 -45.08
N GLY C 269 -0.70 -8.43 -44.81
CA GLY C 269 0.07 -7.65 -45.78
C GLY C 269 -0.30 -6.18 -45.86
N LEU C 270 -1.46 -5.81 -45.33
CA LEU C 270 -1.91 -4.41 -45.35
C LEU C 270 -0.89 -3.50 -44.62
N VAL C 271 -0.38 -3.98 -43.50
CA VAL C 271 0.63 -3.23 -42.77
C VAL C 271 1.95 -3.61 -43.47
N THR C 272 2.49 -2.67 -44.22
CA THR C 272 3.70 -2.92 -44.99
C THR C 272 4.95 -2.71 -44.16
N PRO C 273 6.06 -3.33 -44.58
CA PRO C 273 7.29 -3.14 -43.79
C PRO C 273 7.64 -1.67 -43.69
N GLN C 274 7.25 -0.90 -44.70
CA GLN C 274 7.52 0.54 -44.68
C GLN C 274 6.73 1.25 -43.57
N MET C 275 5.50 0.83 -43.34
CA MET C 275 4.69 1.43 -42.28
C MET C 275 5.33 1.10 -40.95
N ILE C 276 5.77 -0.14 -40.81
CA ILE C 276 6.41 -0.60 -39.57
C ILE C 276 7.68 0.16 -39.29
N GLU C 277 8.49 0.38 -40.32
CA GLU C 277 9.72 1.13 -40.19
C GLU C 277 9.48 2.62 -39.88
N ALA C 278 8.41 3.21 -40.37
CA ALA C 278 8.17 4.61 -40.10
C ALA C 278 7.39 4.92 -38.83
N PHE C 279 6.54 3.99 -38.38
CA PHE C 279 5.74 4.26 -37.21
C PHE C 279 5.98 3.45 -35.95
N SER C 280 7.10 2.76 -35.89
CA SER C 280 7.40 2.02 -34.67
C SER C 280 8.90 1.75 -34.52
N ILE C 281 9.31 1.48 -33.30
CA ILE C 281 10.69 1.14 -33.03
C ILE C 281 10.58 -0.33 -32.68
N CYS C 282 10.92 -1.20 -33.61
CA CYS C 282 10.82 -2.61 -33.28
C CYS C 282 11.80 -3.53 -33.95
N GLY C 283 11.90 -4.72 -33.40
CA GLY C 283 12.80 -5.71 -33.91
C GLY C 283 13.54 -6.31 -32.73
N THR C 284 14.75 -6.75 -33.01
CA THR C 284 15.59 -7.33 -31.99
C THR C 284 16.23 -6.18 -31.21
N PRO C 285 16.95 -6.49 -30.13
CA PRO C 285 17.57 -5.37 -29.40
C PRO C 285 18.48 -4.50 -30.28
N ASP C 286 19.17 -5.12 -31.24
CA ASP C 286 20.05 -4.38 -32.15
C ASP C 286 19.24 -3.45 -33.06
N ASP C 287 18.17 -3.97 -33.63
CA ASP C 287 17.34 -3.14 -34.48
C ASP C 287 16.90 -1.90 -33.67
N CYS C 288 16.42 -2.13 -32.45
CA CYS C 288 15.94 -1.04 -31.59
C CYS C 288 17.03 -0.07 -31.17
N MET C 289 18.21 -0.59 -30.90
CA MET C 289 19.32 0.28 -30.55
C MET C 289 19.66 1.24 -31.71
N LYS C 290 19.66 0.73 -32.93
CA LYS C 290 20.03 1.55 -34.08
C LYS C 290 19.06 2.69 -34.21
N ARG C 291 17.77 2.37 -34.14
CA ARG C 291 16.77 3.41 -34.27
C ARG C 291 16.94 4.44 -33.15
N ILE C 292 17.16 3.94 -31.93
CA ILE C 292 17.30 4.83 -30.78
C ILE C 292 18.47 5.80 -30.97
N LYS C 293 19.59 5.31 -31.48
CA LYS C 293 20.75 6.19 -31.68
C LYS C 293 20.51 7.17 -32.82
N ASP C 294 19.69 6.79 -33.79
CA ASP C 294 19.34 7.71 -34.87
C ASP C 294 18.57 8.87 -34.23
N LEU C 295 17.59 8.53 -33.36
CA LEU C 295 16.77 9.55 -32.71
C LEU C 295 17.62 10.45 -31.81
N GLU C 296 18.59 9.84 -31.12
CA GLU C 296 19.46 10.60 -30.26
C GLU C 296 20.22 11.64 -31.04
N ALA C 297 20.70 11.27 -32.23
CA ALA C 297 21.46 12.21 -33.06
C ALA C 297 20.60 13.37 -33.53
N ILE C 298 19.31 13.15 -33.67
CA ILE C 298 18.39 14.20 -34.12
C ILE C 298 18.00 15.12 -32.97
N GLY C 299 18.39 14.77 -31.74
CA GLY C 299 18.02 15.59 -30.60
C GLY C 299 16.98 15.05 -29.60
N VAL C 300 16.59 13.78 -29.73
CA VAL C 300 15.65 13.19 -28.79
C VAL C 300 16.42 12.90 -27.50
N THR C 301 15.83 13.26 -26.37
CA THR C 301 16.51 13.04 -25.09
C THR C 301 15.87 11.97 -24.21
N GLN C 302 14.64 11.58 -24.54
CA GLN C 302 13.97 10.51 -23.81
C GLN C 302 13.22 9.64 -24.79
N ILE C 303 13.33 8.34 -24.61
CA ILE C 303 12.62 7.39 -25.45
C ILE C 303 11.67 6.63 -24.57
N VAL C 304 10.39 6.65 -24.93
CA VAL C 304 9.40 5.93 -24.17
C VAL C 304 8.95 4.70 -24.92
N ALA C 305 9.00 3.55 -24.25
CA ALA C 305 8.54 2.32 -24.86
C ALA C 305 7.03 2.26 -24.67
N GLY C 306 6.30 2.68 -25.70
CA GLY C 306 4.86 2.65 -25.64
C GLY C 306 4.34 1.32 -26.14
N SER C 307 3.03 1.12 -25.98
CA SER C 307 2.37 -0.12 -26.41
C SER C 307 2.81 -0.58 -27.81
N PRO C 308 2.98 -1.91 -28.00
CA PRO C 308 2.79 -2.98 -27.00
C PRO C 308 3.95 -3.26 -26.08
N ILE C 309 5.07 -2.56 -26.29
CA ILE C 309 6.32 -2.76 -25.54
C ILE C 309 7.01 -4.01 -26.08
N GLY C 310 6.25 -5.07 -26.27
CA GLY C 310 6.80 -6.31 -26.79
C GLY C 310 5.75 -7.41 -26.81
N PRO C 311 6.07 -8.60 -27.32
CA PRO C 311 5.09 -9.68 -27.37
C PRO C 311 4.51 -9.98 -25.98
N ALA C 312 5.37 -9.99 -24.96
CA ALA C 312 4.93 -10.19 -23.56
C ALA C 312 5.62 -9.08 -22.75
N LYS C 313 4.83 -8.31 -22.01
CA LYS C 313 5.39 -7.19 -21.27
C LYS C 313 6.57 -7.43 -20.34
N GLU C 314 6.40 -8.37 -19.42
CA GLU C 314 7.42 -8.69 -18.44
C GLU C 314 8.77 -9.02 -19.07
N LYS C 315 8.75 -9.86 -20.10
CA LYS C 315 9.97 -10.25 -20.77
C LYS C 315 10.57 -9.10 -21.56
N ALA C 316 9.71 -8.28 -22.17
CA ALA C 316 10.18 -7.13 -22.95
C ALA C 316 10.83 -6.08 -22.05
N ILE C 317 10.23 -5.81 -20.89
CA ILE C 317 10.79 -4.84 -19.98
C ILE C 317 12.19 -5.30 -19.58
N LYS C 318 12.34 -6.58 -19.28
CA LYS C 318 13.65 -7.10 -18.92
C LYS C 318 14.64 -7.00 -20.10
N LEU C 319 14.17 -7.28 -21.32
CA LEU C 319 15.04 -7.19 -22.50
C LEU C 319 15.59 -5.77 -22.66
N ILE C 320 14.71 -4.80 -22.55
CA ILE C 320 15.09 -3.40 -22.69
C ILE C 320 16.09 -3.01 -21.62
N GLY C 321 15.86 -3.47 -20.39
CA GLY C 321 16.79 -3.13 -19.32
C GLY C 321 18.19 -3.70 -19.52
N LYS C 322 18.23 -4.96 -19.89
CA LYS C 322 19.46 -5.68 -20.10
C LYS C 322 20.18 -5.34 -21.42
N GLU C 323 19.46 -5.36 -22.53
CA GLU C 323 20.08 -5.12 -23.82
C GLU C 323 20.01 -3.72 -24.38
N ILE C 324 19.45 -2.77 -23.63
CA ILE C 324 19.38 -1.42 -24.13
C ILE C 324 19.75 -0.38 -23.11
N ILE C 325 19.03 -0.33 -22.00
CA ILE C 325 19.31 0.69 -20.99
C ILE C 325 20.75 0.53 -20.46
N ALA C 326 21.18 -0.70 -20.18
CA ALA C 326 22.55 -0.94 -19.75
C ALA C 326 23.41 -0.66 -21.00
N LYS C 327 22.91 0.28 -21.82
CA LYS C 327 23.45 0.79 -23.09
C LYS C 327 24.33 -0.18 -23.79
N MET D 1 -29.18 1.84 13.59
CA MET D 1 -28.52 3.11 13.19
C MET D 1 -27.14 2.84 12.58
N LYS D 2 -26.89 3.41 11.41
CA LYS D 2 -25.59 3.25 10.76
C LYS D 2 -24.76 4.43 11.24
N PHE D 3 -23.43 4.26 11.26
CA PHE D 3 -22.57 5.37 11.66
C PHE D 3 -21.49 5.65 10.64
N GLY D 4 -21.29 6.94 10.37
CA GLY D 4 -20.26 7.34 9.42
C GLY D 4 -19.37 8.40 10.03
N ILE D 5 -18.30 8.74 9.33
CA ILE D 5 -17.37 9.75 9.79
C ILE D 5 -16.76 10.47 8.59
N GLU D 6 -16.49 11.77 8.76
CA GLU D 6 -15.94 12.58 7.69
C GLU D 6 -14.51 13.08 7.89
N PHE D 7 -13.71 13.01 6.84
CA PHE D 7 -12.34 13.53 6.92
C PHE D 7 -12.13 14.46 5.73
N VAL D 8 -11.44 15.56 5.99
CA VAL D 8 -11.12 16.54 4.99
C VAL D 8 -9.68 16.34 4.54
N PRO D 9 -9.43 16.23 3.23
CA PRO D 9 -8.04 16.03 2.79
C PRO D 9 -7.09 17.22 3.01
N SER D 10 -7.27 17.94 4.11
CA SER D 10 -6.37 19.04 4.43
C SER D 10 -5.19 18.42 5.22
N ASP D 11 -5.27 17.11 5.45
CA ASP D 11 -4.21 16.32 6.09
C ASP D 11 -3.75 15.35 5.00
N PRO D 12 -2.51 14.85 5.10
CA PRO D 12 -2.03 13.92 4.08
C PRO D 12 -2.92 12.67 4.12
N ALA D 13 -3.08 12.00 2.99
CA ALA D 13 -3.91 10.79 2.94
C ALA D 13 -3.41 9.69 3.90
N LEU D 14 -2.11 9.59 4.09
CA LEU D 14 -1.58 8.54 4.95
C LEU D 14 -2.09 8.72 6.37
N LYS D 15 -2.16 9.96 6.82
CA LYS D 15 -2.65 10.24 8.16
C LYS D 15 -4.15 9.95 8.25
N ILE D 16 -4.90 10.27 7.19
CA ILE D 16 -6.32 9.98 7.20
C ILE D 16 -6.54 8.45 7.21
N ALA D 17 -5.72 7.74 6.45
CA ALA D 17 -5.87 6.28 6.38
C ALA D 17 -5.86 5.67 7.77
N TYR D 18 -5.06 6.21 8.69
CA TYR D 18 -5.07 5.65 10.03
C TYR D 18 -6.43 5.94 10.73
N TYR D 19 -6.93 7.16 10.64
CA TYR D 19 -8.22 7.48 11.27
C TYR D 19 -9.32 6.56 10.69
N ALA D 20 -9.20 6.27 9.39
CA ALA D 20 -10.22 5.46 8.73
C ALA D 20 -10.14 4.03 9.22
N LYS D 21 -8.91 3.54 9.35
CA LYS D 21 -8.69 2.18 9.83
C LYS D 21 -9.24 2.08 11.26
N LEU D 22 -8.91 3.05 12.08
CA LEU D 22 -9.41 3.09 13.45
C LEU D 22 -10.96 3.03 13.45
N SER D 23 -11.58 3.82 12.58
CA SER D 23 -13.04 3.85 12.48
C SER D 23 -13.58 2.49 12.11
N GLU D 24 -12.88 1.81 11.22
CA GLU D 24 -13.30 0.48 10.81
C GLU D 24 -13.27 -0.41 12.06
N GLN D 25 -12.21 -0.30 12.86
CA GLN D 25 -12.08 -1.15 14.06
C GLN D 25 -13.12 -0.81 15.12
N GLN D 26 -13.53 0.46 15.15
CA GLN D 26 -14.49 0.92 16.12
C GLN D 26 -15.92 0.71 15.72
N GLY D 27 -16.16 0.03 14.60
CA GLY D 27 -17.53 -0.23 14.19
C GLY D 27 -18.28 0.75 13.29
N PHE D 28 -17.59 1.73 12.70
CA PHE D 28 -18.29 2.63 11.79
C PHE D 28 -18.61 1.89 10.50
N ASP D 29 -19.65 2.34 9.80
CA ASP D 29 -20.08 1.75 8.53
C ASP D 29 -19.51 2.49 7.30
N HIS D 30 -19.32 3.81 7.45
CA HIS D 30 -18.91 4.65 6.33
C HIS D 30 -17.85 5.67 6.68
N VAL D 31 -16.92 5.91 5.75
CA VAL D 31 -16.07 7.07 5.96
C VAL D 31 -16.33 7.90 4.70
N TRP D 32 -16.50 9.20 4.90
CA TRP D 32 -16.76 10.08 3.78
C TRP D 32 -15.61 11.09 3.66
N ILE D 33 -15.25 11.41 2.43
CA ILE D 33 -14.14 12.32 2.17
C ILE D 33 -14.61 13.54 1.38
N THR D 34 -14.27 14.75 1.84
CA THR D 34 -14.71 15.95 1.14
C THR D 34 -13.91 16.19 -0.12
N ASP D 35 -14.56 16.89 -1.05
CA ASP D 35 -13.95 17.20 -2.34
C ASP D 35 -13.88 18.69 -2.65
N HIS D 36 -12.68 19.25 -2.56
CA HIS D 36 -12.44 20.67 -2.86
C HIS D 36 -11.08 20.79 -3.52
N TYR D 37 -11.04 21.49 -4.65
CA TYR D 37 -9.79 21.62 -5.40
C TYR D 37 -8.61 22.08 -4.53
N ASN D 38 -8.88 22.84 -3.48
CA ASN D 38 -7.77 23.34 -2.70
C ASN D 38 -7.13 22.37 -1.71
N ASN D 39 -7.74 21.22 -1.46
CA ASN D 39 -7.11 20.20 -0.60
C ASN D 39 -6.64 19.07 -1.52
N ARG D 40 -6.14 17.98 -0.93
CA ARG D 40 -5.74 16.83 -1.74
C ARG D 40 -6.94 16.22 -2.48
N ASP D 41 -6.64 15.66 -3.63
CA ASP D 41 -7.58 14.99 -4.54
C ASP D 41 -8.44 13.98 -3.73
N VAL D 42 -9.74 14.01 -3.98
CA VAL D 42 -10.64 13.11 -3.29
C VAL D 42 -10.37 11.65 -3.67
N TYR D 43 -9.91 11.39 -4.89
CA TYR D 43 -9.65 10.02 -5.34
C TYR D 43 -8.29 9.39 -5.00
N SER D 44 -7.20 10.16 -5.03
CA SER D 44 -5.93 9.58 -4.64
C SER D 44 -6.09 9.27 -3.15
N THR D 45 -6.82 10.14 -2.44
CA THR D 45 -7.05 9.95 -1.02
C THR D 45 -7.88 8.69 -0.78
N LEU D 46 -9.00 8.55 -1.48
CA LEU D 46 -9.82 7.35 -1.36
C LEU D 46 -9.01 6.08 -1.70
N THR D 47 -8.06 6.18 -2.64
CA THR D 47 -7.20 5.05 -3.04
C THR D 47 -6.31 4.58 -1.89
N VAL D 48 -5.65 5.51 -1.18
CA VAL D 48 -4.84 5.04 -0.04
C VAL D 48 -5.75 4.54 1.11
N LEU D 49 -6.94 5.11 1.28
CA LEU D 49 -7.83 4.59 2.32
C LEU D 49 -8.26 3.17 1.98
N ALA D 50 -8.60 2.93 0.72
CA ALA D 50 -9.04 1.62 0.26
C ALA D 50 -7.96 0.56 0.49
N LEU D 51 -6.71 0.90 0.21
CA LEU D 51 -5.63 -0.05 0.43
C LEU D 51 -5.38 -0.32 1.92
N ASN D 52 -5.69 0.61 2.78
CA ASN D 52 -5.44 0.42 4.21
C ASN D 52 -6.66 0.03 5.04
N THR D 53 -7.78 -0.29 4.40
CA THR D 53 -8.98 -0.71 5.12
C THR D 53 -9.45 -2.04 4.52
N ASN D 54 -10.49 -2.65 5.08
CA ASN D 54 -10.87 -3.96 4.55
C ASN D 54 -12.36 -4.18 4.37
N SER D 55 -13.14 -3.65 5.30
CA SER D 55 -14.59 -3.85 5.24
C SER D 55 -15.44 -2.59 5.23
N ILE D 56 -14.95 -1.50 5.82
CA ILE D 56 -15.71 -0.25 5.87
C ILE D 56 -16.02 0.33 4.48
N LYS D 57 -17.19 0.92 4.34
CA LYS D 57 -17.53 1.53 3.05
C LYS D 57 -16.88 2.91 2.95
N ILE D 58 -16.43 3.26 1.74
CA ILE D 58 -15.77 4.54 1.52
C ILE D 58 -16.29 5.31 0.31
N GLY D 59 -16.14 6.62 0.34
CA GLY D 59 -16.57 7.37 -0.83
C GLY D 59 -16.51 8.85 -0.64
N PRO D 60 -16.68 9.63 -1.73
CA PRO D 60 -16.63 11.08 -1.64
C PRO D 60 -17.92 11.60 -0.97
N GLY D 61 -17.75 12.58 -0.08
CA GLY D 61 -18.87 13.20 0.61
C GLY D 61 -18.69 14.72 0.63
N VAL D 62 -19.01 15.42 -0.47
CA VAL D 62 -19.54 14.82 -1.70
C VAL D 62 -18.80 15.45 -2.89
N THR D 63 -18.78 14.77 -4.03
CA THR D 63 -18.12 15.36 -5.19
C THR D 63 -19.24 16.09 -5.94
N ASN D 64 -19.00 16.54 -7.17
CA ASN D 64 -20.03 17.29 -7.88
C ASN D 64 -19.99 17.03 -9.38
N SER D 65 -20.93 17.65 -10.12
CA SER D 65 -21.02 17.45 -11.56
C SER D 65 -20.31 18.49 -12.40
N TYR D 66 -19.69 19.48 -11.75
CA TYR D 66 -19.04 20.56 -12.48
C TYR D 66 -17.52 20.56 -12.59
N THR D 67 -16.79 20.14 -11.55
CA THR D 67 -15.35 20.18 -11.62
C THR D 67 -14.72 19.03 -12.41
N ARG D 68 -15.55 18.04 -12.74
CA ARG D 68 -15.09 16.86 -13.47
C ARG D 68 -16.22 16.37 -14.33
N ASN D 69 -15.97 16.02 -15.59
CA ASN D 69 -17.02 15.49 -16.46
C ASN D 69 -17.60 14.22 -15.77
N PRO D 70 -18.94 14.06 -15.76
CA PRO D 70 -19.56 12.87 -15.12
C PRO D 70 -18.96 11.53 -15.55
N ALA D 71 -18.49 11.44 -16.78
CA ALA D 71 -17.90 10.17 -17.20
C ALA D 71 -16.63 9.90 -16.36
N ILE D 72 -15.84 10.95 -16.11
CA ILE D 72 -14.63 10.81 -15.29
C ILE D 72 -15.03 10.42 -13.86
N THR D 73 -16.11 11.02 -13.34
CA THR D 73 -16.55 10.64 -12.01
C THR D 73 -16.93 9.14 -12.00
N ALA D 74 -17.62 8.68 -13.04
CA ALA D 74 -18.04 7.29 -13.11
C ALA D 74 -16.86 6.35 -13.09
N SER D 75 -15.89 6.65 -13.92
CA SER D 75 -14.68 5.86 -14.04
C SER D 75 -13.88 5.85 -12.72
N SER D 76 -13.76 7.02 -12.09
CA SER D 76 -13.04 7.11 -10.82
C SER D 76 -13.69 6.34 -9.67
N ILE D 77 -14.99 6.53 -9.43
CA ILE D 77 -15.62 5.79 -8.35
C ILE D 77 -15.63 4.29 -8.69
N ALA D 78 -15.70 3.95 -9.98
CA ALA D 78 -15.65 2.53 -10.38
C ALA D 78 -14.26 1.96 -10.08
N SER D 79 -13.24 2.78 -10.29
CA SER D 79 -11.88 2.35 -10.03
C SER D 79 -11.69 2.04 -8.54
N ILE D 80 -12.28 2.85 -7.68
CA ILE D 80 -12.16 2.63 -6.25
C ILE D 80 -13.01 1.43 -5.85
N ALA D 81 -14.09 1.17 -6.60
CA ALA D 81 -14.91 0.00 -6.32
C ALA D 81 -14.08 -1.26 -6.59
N GLU D 82 -13.29 -1.21 -7.65
CA GLU D 82 -12.47 -2.37 -7.99
C GLU D 82 -11.38 -2.59 -6.95
N ILE D 83 -10.62 -1.53 -6.67
CA ILE D 83 -9.55 -1.66 -5.70
C ILE D 83 -10.01 -2.09 -4.32
N SER D 84 -11.17 -1.62 -3.89
CA SER D 84 -11.64 -1.94 -2.53
C SER D 84 -12.53 -3.18 -2.43
N GLY D 85 -12.77 -3.84 -3.57
CA GLY D 85 -13.63 -5.01 -3.56
C GLY D 85 -15.11 -4.67 -3.35
N GLY D 86 -15.58 -3.60 -4.00
CA GLY D 86 -16.99 -3.20 -3.87
C GLY D 86 -17.42 -2.42 -2.63
N ARG D 87 -16.52 -1.67 -2.01
CA ARG D 87 -16.87 -0.89 -0.82
C ARG D 87 -17.09 0.58 -1.16
N ALA D 88 -17.07 0.92 -2.45
CA ALA D 88 -17.25 2.32 -2.86
C ALA D 88 -18.69 2.75 -2.92
N VAL D 89 -18.96 3.98 -2.50
CA VAL D 89 -20.28 4.57 -2.56
C VAL D 89 -20.05 6.00 -3.03
N LEU D 90 -20.93 6.51 -3.89
CA LEU D 90 -20.78 7.85 -4.44
C LEU D 90 -21.63 8.93 -3.80
N GLY D 91 -20.98 9.97 -3.28
CA GLY D 91 -21.71 11.09 -2.69
C GLY D 91 -21.60 12.24 -3.66
N LEU D 92 -22.73 12.68 -4.22
CA LEU D 92 -22.72 13.79 -5.18
C LEU D 92 -23.63 14.93 -4.74
N GLY D 93 -23.11 16.15 -4.83
CA GLY D 93 -23.91 17.30 -4.45
C GLY D 93 -23.79 18.33 -5.56
N PRO D 94 -24.45 19.49 -5.44
CA PRO D 94 -24.33 20.49 -6.51
C PRO D 94 -23.04 21.33 -6.44
N GLY D 95 -22.34 21.30 -5.31
CA GLY D 95 -21.12 22.08 -5.12
C GLY D 95 -21.43 23.38 -4.41
N ASP D 96 -20.49 24.03 -3.73
CA ASP D 96 -20.84 25.30 -3.07
C ASP D 96 -20.34 26.51 -3.85
N LYS D 97 -21.17 27.54 -3.92
CA LYS D 97 -20.86 28.75 -4.69
C LYS D 97 -19.47 29.39 -4.46
N ALA D 98 -19.02 29.44 -3.21
CA ALA D 98 -17.72 30.03 -2.91
C ALA D 98 -16.59 29.31 -3.67
N THR D 99 -16.54 27.98 -3.55
CA THR D 99 -15.52 27.21 -4.24
C THR D 99 -15.59 27.39 -5.76
N PHE D 100 -16.80 27.45 -6.31
CA PHE D 100 -16.96 27.59 -7.74
C PHE D 100 -16.58 28.97 -8.24
N ASP D 101 -16.81 30.01 -7.44
CA ASP D 101 -16.42 31.34 -7.87
C ASP D 101 -14.91 31.35 -8.11
N ALA D 102 -14.16 30.85 -7.12
CA ALA D 102 -12.71 30.81 -7.24
C ALA D 102 -12.28 30.01 -8.44
N MET D 103 -13.02 28.95 -8.77
CA MET D 103 -12.64 28.12 -9.91
C MET D 103 -13.13 28.68 -11.25
N GLY D 104 -13.82 29.82 -11.20
CA GLY D 104 -14.36 30.43 -12.40
C GLY D 104 -15.43 29.55 -13.03
N ILE D 105 -16.26 28.93 -12.19
CA ILE D 105 -17.32 28.03 -12.66
C ILE D 105 -18.71 28.60 -12.48
N ALA D 106 -19.45 28.63 -13.59
CA ALA D 106 -20.83 29.12 -13.60
C ALA D 106 -21.75 28.03 -13.06
N TRP D 107 -22.27 28.25 -11.85
CA TRP D 107 -23.19 27.32 -11.23
C TRP D 107 -24.52 27.35 -11.98
N LYS D 108 -24.58 26.70 -13.14
CA LYS D 108 -25.78 26.74 -13.98
C LYS D 108 -26.72 25.57 -13.80
N LYS D 109 -27.96 25.86 -13.43
CA LYS D 109 -28.99 24.83 -13.24
C LYS D 109 -28.56 23.61 -12.43
N PRO D 110 -28.19 23.80 -11.15
CA PRO D 110 -27.76 22.73 -10.25
C PRO D 110 -28.68 21.51 -10.28
N LEU D 111 -29.98 21.78 -10.18
CA LEU D 111 -30.99 20.74 -10.15
C LEU D 111 -30.98 19.84 -11.38
N ALA D 112 -31.16 20.40 -12.57
CA ALA D 112 -31.17 19.59 -13.79
C ALA D 112 -29.80 18.93 -14.01
N THR D 113 -28.74 19.68 -13.75
CA THR D 113 -27.39 19.15 -13.91
C THR D 113 -27.19 17.92 -13.04
N THR D 114 -27.50 18.05 -11.77
CA THR D 114 -27.34 16.95 -10.83
C THR D 114 -28.16 15.71 -11.18
N LYS D 115 -29.40 15.94 -11.63
CA LYS D 115 -30.25 14.81 -11.98
C LYS D 115 -29.71 14.09 -13.21
N GLU D 116 -29.37 14.87 -14.24
CA GLU D 116 -28.84 14.29 -15.46
C GLU D 116 -27.51 13.56 -15.23
N ALA D 117 -26.64 14.17 -14.42
CA ALA D 117 -25.33 13.60 -14.11
C ALA D 117 -25.46 12.25 -13.40
N ILE D 118 -26.40 12.17 -12.47
CA ILE D 118 -26.64 10.93 -11.74
C ILE D 118 -27.24 9.86 -12.66
N GLN D 119 -28.08 10.29 -13.60
CA GLN D 119 -28.68 9.33 -14.52
C GLN D 119 -27.58 8.78 -15.40
N ALA D 120 -26.69 9.66 -15.87
CA ALA D 120 -25.59 9.23 -16.73
C ALA D 120 -24.67 8.31 -15.95
N ILE D 121 -24.31 8.70 -14.73
CA ILE D 121 -23.41 7.89 -13.92
C ILE D 121 -24.00 6.52 -13.61
N ARG D 122 -25.28 6.45 -13.24
CA ARG D 122 -25.86 5.13 -12.94
C ARG D 122 -25.73 4.23 -14.20
N ASP D 123 -25.98 4.81 -15.37
CA ASP D 123 -25.87 4.07 -16.61
C ASP D 123 -24.44 3.62 -16.93
N PHE D 124 -23.45 4.46 -16.66
CA PHE D 124 -22.07 4.07 -16.90
C PHE D 124 -21.73 2.87 -16.00
N ILE D 125 -21.96 3.04 -14.71
CA ILE D 125 -21.66 2.02 -13.72
C ILE D 125 -22.39 0.73 -14.04
N SER D 126 -23.55 0.88 -14.66
CA SER D 126 -24.39 -0.25 -15.00
C SER D 126 -23.89 -0.99 -16.25
N GLY D 127 -22.89 -0.44 -16.92
CA GLY D 127 -22.34 -1.08 -18.11
C GLY D 127 -22.99 -0.68 -19.44
N LYS D 128 -23.91 0.27 -19.40
CA LYS D 128 -24.61 0.69 -20.61
C LYS D 128 -23.80 1.64 -21.48
N LYS D 129 -24.15 1.71 -22.75
CA LYS D 129 -23.52 2.66 -23.65
C LYS D 129 -24.40 3.88 -23.43
N VAL D 130 -23.81 5.00 -23.02
CA VAL D 130 -24.58 6.18 -22.70
C VAL D 130 -24.74 7.23 -23.80
N SER D 131 -25.99 7.63 -24.04
CA SER D 131 -26.34 8.65 -25.02
C SER D 131 -27.36 9.55 -24.38
N MET D 132 -27.02 10.82 -24.25
CA MET D 132 -27.91 11.76 -23.61
C MET D 132 -27.83 13.09 -24.31
N ASP D 133 -28.93 13.82 -24.30
CA ASP D 133 -28.97 15.14 -24.88
C ASP D 133 -29.86 16.00 -23.98
N GLY D 134 -29.45 16.09 -22.72
CA GLY D 134 -30.19 16.85 -21.73
C GLY D 134 -29.93 18.32 -21.84
N GLU D 135 -30.59 19.10 -20.99
CA GLU D 135 -30.42 20.54 -21.01
C GLU D 135 -29.11 20.98 -20.42
N MET D 136 -28.34 20.03 -19.88
CA MET D 136 -27.05 20.35 -19.28
C MET D 136 -25.98 19.34 -19.57
N ILE D 137 -26.36 18.07 -19.67
CA ILE D 137 -25.42 16.99 -19.87
C ILE D 137 -25.67 16.18 -21.12
N LYS D 138 -24.60 15.92 -21.87
CA LYS D 138 -24.75 15.14 -23.09
C LYS D 138 -23.61 14.13 -23.31
N PHE D 139 -23.95 12.99 -23.90
CA PHE D 139 -22.99 11.94 -24.21
C PHE D 139 -23.45 11.30 -25.50
N ALA D 140 -22.49 10.81 -26.28
CA ALA D 140 -22.81 10.16 -27.56
C ALA D 140 -22.09 8.84 -27.67
N GLY D 141 -22.71 7.79 -27.13
CA GLY D 141 -22.12 6.47 -27.20
C GLY D 141 -20.97 6.21 -26.25
N ALA D 142 -20.84 7.01 -25.19
CA ALA D 142 -19.75 6.80 -24.23
C ALA D 142 -20.02 5.51 -23.46
N LYS D 143 -18.96 4.80 -23.06
CA LYS D 143 -19.12 3.55 -22.32
C LYS D 143 -17.87 3.11 -21.58
N LEU D 144 -18.01 2.64 -20.34
CA LEU D 144 -16.86 2.18 -19.56
C LEU D 144 -16.37 0.86 -20.15
N ALA D 145 -15.07 0.59 -20.05
CA ALA D 145 -14.51 -0.65 -20.59
C ALA D 145 -14.14 -1.69 -19.52
N PHE D 146 -14.57 -1.47 -18.28
CA PHE D 146 -14.33 -2.44 -17.23
C PHE D 146 -15.59 -2.42 -16.38
N LYS D 147 -15.83 -3.49 -15.61
CA LYS D 147 -17.05 -3.62 -14.81
C LYS D 147 -17.01 -3.03 -13.42
N ALA D 148 -18.06 -2.27 -13.09
CA ALA D 148 -18.15 -1.56 -11.83
C ALA D 148 -18.77 -2.26 -10.63
N GLY D 149 -19.62 -3.26 -10.85
CA GLY D 149 -20.26 -3.89 -9.72
C GLY D 149 -21.27 -2.87 -9.22
N ASN D 150 -21.88 -3.07 -8.07
CA ASN D 150 -22.84 -2.08 -7.64
C ASN D 150 -22.31 -0.94 -6.77
N ILE D 151 -22.75 0.28 -7.13
CA ILE D 151 -22.34 1.48 -6.41
C ILE D 151 -23.51 2.40 -6.02
N PRO D 152 -23.88 2.40 -4.76
CA PRO D 152 -24.98 3.26 -4.29
C PRO D 152 -24.62 4.73 -4.51
N ILE D 153 -25.63 5.57 -4.73
CA ILE D 153 -25.42 7.00 -4.95
C ILE D 153 -26.21 7.82 -3.95
N TYR D 154 -25.50 8.63 -3.17
CA TYR D 154 -26.09 9.51 -2.16
C TYR D 154 -26.03 10.95 -2.68
N MET D 155 -27.06 11.74 -2.38
CA MET D 155 -27.06 13.12 -2.80
C MET D 155 -26.85 14.03 -1.62
N GLY D 156 -26.05 15.08 -1.82
CA GLY D 156 -25.82 16.06 -0.77
C GLY D 156 -26.92 17.07 -1.01
N ALA D 157 -27.69 17.43 0.00
CA ALA D 157 -28.78 18.34 -0.22
C ALA D 157 -29.15 19.13 1.02
N GLN D 158 -29.52 20.39 0.82
CA GLN D 158 -29.94 21.27 1.92
C GLN D 158 -31.29 21.87 1.56
N GLY D 159 -31.37 22.43 0.36
CA GLY D 159 -32.60 23.06 -0.09
C GLY D 159 -33.76 22.12 -0.29
N PRO D 160 -34.99 22.63 -0.15
CA PRO D 160 -36.20 21.82 -0.31
C PRO D 160 -36.28 21.11 -1.66
N LYS D 161 -35.87 21.78 -2.72
CA LYS D 161 -35.94 21.14 -4.02
C LYS D 161 -34.93 19.99 -4.14
N MET D 162 -33.69 20.23 -3.75
CA MET D 162 -32.68 19.17 -3.80
C MET D 162 -33.12 17.97 -2.97
N LEU D 163 -33.72 18.23 -1.82
CA LEU D 163 -34.20 17.17 -0.94
C LEU D 163 -35.26 16.33 -1.62
N GLU D 164 -36.13 17.00 -2.36
CA GLU D 164 -37.20 16.32 -3.04
C GLU D 164 -36.60 15.46 -4.15
N LEU D 165 -35.65 16.03 -4.88
CA LEU D 165 -35.01 15.28 -5.97
C LEU D 165 -34.29 14.05 -5.41
N ALA D 166 -33.66 14.19 -4.25
CA ALA D 166 -32.97 13.06 -3.65
C ALA D 166 -33.97 11.93 -3.37
N GLY D 167 -35.16 12.28 -2.87
CA GLY D 167 -36.16 11.26 -2.58
C GLY D 167 -36.59 10.56 -3.87
N GLU D 168 -36.53 11.31 -4.96
CA GLU D 168 -36.91 10.78 -6.25
C GLU D 168 -35.83 9.88 -6.90
N ILE D 169 -34.54 10.19 -6.72
CA ILE D 169 -33.53 9.40 -7.41
C ILE D 169 -32.34 8.81 -6.64
N ALA D 170 -32.11 9.23 -5.41
CA ALA D 170 -30.94 8.76 -4.68
C ALA D 170 -31.14 7.56 -3.77
N ASP D 171 -30.03 6.93 -3.39
CA ASP D 171 -30.07 5.79 -2.49
C ASP D 171 -29.92 6.27 -1.06
N GLY D 172 -29.46 7.52 -0.91
CA GLY D 172 -29.29 8.10 0.41
C GLY D 172 -29.12 9.60 0.30
N VAL D 173 -29.38 10.33 1.39
CA VAL D 173 -29.24 11.77 1.35
C VAL D 173 -28.31 12.23 2.47
N LEU D 174 -27.24 12.94 2.12
CA LEU D 174 -26.34 13.50 3.13
C LEU D 174 -26.80 14.95 3.38
N ILE D 175 -27.45 15.16 4.53
CA ILE D 175 -27.99 16.46 4.90
C ILE D 175 -27.11 17.17 5.92
N ASN D 176 -26.60 18.35 5.56
CA ASN D 176 -25.75 19.15 6.45
C ASN D 176 -26.54 19.81 7.58
N ALA D 177 -26.94 19.06 8.59
CA ALA D 177 -27.71 19.63 9.70
C ALA D 177 -27.51 18.74 10.92
N SER D 178 -27.97 19.20 12.10
CA SER D 178 -27.79 18.43 13.33
C SER D 178 -29.01 18.37 14.22
N HIS D 179 -29.98 19.24 13.95
CA HIS D 179 -31.15 19.36 14.82
C HIS D 179 -32.42 18.71 14.28
N PRO D 180 -33.20 18.04 15.16
CA PRO D 180 -34.43 17.37 14.75
C PRO D 180 -35.37 18.22 13.91
N LYS D 181 -35.45 19.49 14.24
CA LYS D 181 -36.33 20.39 13.49
C LYS D 181 -35.98 20.41 12.02
N ASP D 182 -34.69 20.42 11.73
CA ASP D 182 -34.25 20.43 10.34
C ASP D 182 -34.58 19.12 9.65
N PHE D 183 -34.43 18.00 10.35
CA PHE D 183 -34.72 16.71 9.75
C PHE D 183 -36.19 16.42 9.62
N GLU D 184 -37.00 17.14 10.40
CA GLU D 184 -38.44 16.99 10.34
C GLU D 184 -38.88 17.51 8.96
N VAL D 185 -38.35 18.68 8.60
CA VAL D 185 -38.65 19.27 7.31
C VAL D 185 -38.06 18.45 6.16
N ALA D 186 -36.80 18.02 6.30
CA ALA D 186 -36.12 17.28 5.24
C ALA D 186 -36.79 15.95 4.93
N VAL D 187 -37.19 15.21 5.96
CA VAL D 187 -37.86 13.94 5.75
C VAL D 187 -39.17 14.10 4.94
N GLU D 188 -39.89 15.20 5.14
CA GLU D 188 -41.10 15.43 4.38
C GLU D 188 -40.74 15.65 2.92
N GLN D 189 -39.72 16.46 2.67
CA GLN D 189 -39.33 16.73 1.30
C GLN D 189 -38.90 15.45 0.60
N ILE D 190 -38.12 14.63 1.30
CA ILE D 190 -37.65 13.38 0.73
C ILE D 190 -38.83 12.47 0.44
N LYS D 191 -39.83 12.51 1.33
CA LYS D 191 -41.02 11.68 1.15
C LYS D 191 -41.83 12.13 -0.07
N LYS D 192 -41.95 13.43 -0.29
CA LYS D 192 -42.67 13.96 -1.46
C LYS D 192 -41.98 13.46 -2.73
N GLY D 193 -40.66 13.52 -2.75
CA GLY D 193 -39.93 13.07 -3.93
C GLY D 193 -40.06 11.58 -4.13
N ALA D 194 -40.03 10.82 -3.03
CA ALA D 194 -40.15 9.37 -3.11
C ALA D 194 -41.51 8.94 -3.69
N GLU D 195 -42.57 9.61 -3.28
CA GLU D 195 -43.90 9.32 -3.80
C GLU D 195 -44.02 9.79 -5.24
N LYS D 196 -43.44 10.94 -5.55
CA LYS D 196 -43.46 11.43 -6.91
C LYS D 196 -42.83 10.41 -7.86
N ALA D 197 -41.88 9.61 -7.35
CA ALA D 197 -41.20 8.60 -8.16
C ALA D 197 -41.79 7.21 -7.97
N GLY D 198 -42.70 7.09 -7.01
CA GLY D 198 -43.35 5.82 -6.76
C GLY D 198 -42.50 4.81 -6.02
N ARG D 199 -41.46 5.26 -5.35
CA ARG D 199 -40.63 4.33 -4.62
C ARG D 199 -40.94 4.44 -3.15
N ASP D 200 -40.61 3.38 -2.42
CA ASP D 200 -40.80 3.33 -0.99
C ASP D 200 -39.80 4.29 -0.34
N PRO D 201 -40.29 5.34 0.33
CA PRO D 201 -39.38 6.30 0.96
C PRO D 201 -38.39 5.73 1.98
N SER D 202 -38.70 4.56 2.52
CA SER D 202 -37.78 3.99 3.50
C SER D 202 -36.61 3.30 2.81
N GLU D 203 -36.49 3.45 1.51
CA GLU D 203 -35.38 2.87 0.77
C GLU D 203 -34.18 3.80 0.93
N VAL D 204 -34.44 5.09 1.10
CA VAL D 204 -33.34 6.03 1.17
C VAL D 204 -32.71 6.19 2.54
N ASP D 205 -31.38 6.11 2.58
CA ASP D 205 -30.61 6.23 3.80
C ASP D 205 -30.52 7.71 4.19
N VAL D 206 -31.46 8.19 4.99
CA VAL D 206 -31.49 9.58 5.40
C VAL D 206 -30.40 9.77 6.41
N THR D 207 -29.35 10.51 6.03
CA THR D 207 -28.26 10.66 6.95
C THR D 207 -27.94 12.09 7.38
N ALA D 208 -27.59 12.24 8.65
CA ALA D 208 -27.24 13.52 9.23
C ALA D 208 -25.73 13.73 9.14
N TYR D 209 -25.31 14.63 8.27
CA TYR D 209 -23.90 14.95 8.07
C TYR D 209 -23.69 16.10 9.05
N ALA D 210 -23.48 15.75 10.30
CA ALA D 210 -23.40 16.74 11.36
C ALA D 210 -22.05 17.22 11.81
N CYS D 211 -22.03 18.41 12.41
CA CYS D 211 -20.83 18.93 13.00
C CYS D 211 -20.88 18.16 14.33
N PHE D 212 -19.82 17.41 14.62
CA PHE D 212 -19.83 16.53 15.78
C PHE D 212 -18.62 16.83 16.63
N SER D 213 -18.81 16.88 17.95
CA SER D 213 -17.69 17.10 18.86
C SER D 213 -17.99 16.40 20.19
N ILE D 214 -17.22 15.35 20.47
CA ILE D 214 -17.48 14.58 21.66
C ILE D 214 -16.23 14.52 22.56
N ASP D 215 -16.45 14.56 23.87
CA ASP D 215 -15.36 14.53 24.84
C ASP D 215 -15.95 14.34 26.24
N LYS D 216 -15.20 13.71 27.13
CA LYS D 216 -15.69 13.54 28.49
C LYS D 216 -15.92 14.91 29.12
N ASP D 217 -15.24 15.94 28.61
CA ASP D 217 -15.39 17.33 29.08
C ASP D 217 -16.17 18.13 28.04
N PRO D 218 -17.46 18.34 28.28
CA PRO D 218 -18.35 19.07 27.38
C PRO D 218 -17.88 20.42 26.91
N VAL D 219 -17.08 21.10 27.71
CA VAL D 219 -16.61 22.42 27.33
C VAL D 219 -15.44 22.36 26.31
N LYS D 220 -14.51 21.42 26.46
CA LYS D 220 -13.44 21.28 25.46
C LYS D 220 -14.09 20.81 24.17
N ALA D 221 -15.23 20.14 24.28
CA ALA D 221 -15.92 19.68 23.09
C ALA D 221 -16.53 20.85 22.33
N VAL D 222 -17.33 21.66 23.00
CA VAL D 222 -17.94 22.76 22.27
C VAL D 222 -16.91 23.73 21.67
N ASN D 223 -15.77 23.92 22.35
CA ASN D 223 -14.72 24.82 21.81
C ASN D 223 -14.14 24.26 20.53
N ALA D 224 -14.05 22.94 20.42
CA ALA D 224 -13.49 22.35 19.21
C ALA D 224 -14.39 22.55 17.99
N ALA D 225 -15.68 22.74 18.26
CA ALA D 225 -16.70 22.92 17.23
C ALA D 225 -16.94 24.35 16.76
N LYS D 226 -16.53 25.33 17.55
CA LYS D 226 -16.78 26.72 17.23
C LYS D 226 -16.40 27.12 15.79
N VAL D 227 -15.15 26.90 15.39
CA VAL D 227 -14.72 27.24 14.03
C VAL D 227 -15.59 26.59 12.94
N VAL D 228 -15.80 25.29 13.00
CA VAL D 228 -16.65 24.64 12.01
C VAL D 228 -18.03 25.32 12.02
N VAL D 229 -18.63 25.46 13.21
CA VAL D 229 -19.92 26.11 13.30
C VAL D 229 -19.92 27.53 12.68
N ALA D 230 -18.81 28.26 12.82
CA ALA D 230 -18.67 29.62 12.24
C ALA D 230 -18.86 29.53 10.73
N PHE D 231 -18.13 28.62 10.11
CA PHE D 231 -18.24 28.44 8.67
C PHE D 231 -19.65 27.96 8.28
N ILE D 232 -20.27 27.11 9.11
CA ILE D 232 -21.61 26.63 8.79
C ILE D 232 -22.57 27.82 8.79
N VAL D 233 -22.47 28.67 9.82
CA VAL D 233 -23.31 29.87 9.92
C VAL D 233 -23.12 30.86 8.75
N ALA D 234 -21.90 31.31 8.53
CA ALA D 234 -21.62 32.25 7.46
C ALA D 234 -22.05 31.72 6.09
N GLY D 235 -22.47 30.47 6.05
CA GLY D 235 -22.90 29.87 4.80
C GLY D 235 -24.36 29.47 4.78
N SER D 236 -25.06 29.67 5.89
CA SER D 236 -26.47 29.30 5.96
C SER D 236 -27.35 30.31 5.28
N PRO D 237 -28.35 29.84 4.52
CA PRO D 237 -29.26 30.78 3.86
C PRO D 237 -30.08 31.40 4.99
N ASP D 238 -30.55 32.62 4.81
CA ASP D 238 -31.29 33.24 5.90
C ASP D 238 -32.55 32.52 6.31
N LEU D 239 -33.10 31.72 5.41
CA LEU D 239 -34.28 30.94 5.74
C LEU D 239 -33.86 30.08 6.95
N VAL D 240 -32.68 29.47 6.85
CA VAL D 240 -32.15 28.61 7.91
C VAL D 240 -31.85 29.34 9.21
N LEU D 241 -30.98 30.35 9.12
CA LEU D 241 -30.61 31.11 10.30
C LEU D 241 -31.88 31.54 11.03
N GLU D 242 -32.83 32.06 10.27
CA GLU D 242 -34.09 32.49 10.86
C GLU D 242 -34.80 31.32 11.54
N ARG D 243 -34.73 30.13 10.93
CA ARG D 243 -35.35 28.91 11.51
C ARG D 243 -34.80 28.62 12.90
N HIS D 244 -33.56 29.04 13.14
CA HIS D 244 -32.96 28.80 14.45
C HIS D 244 -32.79 30.05 15.33
N GLY D 245 -33.63 31.06 15.10
CA GLY D 245 -33.60 32.28 15.89
C GLY D 245 -32.26 33.00 15.95
N ILE D 246 -31.48 32.85 14.90
CA ILE D 246 -30.18 33.48 14.85
C ILE D 246 -30.19 34.70 13.95
N PRO D 247 -29.87 35.87 14.52
CA PRO D 247 -29.82 37.16 13.81
C PRO D 247 -29.11 37.07 12.46
N VAL D 248 -29.85 37.32 11.38
CA VAL D 248 -29.28 37.24 10.04
C VAL D 248 -28.10 38.20 9.90
N GLU D 249 -27.83 38.95 10.97
CA GLU D 249 -26.73 39.89 11.01
C GLU D 249 -25.44 39.16 11.30
N ALA D 250 -25.54 38.20 12.23
CA ALA D 250 -24.41 37.40 12.68
C ALA D 250 -23.62 36.72 11.55
N LYS D 251 -24.18 36.67 10.35
CA LYS D 251 -23.47 36.03 9.24
C LYS D 251 -22.45 36.95 8.56
N SER D 252 -22.79 38.23 8.46
CA SER D 252 -21.90 39.21 7.85
C SER D 252 -20.82 39.48 8.88
N GLN D 253 -21.25 39.48 10.14
CA GLN D 253 -20.39 39.70 11.30
C GLN D 253 -19.31 38.60 11.30
N ILE D 254 -19.73 37.34 11.37
CA ILE D 254 -18.82 36.20 11.35
C ILE D 254 -18.03 36.14 10.05
N GLY D 255 -18.73 36.28 8.91
CA GLY D 255 -18.08 36.24 7.62
C GLY D 255 -16.93 37.23 7.49
N ALA D 256 -17.12 38.40 8.08
CA ALA D 256 -16.12 39.44 8.07
C ALA D 256 -14.87 38.95 8.80
N ALA D 257 -15.05 38.46 10.02
CA ALA D 257 -13.93 37.97 10.82
C ALA D 257 -13.17 36.85 10.14
N ILE D 258 -13.87 36.08 9.32
CA ILE D 258 -13.21 34.97 8.61
C ILE D 258 -12.31 35.55 7.52
N ALA D 259 -12.83 36.50 6.73
CA ALA D 259 -12.05 37.16 5.68
C ALA D 259 -10.77 37.79 6.28
N LYS D 260 -10.90 38.32 7.50
CA LYS D 260 -9.79 38.94 8.24
C LYS D 260 -8.83 37.92 8.83
N GLY D 261 -9.23 36.65 8.89
CA GLY D 261 -8.36 35.64 9.46
C GLY D 261 -8.43 35.77 10.98
N ASP D 262 -9.46 36.48 11.43
CA ASP D 262 -9.70 36.73 12.85
C ASP D 262 -10.37 35.53 13.53
N PHE D 263 -9.63 34.45 13.71
CA PHE D 263 -10.24 33.28 14.33
C PHE D 263 -10.37 33.44 15.83
N GLY D 264 -9.66 34.43 16.37
CA GLY D 264 -9.75 34.68 17.79
C GLY D 264 -11.18 35.16 18.00
N ALA D 265 -11.64 35.97 17.06
CA ALA D 265 -13.00 36.52 17.12
C ALA D 265 -14.04 35.39 17.22
N LEU D 266 -13.97 34.43 16.30
CA LEU D 266 -14.92 33.32 16.30
C LEU D 266 -14.92 32.57 17.63
N MET D 267 -13.72 32.36 18.17
CA MET D 267 -13.54 31.64 19.43
C MET D 267 -13.97 32.44 20.66
N GLY D 268 -13.91 33.75 20.55
CA GLY D 268 -14.25 34.55 21.70
C GLY D 268 -15.54 35.34 21.68
N GLY D 269 -16.58 34.83 21.02
CA GLY D 269 -17.82 35.58 21.03
C GLY D 269 -18.76 35.59 19.85
N LEU D 270 -18.26 35.72 18.63
CA LEU D 270 -19.12 35.73 17.46
C LEU D 270 -19.90 34.42 17.30
N VAL D 271 -19.32 33.30 17.72
CA VAL D 271 -20.04 32.05 17.62
C VAL D 271 -20.70 31.86 18.96
N THR D 272 -22.01 32.07 18.95
CA THR D 272 -22.86 32.03 20.14
C THR D 272 -23.31 30.62 20.48
N PRO D 273 -23.79 30.40 21.71
CA PRO D 273 -24.23 29.05 22.06
C PRO D 273 -25.51 28.68 21.32
N GLN D 274 -26.22 29.69 20.83
CA GLN D 274 -27.44 29.44 20.06
C GLN D 274 -26.99 28.75 18.79
N MET D 275 -25.90 29.27 18.20
CA MET D 275 -25.35 28.71 16.97
C MET D 275 -24.86 27.28 17.19
N ILE D 276 -24.26 27.00 18.34
CA ILE D 276 -23.75 25.65 18.64
C ILE D 276 -24.85 24.61 18.81
N GLU D 277 -25.94 25.00 19.45
CA GLU D 277 -27.11 24.14 19.66
C GLU D 277 -27.78 23.88 18.30
N ALA D 278 -27.92 24.96 17.52
CA ALA D 278 -28.54 24.92 16.20
C ALA D 278 -27.78 24.09 15.18
N PHE D 279 -26.47 24.27 15.11
CA PHE D 279 -25.70 23.61 14.09
C PHE D 279 -24.67 22.54 14.45
N SER D 280 -24.81 21.86 15.58
CA SER D 280 -23.86 20.78 15.88
C SER D 280 -24.31 19.87 16.98
N ILE D 281 -23.75 18.67 16.99
CA ILE D 281 -24.06 17.66 17.99
C ILE D 281 -22.82 17.53 18.86
N CYS D 282 -22.78 18.23 20.00
CA CYS D 282 -21.61 18.07 20.84
C CYS D 282 -21.81 18.20 22.33
N GLY D 283 -20.98 17.46 23.07
CA GLY D 283 -21.02 17.41 24.52
C GLY D 283 -20.38 16.09 24.93
N THR D 284 -20.89 15.45 25.98
CA THR D 284 -20.36 14.18 26.48
C THR D 284 -21.05 13.05 25.70
N PRO D 285 -20.61 11.79 25.91
CA PRO D 285 -21.30 10.73 25.16
C PRO D 285 -22.81 10.74 25.44
N ASP D 286 -23.23 11.04 26.67
CA ASP D 286 -24.68 11.05 26.99
C ASP D 286 -25.40 12.15 26.20
N ASP D 287 -24.83 13.34 26.20
CA ASP D 287 -25.44 14.42 25.44
C ASP D 287 -25.60 13.98 23.99
N CYS D 288 -24.54 13.46 23.40
CA CYS D 288 -24.59 13.02 22.03
C CYS D 288 -25.57 11.87 21.80
N MET D 289 -25.71 10.95 22.74
CA MET D 289 -26.64 9.83 22.57
C MET D 289 -28.07 10.35 22.50
N LYS D 290 -28.39 11.30 23.38
CA LYS D 290 -29.75 11.86 23.43
C LYS D 290 -30.13 12.48 22.10
N ARG D 291 -29.26 13.33 21.59
CA ARG D 291 -29.49 13.95 20.32
C ARG D 291 -29.64 12.90 19.22
N ILE D 292 -28.76 11.90 19.21
CA ILE D 292 -28.82 10.85 18.19
C ILE D 292 -30.15 10.10 18.22
N LYS D 293 -30.64 9.80 19.42
CA LYS D 293 -31.91 9.07 19.51
C LYS D 293 -33.08 9.96 19.09
N ASP D 294 -32.94 11.26 19.25
CA ASP D 294 -33.99 12.19 18.81
C ASP D 294 -34.05 12.11 17.29
N LEU D 295 -32.89 12.16 16.66
CA LEU D 295 -32.81 12.11 15.21
C LEU D 295 -33.35 10.79 14.70
N GLU D 296 -33.07 9.72 15.42
CA GLU D 296 -33.53 8.40 15.02
C GLU D 296 -35.07 8.36 14.97
N ALA D 297 -35.70 8.93 16.00
CA ALA D 297 -37.15 8.97 16.07
C ALA D 297 -37.78 9.79 14.95
N ILE D 298 -37.02 10.75 14.42
CA ILE D 298 -37.50 11.59 13.33
C ILE D 298 -37.32 10.89 11.98
N GLY D 299 -36.58 9.78 11.95
CA GLY D 299 -36.39 9.09 10.69
C GLY D 299 -34.97 9.05 10.14
N VAL D 300 -34.00 9.58 10.86
CA VAL D 300 -32.60 9.54 10.42
C VAL D 300 -32.09 8.09 10.56
N THR D 301 -31.46 7.56 9.51
CA THR D 301 -30.95 6.19 9.56
C THR D 301 -29.42 6.07 9.62
N GLN D 302 -28.69 7.16 9.32
CA GLN D 302 -27.23 7.16 9.43
C GLN D 302 -26.80 8.47 10.06
N ILE D 303 -25.89 8.39 11.02
CA ILE D 303 -25.38 9.60 11.63
C ILE D 303 -23.92 9.66 11.29
N VAL D 304 -23.48 10.76 10.69
CA VAL D 304 -22.08 10.93 10.36
C VAL D 304 -21.41 11.90 11.31
N ALA D 305 -20.30 11.48 11.91
CA ALA D 305 -19.56 12.39 12.78
C ALA D 305 -18.65 13.25 11.89
N GLY D 306 -19.12 14.46 11.58
CA GLY D 306 -18.35 15.39 10.77
C GLY D 306 -17.46 16.24 11.64
N SER D 307 -16.54 16.96 11.01
CA SER D 307 -15.60 17.85 11.70
C SER D 307 -16.25 18.68 12.80
N PRO D 308 -15.54 18.88 13.92
CA PRO D 308 -14.18 18.37 14.20
C PRO D 308 -14.09 16.93 14.69
N ILE D 309 -15.25 16.30 14.96
CA ILE D 309 -15.35 14.94 15.52
C ILE D 309 -15.14 15.01 17.04
N GLY D 310 -14.11 15.73 17.46
CA GLY D 310 -13.84 15.90 18.89
C GLY D 310 -12.59 16.72 19.08
N PRO D 311 -12.21 17.06 20.33
CA PRO D 311 -10.99 17.86 20.58
C PRO D 311 -9.77 17.21 19.93
N ALA D 312 -9.66 15.89 20.00
CA ALA D 312 -8.55 15.17 19.37
C ALA D 312 -9.20 13.98 18.65
N LYS D 313 -8.96 13.86 17.36
CA LYS D 313 -9.60 12.82 16.56
C LYS D 313 -9.50 11.37 17.02
N GLU D 314 -8.28 10.90 17.24
CA GLU D 314 -8.06 9.54 17.64
C GLU D 314 -8.85 9.17 18.88
N LYS D 315 -8.85 10.07 19.87
CA LYS D 315 -9.56 9.77 21.13
C LYS D 315 -11.07 9.86 20.91
N ALA D 316 -11.49 10.79 20.06
CA ALA D 316 -12.92 10.94 19.81
C ALA D 316 -13.49 9.74 19.05
N ILE D 317 -12.71 9.21 18.10
CA ILE D 317 -13.16 8.07 17.34
C ILE D 317 -13.36 6.89 18.28
N LYS D 318 -12.43 6.71 19.22
CA LYS D 318 -12.56 5.62 20.18
C LYS D 318 -13.75 5.84 21.15
N LEU D 319 -13.99 7.08 21.56
CA LEU D 319 -15.10 7.36 22.46
C LEU D 319 -16.41 7.01 21.80
N ILE D 320 -16.55 7.39 20.53
CA ILE D 320 -17.77 7.13 19.80
C ILE D 320 -17.98 5.62 19.65
N GLY D 321 -16.89 4.90 19.41
CA GLY D 321 -17.03 3.47 19.22
C GLY D 321 -17.47 2.76 20.47
N LYS D 322 -16.83 3.13 21.58
CA LYS D 322 -17.08 2.54 22.88
C LYS D 322 -18.37 3.00 23.56
N GLU D 323 -18.57 4.32 23.61
CA GLU D 323 -19.74 4.87 24.28
C GLU D 323 -20.95 5.21 23.43
N ILE D 324 -20.93 4.86 22.15
CA ILE D 324 -22.07 5.17 21.30
C ILE D 324 -22.40 4.07 20.32
N ILE D 325 -21.47 3.69 19.45
CA ILE D 325 -21.76 2.63 18.49
C ILE D 325 -22.09 1.34 19.22
N ALA D 326 -21.29 0.98 20.23
CA ALA D 326 -21.59 -0.22 21.03
C ALA D 326 -22.88 0.11 21.79
N LYS D 327 -23.70 0.97 21.14
CA LYS D 327 -25.00 1.53 21.58
C LYS D 327 -25.17 1.64 23.05
N1 F42 E . 6.88 -27.34 5.50
C2 F42 E . 7.51 -26.19 5.61
O2 F42 E . 8.51 -26.13 6.36
N3 F42 E . 7.04 -25.09 4.89
C4 F42 E . 5.95 -25.18 4.02
O4 F42 E . 5.52 -24.19 3.47
C4A F42 E . 5.33 -26.46 3.81
C5 F42 E . 4.00 -26.53 3.29
C5A F42 E . 3.17 -27.63 3.66
C6 F42 E . 1.76 -27.61 3.46
C7 F42 E . 0.94 -28.65 4.01
C8 F42 E . 1.49 -29.81 4.69
O8M F42 E . 0.82 -30.83 5.33
C9 F42 E . 2.90 -29.87 4.71
C9A F42 E . 3.77 -28.80 4.32
N10 F42 E . 5.13 -28.75 4.69
C10 F42 E . 5.85 -27.55 4.65
C1' F42 E . 5.87 -29.94 5.11
C2' F42 E . 5.71 -30.28 6.62
O2' F42 E . 6.10 -29.23 7.51
C3' F42 E . 6.18 -31.66 7.02
O3' F42 E . 7.62 -31.80 6.82
C4' F42 E . 5.32 -32.81 6.33
O4' F42 E . 3.92 -32.54 6.66
C5' F42 E . 5.74 -34.14 6.90
O5' F42 E . 5.46 -34.21 8.35
P F42 E . 4.69 -35.36 9.00
O1P F42 E . 3.31 -34.92 9.24
O2P F42 E . 4.98 -36.57 8.22
O3P F42 E . 5.37 -35.48 10.34
C1I F42 E . 6.69 -35.97 10.55
C2I F42 E . 7.42 -35.15 11.62
C3I F42 E . 6.63 -37.42 10.96
O3I F42 E . 7.27 -38.27 10.34
N1H F42 E . 5.72 -37.74 11.88
C1H F42 E . 5.31 -39.13 12.09
C2H F42 E . 3.81 -39.21 12.40
O2U F42 E . 3.31 -40.34 12.66
O2T F42 E . 3.15 -38.15 12.38
C3H F42 E . 6.12 -39.74 13.23
C4H F42 E . 5.89 -39.05 14.55
C5H F42 E . 7.12 -39.08 15.44
O5H F42 E . 7.23 -39.94 16.31
N1G F42 E . 7.83 -37.96 15.43
C1G F42 E . 8.57 -37.54 16.60
C2G F42 E . 9.56 -38.65 16.98
O2V F42 E . 9.77 -38.87 18.20
O2W F42 E . 10.33 -39.08 16.08
C3G F42 E . 7.58 -37.23 17.75
C4G F42 E . 8.23 -36.80 19.07
C5G F42 E . 7.22 -36.47 20.18
O6G F42 E . 6.15 -37.12 20.27
O7G F42 E . 7.51 -35.56 21.01
CL CL F . 6.64 3.59 -1.99
N1 F42 G . 17.31 -5.35 22.26
C2 F42 G . 16.54 -6.13 21.55
O2 F42 G . 16.55 -7.36 21.73
N3 F42 G . 15.72 -5.52 20.58
C4 F42 G . 15.64 -4.13 20.41
O4 F42 G . 14.88 -3.77 19.52
C4A F42 G . 16.47 -3.25 21.28
C5 F42 G . 16.82 -1.91 20.87
C5A F42 G . 18.20 -1.52 20.92
C6 F42 G . 18.73 -0.53 19.98
C7 F42 G . 20.15 -0.29 19.84
C8 F42 G . 21.10 -0.90 20.76
O8M F42 G . 22.37 -0.44 21.02
C9 F42 G . 20.57 -1.93 21.61
C9A F42 G . 19.17 -2.28 21.75
N10 F42 G . 18.67 -3.40 22.49
C10 F42 G . 17.43 -3.99 22.11
C1' F42 G . 19.46 -4.06 23.63
C2' F42 G . 20.68 -4.96 23.12
O2' F42 G . 20.40 -6.07 22.25
C3' F42 G . 21.76 -5.32 24.08
O3' F42 G . 21.20 -5.99 25.22
C4' F42 G . 22.58 -4.07 24.44
O4' F42 G . 23.31 -3.64 23.26
C5' F42 G . 23.49 -4.30 25.68
O5' F42 G . 24.34 -5.48 25.52
P F42 G . 25.88 -5.45 25.38
O1P F42 G . 26.27 -4.87 24.11
O2P F42 G . 26.38 -4.84 26.58
O3P F42 G . 26.21 -6.98 25.30
C1I F42 G . 26.25 -7.92 26.39
C2I F42 G . 26.01 -9.32 25.82
C3I F42 G . 27.57 -7.90 27.18
O3I F42 G . 27.56 -7.87 28.41
N1H F42 G . 28.70 -7.88 26.48
C1H F42 G . 29.99 -7.71 27.14
C2H F42 G . 30.94 -6.79 26.36
O2U F42 G . 32.16 -6.80 26.65
O2T F42 G . 30.45 -6.06 25.48
C3H F42 G . 30.65 -9.08 27.36
C4H F42 G . 30.22 -10.15 26.37
C5H F42 G . 31.09 -11.39 26.46
O5H F42 G . 32.15 -11.36 27.09
N1G F42 G . 30.75 -12.40 25.67
C1G F42 G . 30.28 -13.68 26.21
C2G F42 G . 30.08 -13.68 27.74
O2V F42 G . 29.68 -12.62 28.26
O2W F42 G . 29.86 -14.78 28.28
C3G F42 G . 31.25 -14.81 25.82
C4G F42 G . 31.02 -15.44 24.43
C5G F42 G . 32.11 -16.43 24.05
O6G F42 G . 33.25 -15.99 23.77
O7G F42 G . 31.84 -17.67 24.04
N1 F42 H . -4.84 12.09 -25.52
C2 F42 H . -5.67 11.78 -24.56
O2 F42 H . -6.76 12.38 -24.50
N3 F42 H . -5.23 10.76 -23.67
C4 F42 H . -3.93 10.16 -23.74
O4 F42 H . -3.51 9.56 -22.76
C4A F42 H . -3.19 10.32 -25.00
C5 F42 H . -1.86 9.81 -25.21
C5A F42 H . -0.94 10.70 -25.87
C6 F42 H . 0.47 10.63 -25.68
C7 F42 H . 1.40 11.56 -26.28
C8 F42 H . 0.92 12.64 -27.09
O8M F42 H . 1.70 13.28 -28.05
C9 F42 H . -0.48 12.91 -27.02
C9A F42 H . -1.42 11.90 -26.61
N10 F42 H . -2.80 12.01 -26.77
C10 F42 H . -3.65 11.45 -25.80
C1' F42 H . -3.42 12.61 -28.00
C2' F42 H . -3.54 14.18 -28.02
O2' F42 H . -4.01 14.85 -26.84
C3' F42 H . -3.87 14.93 -29.29
O3' F42 H . -5.02 14.34 -30.02
C4' F42 H . -2.59 14.83 -30.12
O4' F42 H . -1.41 15.35 -29.44
C5' F42 H . -2.83 15.54 -31.44
O5' F42 H . -3.00 16.91 -31.21
P F42 H . -2.20 17.89 -31.95
O1P F42 H . -0.89 17.92 -31.41
O2P F42 H . -2.38 17.61 -33.36
O3P F42 H . -2.90 19.12 -31.48
C1I F42 H . -4.19 19.43 -31.93
C2I F42 H . -4.93 20.28 -30.91
C3I F42 H . -4.13 20.15 -33.26
O3I F42 H . -4.73 19.69 -34.22
N1H F42 H . -3.25 21.15 -33.36
C1H F42 H . -2.87 21.71 -34.66
C2H F42 H . -1.41 22.16 -34.72
O2U F42 H . -0.96 22.66 -35.79
O2T F42 H . -0.71 22.01 -33.69
C3H F42 H . -3.80 22.88 -35.00
C4H F42 H . -3.86 23.98 -33.97
C5H F42 H . -4.79 25.10 -34.38
O5H F42 H . -4.37 26.24 -34.57
N1G F42 H . -6.09 24.82 -34.37
C1G F42 H . -6.93 25.15 -33.23
C2G F42 H . -8.06 26.09 -33.66
O2V F42 H . -7.70 27.13 -34.25
O2W F42 H . -9.19 25.56 -33.83
C3G F42 H . -6.08 25.77 -32.13
C4G F42 H . -6.85 26.43 -31.01
C5G F42 H . -6.83 27.93 -31.09
O6G F42 H . -7.20 28.47 -32.17
O7G F42 H . -6.46 28.59 -30.10
CL CL I . -7.09 -3.58 1.99
N1 F42 J . -19.73 20.50 -1.51
C2 F42 J . -18.57 20.42 -2.05
O2 F42 J . -18.36 21.09 -3.05
N3 F42 J . -17.59 19.58 -1.48
C4 F42 J . -17.88 18.87 -0.31
O4 F42 J . -17.11 17.97 -0.03
C4A F42 J . -19.04 19.24 0.50
C5 F42 J . -19.38 18.66 1.80
C5A F42 J . -20.82 18.37 1.89
C6 F42 J . -21.41 17.18 2.52
C7 F42 J . -22.86 17.00 2.62
C8 F42 J . -23.79 17.98 2.03
O8M F42 J . -25.17 18.07 2.07
C9 F42 J . -23.20 19.02 1.32
C9A F42 J . -21.80 19.23 1.13
N10 F42 J . -21.31 20.14 0.18
C10 F42 J . -20.02 19.98 -0.31
C1' F42 J . -22.07 21.36 -0.14
C2' F42 J . -23.08 21.10 -1.27
O2' F42 J . -22.35 20.72 -2.43
C3' F42 J . -24.18 22.10 -1.49
O3' F42 J . -23.60 23.40 -1.78
C4' F42 J . -25.17 22.16 -0.29
O4' F42 J . -25.82 20.87 -0.16
C5' F42 J . -26.21 23.26 -0.45
O5' F42 J . -26.87 23.01 -1.69
P F42 J . -28.38 22.83 -1.90
O1P F42 J . -28.76 21.46 -1.74
O2P F42 J . -28.99 23.86 -1.07
O3P F42 J . -28.50 23.15 -3.40
C1I F42 J . -28.45 24.51 -3.94
C2I F42 J . -27.90 24.51 -5.36
C3I F42 J . -29.84 25.14 -3.94
O3I F42 J . -29.95 26.33 -4.16
N1H F42 J . -30.86 24.30 -4.03
C1H F42 J . -32.25 24.75 -3.99
C2H F42 J . -33.12 23.76 -3.24
O2U F42 J . -34.34 24.03 -3.07
O2T F42 J . -32.57 22.73 -2.82
C3H F42 J . -32.80 24.91 -5.41
C4H F42 J . -31.96 25.81 -6.28
C5H F42 J . -32.58 26.03 -7.62
O5H F42 J . -33.71 25.62 -7.86
N1G F42 J . -31.84 26.71 -8.50
C1G F42 J . -31.70 26.28 -9.89
C2G F42 J . -32.74 26.96 -10.75
O2V F42 J . -33.93 26.57 -10.64
O2W F42 J . -32.34 27.66 -11.70
C3G F42 J . -31.85 24.75 -9.99
C4G F42 J . -31.42 24.15 -11.32
C5G F42 J . -32.54 24.03 -12.35
O6G F42 J . -33.11 25.07 -12.76
O7G F42 J . -32.84 22.88 -12.77
C2 1PG K . -9.50 22.93 4.04
C1 1PG K . -7.87 24.54 3.55
O1 1PG K . -8.18 23.42 4.17
O2 1PG K . -11.85 23.34 3.57
C3 1PG K . -10.62 23.68 3.16
C4 1PG K . -12.79 23.35 2.59
C5 1PG K . -14.20 22.92 3.18
O3 1PG K . -14.01 22.26 4.33
C6 1PG K . -15.13 21.83 4.93
C7 1PG K . -14.73 21.08 6.29
O4 1PG K . -14.29 21.99 7.22
C8 1PG K . -13.94 21.46 8.42
C9 1PG K . -12.68 22.16 9.02
O5 1PG K . -12.89 23.45 9.35
C10 1PG K . -11.77 24.24 9.25
C11 1PG K . -12.05 25.56 8.44
O6 1PG K . -11.04 25.93 7.63
#